data_2WGO
#
_entry.id   2WGO
#
_cell.length_a   1.000
_cell.length_b   1.000
_cell.length_c   1.000
_cell.angle_alpha   90.00
_cell.angle_beta   90.00
_cell.angle_gamma   90.00
#
_symmetry.space_group_name_H-M   'P 1'
#
_entity_poly.entity_id   1
_entity_poly.type   'polypeptide(L)'
_entity_poly.pdbx_seq_one_letter_code
;GSLILDGDLLKDKLKLPVIDNLFGKELLDKFQDDIKDKYGVDTKDLKILKTSEDKRFYYVSVDAGDGEKCKFKIRKDVDV
PKMVGRKCRKDDDDDDGY
;
_entity_poly.pdbx_strand_id   A
#
# COMPACT_ATOMS: atom_id res chain seq x y z
N GLY A 1 2.10 -12.14 2.30
CA GLY A 1 1.41 -12.46 1.03
C GLY A 1 0.37 -11.42 0.65
N SER A 2 -0.07 -11.46 -0.60
CA SER A 2 -1.05 -10.51 -1.09
C SER A 2 -2.45 -11.11 -1.13
N LEU A 3 -2.68 -12.01 -2.10
CA LEU A 3 -3.98 -12.68 -2.26
C LEU A 3 -5.09 -11.67 -2.55
N ILE A 4 -4.69 -10.44 -2.87
CA ILE A 4 -5.64 -9.34 -2.92
C ILE A 4 -6.25 -9.18 -4.32
N LEU A 5 -5.77 -9.98 -5.27
CA LEU A 5 -6.30 -9.98 -6.62
C LEU A 5 -5.68 -11.09 -7.44
N ASP A 6 -6.08 -12.31 -7.14
CA ASP A 6 -5.52 -13.52 -7.78
C ASP A 6 -5.48 -13.38 -9.29
N GLY A 7 -4.29 -13.13 -9.81
CA GLY A 7 -4.10 -13.05 -11.24
C GLY A 7 -4.78 -11.87 -11.88
N ASP A 8 -4.87 -10.76 -11.14
CA ASP A 8 -5.41 -9.51 -11.68
C ASP A 8 -6.82 -9.69 -12.24
N LEU A 9 -7.79 -9.77 -11.34
CA LEU A 9 -9.20 -9.85 -11.73
C LEU A 9 -9.91 -8.58 -11.33
N LEU A 10 -9.22 -7.45 -11.47
CA LEU A 10 -9.72 -6.17 -11.00
C LEU A 10 -10.87 -5.69 -11.87
N LYS A 11 -12.08 -5.87 -11.37
CA LYS A 11 -13.28 -5.39 -12.04
C LYS A 11 -13.81 -4.17 -11.31
N ASP A 12 -13.77 -4.24 -10.00
CA ASP A 12 -14.29 -3.17 -9.15
C ASP A 12 -13.22 -2.71 -8.18
N LYS A 13 -12.60 -1.59 -8.48
CA LYS A 13 -11.56 -1.06 -7.61
C LYS A 13 -12.06 0.13 -6.79
N LEU A 14 -12.08 1.30 -7.40
CA LEU A 14 -12.45 2.51 -6.71
C LEU A 14 -13.16 3.48 -7.65
N LYS A 15 -14.34 3.91 -7.25
CA LYS A 15 -15.07 4.93 -7.99
C LYS A 15 -15.35 6.10 -7.05
N LEU A 16 -14.70 6.05 -5.91
CA LEU A 16 -14.89 7.02 -4.86
C LEU A 16 -13.61 7.81 -4.62
N PRO A 17 -13.69 8.87 -3.80
CA PRO A 17 -12.51 9.58 -3.28
C PRO A 17 -11.60 8.67 -2.44
N VAL A 18 -10.81 9.30 -1.58
CA VAL A 18 -9.92 8.58 -0.67
C VAL A 18 -10.69 7.48 0.08
N ILE A 19 -10.15 6.28 -0.04
CA ILE A 19 -10.70 5.11 0.63
C ILE A 19 -10.46 5.24 2.13
N ASP A 20 -11.32 4.63 2.93
CA ASP A 20 -11.24 4.77 4.38
C ASP A 20 -9.89 4.27 4.88
N ASN A 21 -9.31 5.00 5.83
CA ASN A 21 -8.00 4.65 6.37
C ASN A 21 -8.04 3.28 7.02
N LEU A 22 -9.22 2.87 7.48
CA LEU A 22 -9.44 1.55 8.04
C LEU A 22 -9.05 0.48 7.01
N PHE A 23 -9.49 0.68 5.77
CA PHE A 23 -9.19 -0.26 4.70
C PHE A 23 -7.69 -0.33 4.45
N GLY A 24 -7.03 0.81 4.54
CA GLY A 24 -5.59 0.84 4.42
C GLY A 24 -4.92 0.19 5.60
N LYS A 25 -5.49 0.38 6.78
CA LYS A 25 -5.00 -0.23 8.00
C LYS A 25 -5.14 -1.75 7.91
N GLU A 26 -6.17 -2.20 7.19
CA GLU A 26 -6.37 -3.60 6.93
C GLU A 26 -5.30 -4.14 5.99
N LEU A 27 -5.05 -3.40 4.91
CA LEU A 27 -3.96 -3.71 4.00
C LEU A 27 -2.66 -3.85 4.78
N LEU A 28 -2.21 -2.74 5.37
CA LEU A 28 -1.00 -2.71 6.17
C LEU A 28 -1.01 -3.76 7.28
N ASP A 29 -2.18 -4.15 7.76
CA ASP A 29 -2.27 -5.18 8.80
C ASP A 29 -1.98 -6.56 8.22
N LYS A 30 -2.49 -6.81 7.03
CA LYS A 30 -2.31 -8.09 6.36
C LYS A 30 -0.94 -8.17 5.71
N PHE A 31 -0.46 -7.06 5.20
CA PHE A 31 0.84 -7.00 4.56
C PHE A 31 1.92 -6.61 5.56
N GLN A 32 1.51 -6.49 6.83
CA GLN A 32 2.40 -6.15 7.91
C GLN A 32 3.60 -7.08 7.93
N ASP A 33 3.35 -8.37 7.72
CA ASP A 33 4.41 -9.36 7.72
C ASP A 33 5.40 -9.08 6.59
N ASP A 34 4.90 -8.68 5.43
CA ASP A 34 5.76 -8.32 4.32
C ASP A 34 6.53 -7.06 4.65
N ILE A 35 5.81 -6.02 5.02
CA ILE A 35 6.39 -4.72 5.34
C ILE A 35 7.45 -4.84 6.43
N LYS A 36 7.22 -5.75 7.36
CA LYS A 36 8.12 -5.95 8.48
C LYS A 36 9.29 -6.84 8.06
N ASP A 37 8.99 -7.81 7.22
CA ASP A 37 10.02 -8.68 6.66
C ASP A 37 10.97 -7.88 5.79
N LYS A 38 10.41 -7.15 4.83
CA LYS A 38 11.20 -6.38 3.87
C LYS A 38 11.91 -5.21 4.55
N TYR A 39 11.14 -4.35 5.20
CA TYR A 39 11.67 -3.11 5.73
C TYR A 39 11.88 -3.17 7.24
N GLY A 40 10.96 -3.85 7.92
CA GLY A 40 10.99 -3.88 9.36
C GLY A 40 10.19 -2.75 9.96
N VAL A 41 8.89 -2.77 9.71
CA VAL A 41 8.02 -1.68 10.11
C VAL A 41 6.84 -2.19 10.95
N ASP A 42 6.29 -1.32 11.76
CA ASP A 42 5.06 -1.60 12.47
C ASP A 42 3.91 -0.83 11.82
N THR A 43 2.91 -1.54 11.33
CA THR A 43 1.82 -0.91 10.61
C THR A 43 0.73 -0.37 11.54
N LYS A 44 0.81 -0.75 12.80
CA LYS A 44 -0.15 -0.29 13.79
C LYS A 44 0.09 1.20 14.08
N ASP A 45 1.35 1.60 14.05
CA ASP A 45 1.71 3.00 14.28
C ASP A 45 1.40 3.85 13.05
N LEU A 46 1.56 3.25 11.87
CA LEU A 46 1.42 3.98 10.60
C LEU A 46 0.15 4.79 10.54
N LYS A 47 0.33 6.08 10.37
CA LYS A 47 -0.75 7.06 10.33
C LYS A 47 -1.19 7.27 8.89
N ILE A 48 -2.32 6.70 8.52
CA ILE A 48 -2.77 6.75 7.14
C ILE A 48 -3.38 8.10 6.79
N LEU A 49 -2.91 8.64 5.68
CA LEU A 49 -3.35 9.93 5.20
C LEU A 49 -4.38 9.75 4.10
N LYS A 50 -4.08 8.85 3.17
CA LYS A 50 -4.94 8.63 2.02
C LYS A 50 -4.81 7.18 1.54
N THR A 51 -5.86 6.41 1.72
CA THR A 51 -5.90 5.06 1.21
C THR A 51 -6.48 5.09 -0.20
N SER A 52 -5.72 4.60 -1.16
CA SER A 52 -6.18 4.57 -2.53
C SER A 52 -5.46 3.47 -3.31
N GLU A 53 -5.61 3.49 -4.62
CA GLU A 53 -4.91 2.56 -5.49
C GLU A 53 -5.08 3.00 -6.94
N ASP A 54 -4.36 2.39 -7.85
CA ASP A 54 -4.46 2.77 -9.26
C ASP A 54 -4.98 1.62 -10.10
N LYS A 55 -4.11 0.70 -10.47
CA LYS A 55 -4.55 -0.48 -11.20
C LYS A 55 -4.09 -1.76 -10.51
N ARG A 56 -2.90 -2.22 -10.84
CA ARG A 56 -2.42 -3.48 -10.30
C ARG A 56 -1.62 -3.25 -9.03
N PHE A 57 -1.91 -2.14 -8.37
CA PHE A 57 -1.18 -1.71 -7.19
C PHE A 57 -2.11 -0.98 -6.24
N TYR A 58 -1.91 -1.16 -4.94
CA TYR A 58 -2.53 -0.32 -3.93
C TYR A 58 -1.59 0.81 -3.58
N TYR A 59 -2.14 1.93 -3.15
CA TYR A 59 -1.33 3.08 -2.78
C TYR A 59 -1.88 3.74 -1.51
N VAL A 60 -1.26 3.42 -0.40
CA VAL A 60 -1.70 3.92 0.90
C VAL A 60 -0.73 4.96 1.45
N SER A 61 -1.06 6.23 1.26
CA SER A 61 -0.26 7.32 1.80
C SER A 61 -0.33 7.31 3.32
N VAL A 62 0.82 7.19 3.97
CA VAL A 62 0.89 7.17 5.42
C VAL A 62 2.03 8.02 5.93
N ASP A 63 1.86 8.55 7.13
CA ASP A 63 2.94 9.21 7.83
C ASP A 63 3.69 8.14 8.62
N ALA A 64 4.93 7.92 8.27
CA ALA A 64 5.71 6.83 8.85
C ALA A 64 6.19 7.16 10.26
N GLY A 65 5.90 8.37 10.72
CA GLY A 65 6.39 8.82 12.02
C GLY A 65 7.84 9.28 11.93
N ASP A 66 8.47 8.91 10.83
CA ASP A 66 9.87 9.23 10.58
C ASP A 66 9.99 10.58 9.87
N GLY A 67 8.83 11.17 9.58
CA GLY A 67 8.79 12.42 8.85
C GLY A 67 8.46 12.19 7.39
N GLU A 68 8.57 10.95 6.97
CA GLU A 68 8.28 10.57 5.60
C GLU A 68 6.81 10.18 5.45
N LYS A 69 6.23 10.58 4.34
CA LYS A 69 4.85 10.26 4.03
C LYS A 69 4.80 9.35 2.81
N CYS A 70 4.93 8.07 3.07
CA CYS A 70 5.07 7.08 2.02
C CYS A 70 3.72 6.57 1.58
N LYS A 71 3.58 6.34 0.31
CA LYS A 71 2.34 5.83 -0.25
C LYS A 71 2.51 4.34 -0.55
N PHE A 72 2.23 3.51 0.45
CA PHE A 72 2.48 2.06 0.37
C PHE A 72 1.95 1.47 -0.92
N LYS A 73 2.86 0.84 -1.66
CA LYS A 73 2.55 0.33 -2.98
C LYS A 73 2.39 -1.18 -2.92
N ILE A 74 1.18 -1.58 -2.64
CA ILE A 74 0.86 -2.99 -2.55
C ILE A 74 0.49 -3.52 -3.92
N ARG A 75 1.50 -3.99 -4.64
CA ARG A 75 1.27 -4.67 -5.90
C ARG A 75 0.28 -5.78 -5.64
N LYS A 76 -0.88 -5.67 -6.24
CA LYS A 76 -1.91 -6.66 -6.02
C LYS A 76 -1.42 -8.02 -6.49
N ASP A 77 -2.18 -9.06 -6.16
CA ASP A 77 -1.80 -10.44 -6.51
C ASP A 77 -1.98 -10.67 -8.01
N VAL A 78 -1.77 -9.61 -8.78
CA VAL A 78 -1.99 -9.58 -10.22
C VAL A 78 -0.88 -10.29 -10.96
N ASP A 79 0.12 -10.66 -10.21
CA ASP A 79 1.41 -11.07 -10.78
C ASP A 79 2.29 -11.62 -9.67
N VAL A 80 2.43 -10.85 -8.60
CA VAL A 80 3.21 -11.27 -7.44
C VAL A 80 2.28 -11.60 -6.28
N PRO A 81 2.70 -12.54 -5.44
CA PRO A 81 1.93 -12.96 -4.27
C PRO A 81 2.20 -12.11 -3.02
N LYS A 82 2.59 -10.86 -3.21
CA LYS A 82 2.94 -10.01 -2.07
C LYS A 82 2.87 -8.54 -2.46
N MET A 83 3.19 -7.68 -1.51
CA MET A 83 3.32 -6.26 -1.80
C MET A 83 4.70 -6.00 -2.36
N VAL A 84 4.77 -5.27 -3.45
CA VAL A 84 6.03 -5.05 -4.14
C VAL A 84 6.88 -3.97 -3.48
N GLY A 85 6.25 -2.90 -3.01
CA GLY A 85 6.99 -1.77 -2.52
C GLY A 85 6.14 -0.78 -1.78
N ARG A 86 6.46 0.49 -1.97
CA ARG A 86 5.83 1.57 -1.24
C ARG A 86 6.30 2.90 -1.82
N LYS A 87 5.39 3.64 -2.41
CA LYS A 87 5.74 4.85 -3.12
C LYS A 87 5.93 6.01 -2.16
N CYS A 88 7.11 6.05 -1.56
CA CYS A 88 7.47 7.11 -0.62
C CYS A 88 7.79 8.39 -1.36
N ARG A 89 8.53 9.29 -0.69
CA ARG A 89 9.02 10.51 -1.28
C ARG A 89 7.88 11.53 -1.38
N LYS A 90 7.84 12.39 -0.39
CA LYS A 90 6.69 13.25 -0.14
C LYS A 90 6.46 14.27 -1.25
N ASP A 91 7.31 15.28 -1.29
CA ASP A 91 7.09 16.44 -2.15
C ASP A 91 7.37 16.13 -3.62
N ASP A 92 8.55 15.64 -3.91
CA ASP A 92 8.94 15.40 -5.28
C ASP A 92 9.55 14.02 -5.46
N ASP A 93 8.85 13.16 -6.18
CA ASP A 93 9.37 11.83 -6.49
C ASP A 93 9.82 11.76 -7.94
N ASP A 94 10.43 10.65 -8.31
CA ASP A 94 10.97 10.47 -9.66
C ASP A 94 10.71 9.05 -10.15
N ASP A 95 11.07 8.08 -9.32
CA ASP A 95 10.78 6.67 -9.58
C ASP A 95 9.29 6.49 -9.83
N ASP A 96 8.94 5.82 -10.91
CA ASP A 96 7.54 5.53 -11.18
C ASP A 96 7.14 4.27 -10.43
N GLY A 97 7.94 3.23 -10.63
CA GLY A 97 7.81 2.03 -9.83
C GLY A 97 8.57 2.19 -8.54
N TYR A 98 8.66 1.14 -7.74
CA TYR A 98 9.34 1.26 -6.46
C TYR A 98 9.58 -0.13 -5.88
N GLY A 1 1.27 -11.18 5.13
CA GLY A 1 0.15 -11.83 4.42
C GLY A 1 -0.48 -10.92 3.40
N SER A 2 0.31 -10.51 2.42
CA SER A 2 -0.19 -9.68 1.34
C SER A 2 -1.07 -10.53 0.42
N LEU A 3 -2.36 -10.24 0.38
CA LEU A 3 -3.28 -10.99 -0.45
C LEU A 3 -4.51 -10.19 -0.79
N ILE A 4 -4.90 -10.27 -2.07
CA ILE A 4 -6.12 -9.67 -2.56
C ILE A 4 -6.11 -9.68 -4.09
N LEU A 5 -7.24 -10.06 -4.69
CA LEU A 5 -7.39 -10.16 -6.16
C LEU A 5 -6.84 -11.47 -6.71
N ASP A 6 -5.94 -12.11 -5.96
CA ASP A 6 -5.47 -13.46 -6.28
C ASP A 6 -4.75 -13.52 -7.62
N GLY A 7 -4.27 -12.38 -8.09
CA GLY A 7 -3.64 -12.32 -9.40
C GLY A 7 -4.64 -12.28 -10.52
N ASP A 8 -5.90 -12.32 -10.15
CA ASP A 8 -6.99 -12.35 -11.13
C ASP A 8 -7.40 -10.94 -11.51
N LEU A 9 -6.90 -9.97 -10.75
CA LEU A 9 -7.11 -8.56 -11.06
C LEU A 9 -8.56 -8.17 -10.82
N LEU A 10 -9.17 -8.84 -9.84
CA LEU A 10 -10.54 -8.57 -9.44
C LEU A 10 -10.72 -7.14 -8.95
N LYS A 11 -11.12 -6.27 -9.86
CA LYS A 11 -11.34 -4.88 -9.55
C LYS A 11 -12.83 -4.60 -9.36
N ASP A 12 -13.34 -5.09 -8.24
CA ASP A 12 -14.75 -4.93 -7.89
C ASP A 12 -15.04 -3.48 -7.56
N LYS A 13 -14.05 -2.80 -7.03
CA LYS A 13 -14.14 -1.41 -6.69
C LYS A 13 -12.88 -0.71 -7.16
N LEU A 14 -13.03 0.52 -7.60
CA LEU A 14 -11.92 1.26 -8.17
C LEU A 14 -12.29 2.72 -8.31
N LYS A 15 -11.30 3.58 -8.54
CA LYS A 15 -11.53 5.01 -8.79
C LYS A 15 -12.12 5.68 -7.56
N LEU A 16 -11.94 5.02 -6.42
CA LEU A 16 -12.50 5.46 -5.17
C LEU A 16 -11.78 6.70 -4.64
N PRO A 17 -12.45 7.50 -3.82
CA PRO A 17 -11.80 8.59 -3.07
C PRO A 17 -10.81 8.03 -2.05
N VAL A 18 -10.29 8.87 -1.19
CA VAL A 18 -9.41 8.39 -0.15
C VAL A 18 -10.19 7.49 0.80
N ILE A 19 -9.73 6.27 0.93
CA ILE A 19 -10.36 5.30 1.78
C ILE A 19 -9.54 5.08 3.04
N ASP A 20 -10.04 4.20 3.87
CA ASP A 20 -9.45 3.86 5.16
C ASP A 20 -10.38 2.86 5.80
N ASN A 21 -11.67 3.07 5.52
CA ASN A 21 -12.78 2.24 5.95
C ASN A 21 -12.47 0.75 5.88
N LEU A 22 -11.85 0.22 6.94
CA LEU A 22 -11.35 -1.15 6.98
C LEU A 22 -10.84 -1.61 5.63
N PHE A 23 -10.10 -0.74 4.98
CA PHE A 23 -9.56 -1.02 3.67
C PHE A 23 -8.06 -0.80 3.68
N GLY A 24 -7.64 0.45 3.85
CA GLY A 24 -6.23 0.75 3.95
C GLY A 24 -5.60 0.11 5.17
N LYS A 25 -6.24 0.32 6.32
CA LYS A 25 -5.78 -0.27 7.56
C LYS A 25 -5.69 -1.78 7.45
N GLU A 26 -6.63 -2.37 6.70
CA GLU A 26 -6.63 -3.79 6.46
C GLU A 26 -5.42 -4.20 5.63
N LEU A 27 -5.21 -3.49 4.52
CA LEU A 27 -4.08 -3.75 3.63
C LEU A 27 -2.80 -3.88 4.43
N LEU A 28 -2.40 -2.78 5.03
CA LEU A 28 -1.12 -2.69 5.70
C LEU A 28 -1.00 -3.70 6.82
N ASP A 29 -2.08 -3.93 7.55
CA ASP A 29 -2.06 -4.86 8.67
C ASP A 29 -1.83 -6.29 8.18
N LYS A 30 -2.35 -6.61 7.00
CA LYS A 30 -2.11 -7.91 6.38
C LYS A 30 -0.72 -7.95 5.75
N PHE A 31 -0.41 -6.88 5.03
CA PHE A 31 0.85 -6.75 4.30
C PHE A 31 2.03 -6.56 5.25
N GLN A 32 1.73 -6.34 6.53
CA GLN A 32 2.72 -6.06 7.53
C GLN A 32 3.81 -7.12 7.54
N ASP A 33 3.41 -8.40 7.53
CA ASP A 33 4.39 -9.49 7.57
C ASP A 33 5.40 -9.35 6.45
N ASP A 34 4.92 -8.95 5.29
CA ASP A 34 5.75 -8.81 4.12
C ASP A 34 6.58 -7.54 4.19
N ILE A 35 5.96 -6.45 4.59
CA ILE A 35 6.66 -5.17 4.77
C ILE A 35 7.70 -5.29 5.87
N LYS A 36 7.40 -6.10 6.86
CA LYS A 36 8.26 -6.31 8.01
C LYS A 36 9.35 -7.30 7.66
N ASP A 37 9.03 -8.18 6.74
CA ASP A 37 10.02 -9.09 6.17
C ASP A 37 11.00 -8.32 5.30
N LYS A 38 10.44 -7.52 4.38
CA LYS A 38 11.24 -6.73 3.47
C LYS A 38 12.04 -5.64 4.18
N TYR A 39 11.37 -4.86 5.02
CA TYR A 39 11.99 -3.69 5.62
C TYR A 39 12.05 -3.81 7.14
N GLY A 40 11.03 -4.38 7.73
CA GLY A 40 10.95 -4.47 9.18
C GLY A 40 10.16 -3.32 9.78
N VAL A 41 8.88 -3.26 9.43
CA VAL A 41 8.04 -2.14 9.82
C VAL A 41 6.77 -2.61 10.53
N ASP A 42 6.27 -1.77 11.42
CA ASP A 42 4.94 -1.95 12.02
C ASP A 42 3.96 -1.04 11.29
N THR A 43 2.86 -1.59 10.82
CA THR A 43 1.97 -0.86 9.93
C THR A 43 0.95 -0.01 10.68
N LYS A 44 0.85 -0.17 11.98
CA LYS A 44 -0.05 0.65 12.76
C LYS A 44 0.71 1.87 13.29
N ASP A 45 2.01 1.83 13.11
CA ASP A 45 2.87 2.96 13.45
C ASP A 45 2.73 3.98 12.35
N LEU A 46 2.45 3.46 11.19
CA LEU A 46 2.27 4.23 9.98
C LEU A 46 0.89 4.89 9.96
N LYS A 47 0.86 6.20 10.11
CA LYS A 47 -0.39 6.94 10.01
C LYS A 47 -0.82 6.99 8.57
N ILE A 48 -1.91 6.32 8.24
CA ILE A 48 -2.40 6.32 6.88
C ILE A 48 -3.06 7.65 6.55
N LEU A 49 -2.40 8.40 5.67
CA LEU A 49 -2.84 9.71 5.28
C LEU A 49 -3.85 9.62 4.15
N LYS A 50 -3.62 8.64 3.28
CA LYS A 50 -4.44 8.47 2.10
C LYS A 50 -4.35 7.04 1.60
N THR A 51 -5.48 6.36 1.59
CA THR A 51 -5.57 5.09 0.90
C THR A 51 -6.38 5.28 -0.38
N SER A 52 -5.81 4.89 -1.50
CA SER A 52 -6.53 4.93 -2.77
C SER A 52 -5.93 3.91 -3.72
N GLU A 53 -6.58 3.68 -4.85
CA GLU A 53 -6.08 2.70 -5.80
C GLU A 53 -6.23 3.18 -7.23
N ASP A 54 -5.71 2.37 -8.14
CA ASP A 54 -5.75 2.65 -9.56
C ASP A 54 -5.72 1.31 -10.29
N LYS A 55 -5.39 1.32 -11.58
CA LYS A 55 -5.30 0.09 -12.34
C LYS A 55 -4.28 -0.86 -11.72
N ARG A 56 -4.79 -1.88 -11.02
CA ARG A 56 -3.97 -2.95 -10.44
C ARG A 56 -3.26 -2.51 -9.16
N PHE A 57 -3.09 -1.21 -8.96
CA PHE A 57 -2.27 -0.71 -7.86
C PHE A 57 -3.10 -0.09 -6.73
N TYR A 58 -2.65 -0.34 -5.51
CA TYR A 58 -3.10 0.38 -4.32
C TYR A 58 -1.97 1.25 -3.84
N TYR A 59 -2.28 2.44 -3.35
CA TYR A 59 -1.27 3.32 -2.82
C TYR A 59 -1.70 3.89 -1.49
N VAL A 60 -0.97 3.51 -0.44
CA VAL A 60 -1.27 3.96 0.90
C VAL A 60 -0.22 4.96 1.39
N SER A 61 -0.55 6.24 1.29
CA SER A 61 0.33 7.28 1.76
C SER A 61 0.28 7.31 3.29
N VAL A 62 1.45 7.28 3.92
CA VAL A 62 1.51 7.23 5.38
C VAL A 62 2.61 8.15 5.90
N ASP A 63 2.47 8.56 7.15
CA ASP A 63 3.54 9.25 7.85
C ASP A 63 4.23 8.25 8.76
N ALA A 64 5.46 7.91 8.42
CA ALA A 64 6.18 6.87 9.13
C ALA A 64 6.92 7.41 10.35
N GLY A 65 6.78 8.71 10.61
CA GLY A 65 7.45 9.29 11.75
C GLY A 65 6.94 10.68 12.06
N ASP A 66 7.81 11.65 11.86
CA ASP A 66 7.43 13.04 12.04
C ASP A 66 7.55 13.76 10.71
N GLY A 67 6.56 13.57 9.88
CA GLY A 67 6.56 14.19 8.57
C GLY A 67 7.24 13.32 7.56
N GLU A 68 7.62 12.13 8.01
CA GLU A 68 8.31 11.17 7.17
C GLU A 68 7.29 10.46 6.29
N LYS A 69 6.97 11.14 5.22
CA LYS A 69 5.88 10.75 4.37
C LYS A 69 6.29 9.67 3.38
N CYS A 70 5.42 8.68 3.26
CA CYS A 70 5.65 7.54 2.41
C CYS A 70 4.36 7.20 1.69
N LYS A 71 4.45 6.32 0.71
CA LYS A 71 3.27 5.83 0.02
C LYS A 71 3.50 4.38 -0.38
N PHE A 72 2.77 3.49 0.25
CA PHE A 72 2.93 2.06 0.02
C PHE A 72 2.43 1.69 -1.37
N LYS A 73 3.34 1.11 -2.13
CA LYS A 73 3.06 0.68 -3.48
C LYS A 73 2.51 -0.74 -3.45
N ILE A 74 1.29 -0.86 -2.98
CA ILE A 74 0.63 -2.14 -2.89
C ILE A 74 0.07 -2.51 -4.25
N ARG A 75 0.86 -3.25 -5.02
CA ARG A 75 0.45 -3.68 -6.35
C ARG A 75 -0.62 -4.75 -6.25
N LYS A 76 -1.10 -4.95 -5.02
CA LYS A 76 -2.07 -5.98 -4.68
C LYS A 76 -1.47 -7.36 -4.88
N ASP A 77 -2.19 -8.38 -4.46
CA ASP A 77 -1.78 -9.74 -4.77
C ASP A 77 -2.14 -10.06 -6.20
N VAL A 78 -1.21 -9.73 -7.08
CA VAL A 78 -1.34 -10.04 -8.47
C VAL A 78 -0.26 -11.03 -8.87
N ASP A 79 -0.66 -12.28 -8.96
CA ASP A 79 0.23 -13.38 -9.31
C ASP A 79 1.07 -13.78 -8.11
N VAL A 80 1.84 -12.83 -7.61
CA VAL A 80 2.55 -13.01 -6.35
C VAL A 80 1.82 -12.23 -5.26
N PRO A 81 1.83 -12.75 -4.04
CA PRO A 81 1.08 -12.17 -2.93
C PRO A 81 1.67 -10.87 -2.41
N LYS A 82 2.94 -10.89 -2.06
CA LYS A 82 3.57 -9.80 -1.32
C LYS A 82 3.62 -8.52 -2.14
N MET A 83 3.65 -7.40 -1.42
CA MET A 83 3.64 -6.09 -2.04
C MET A 83 4.91 -5.86 -2.86
N VAL A 84 4.77 -5.12 -3.95
CA VAL A 84 5.86 -4.92 -4.90
C VAL A 84 6.83 -3.83 -4.43
N GLY A 85 6.31 -2.73 -3.89
CA GLY A 85 7.15 -1.60 -3.58
C GLY A 85 6.67 -0.80 -2.38
N ARG A 86 7.56 -0.02 -1.85
CA ARG A 86 7.28 0.85 -0.72
C ARG A 86 8.16 2.08 -0.83
N LYS A 87 7.64 3.11 -1.46
CA LYS A 87 8.45 4.27 -1.76
C LYS A 87 8.11 5.42 -0.83
N CYS A 88 9.05 5.74 0.04
CA CYS A 88 8.91 6.87 0.93
C CYS A 88 9.77 7.99 0.39
N ARG A 89 9.17 9.14 0.15
CA ARG A 89 9.86 10.17 -0.62
C ARG A 89 10.68 11.06 0.32
N LYS A 90 10.71 10.65 1.58
CA LYS A 90 11.62 11.21 2.56
C LYS A 90 12.90 10.37 2.55
N ASP A 91 12.92 9.38 1.67
CA ASP A 91 14.06 8.49 1.53
C ASP A 91 14.52 8.45 0.08
N ASP A 92 13.60 8.18 -0.83
CA ASP A 92 13.91 8.08 -2.26
C ASP A 92 12.61 8.08 -3.08
N ASP A 93 12.64 8.71 -4.25
CA ASP A 93 11.50 8.69 -5.16
C ASP A 93 11.85 7.92 -6.41
N ASP A 94 10.97 7.01 -6.82
CA ASP A 94 11.20 6.15 -7.96
C ASP A 94 10.07 6.29 -8.97
N ASP A 95 10.38 6.13 -10.24
CA ASP A 95 9.42 6.36 -11.32
C ASP A 95 8.74 5.06 -11.75
N ASP A 96 9.19 3.93 -11.22
CA ASP A 96 8.56 2.65 -11.55
C ASP A 96 7.19 2.57 -10.89
N GLY A 97 6.14 2.74 -11.69
CA GLY A 97 4.80 2.78 -11.15
C GLY A 97 4.65 3.86 -10.10
N TYR A 98 4.32 3.43 -8.88
CA TYR A 98 4.22 4.32 -7.72
C TYR A 98 3.24 5.48 -8.01
N GLY A 1 -0.26 -11.55 3.37
CA GLY A 1 -0.14 -11.44 1.90
C GLY A 1 -1.39 -10.86 1.26
N SER A 2 -1.36 -10.69 -0.05
CA SER A 2 -2.51 -10.20 -0.78
C SER A 2 -3.38 -11.38 -1.20
N LEU A 3 -4.50 -11.13 -1.85
CA LEU A 3 -5.36 -12.21 -2.30
C LEU A 3 -6.40 -11.71 -3.30
N ILE A 4 -6.11 -10.58 -3.93
CA ILE A 4 -6.99 -10.05 -4.95
C ILE A 4 -6.42 -10.37 -6.33
N LEU A 5 -7.07 -11.30 -7.03
CA LEU A 5 -6.54 -11.78 -8.30
C LEU A 5 -7.51 -11.56 -9.44
N ASP A 6 -8.23 -12.61 -9.83
CA ASP A 6 -9.04 -12.62 -11.05
C ASP A 6 -8.13 -12.61 -12.27
N GLY A 7 -6.83 -12.81 -12.04
CA GLY A 7 -5.85 -12.81 -13.11
C GLY A 7 -5.64 -11.44 -13.68
N ASP A 8 -4.59 -10.73 -13.23
CA ASP A 8 -4.28 -9.38 -13.71
C ASP A 8 -5.30 -8.37 -13.14
N LEU A 9 -6.25 -8.91 -12.39
CA LEU A 9 -7.13 -8.14 -11.53
C LEU A 9 -8.21 -7.38 -12.27
N LEU A 10 -9.11 -6.81 -11.47
CA LEU A 10 -10.14 -5.91 -11.94
C LEU A 10 -9.55 -4.52 -12.17
N LYS A 11 -8.22 -4.42 -11.97
CA LYS A 11 -7.47 -3.18 -12.14
C LYS A 11 -7.77 -2.25 -10.98
N ASP A 12 -8.95 -1.67 -10.98
CA ASP A 12 -9.42 -0.86 -9.87
C ASP A 12 -10.92 -1.04 -9.73
N LYS A 13 -11.36 -1.22 -8.50
CA LYS A 13 -12.79 -1.33 -8.22
C LYS A 13 -13.19 -0.40 -7.09
N LEU A 14 -12.32 0.56 -6.79
CA LEU A 14 -12.60 1.54 -5.74
C LEU A 14 -12.04 2.91 -6.12
N LYS A 15 -12.88 3.73 -6.73
CA LYS A 15 -12.51 5.10 -7.08
C LYS A 15 -12.97 6.07 -6.00
N LEU A 16 -12.90 5.65 -4.75
CA LEU A 16 -13.34 6.48 -3.65
C LEU A 16 -12.27 7.50 -3.31
N PRO A 17 -12.64 8.79 -3.24
CA PRO A 17 -11.74 9.86 -2.83
C PRO A 17 -11.30 9.67 -1.39
N VAL A 18 -10.00 9.44 -1.19
CA VAL A 18 -9.43 9.00 0.08
C VAL A 18 -10.30 7.94 0.76
N ILE A 19 -9.90 6.71 0.53
CA ILE A 19 -10.61 5.55 1.02
C ILE A 19 -10.34 5.42 2.53
N ASP A 20 -11.26 4.75 3.24
CA ASP A 20 -11.17 4.60 4.70
C ASP A 20 -9.77 4.23 5.15
N ASN A 21 -9.30 4.93 6.19
CA ASN A 21 -8.00 4.64 6.78
C ASN A 21 -8.00 3.24 7.37
N LEU A 22 -9.17 2.78 7.79
CA LEU A 22 -9.35 1.43 8.28
C LEU A 22 -9.18 0.41 7.15
N PHE A 23 -9.71 0.73 5.98
CA PHE A 23 -9.55 -0.13 4.81
C PHE A 23 -8.07 -0.23 4.46
N GLY A 24 -7.36 0.87 4.65
CA GLY A 24 -5.93 0.86 4.49
C GLY A 24 -5.27 0.01 5.55
N LYS A 25 -5.64 0.25 6.81
CA LYS A 25 -5.12 -0.51 7.93
C LYS A 25 -5.31 -2.01 7.71
N GLU A 26 -6.41 -2.36 7.07
CA GLU A 26 -6.68 -3.73 6.68
C GLU A 26 -5.61 -4.24 5.73
N LEU A 27 -5.39 -3.52 4.63
CA LEU A 27 -4.34 -3.84 3.67
C LEU A 27 -3.00 -4.00 4.38
N LEU A 28 -2.55 -2.89 4.97
CA LEU A 28 -1.22 -2.79 5.55
C LEU A 28 -0.98 -3.86 6.59
N ASP A 29 -2.01 -4.21 7.33
CA ASP A 29 -1.91 -5.25 8.35
C ASP A 29 -1.63 -6.62 7.72
N LYS A 30 -2.22 -6.87 6.55
CA LYS A 30 -2.09 -8.14 5.85
C LYS A 30 -0.68 -8.31 5.30
N PHE A 31 -0.07 -7.22 4.88
CA PHE A 31 1.25 -7.27 4.25
C PHE A 31 2.34 -6.88 5.23
N GLN A 32 1.93 -6.53 6.45
CA GLN A 32 2.83 -5.93 7.43
C GLN A 32 4.02 -6.84 7.73
N ASP A 33 3.81 -8.14 7.64
CA ASP A 33 4.87 -9.10 7.92
C ASP A 33 6.02 -8.94 6.94
N ASP A 34 5.69 -8.68 5.69
CA ASP A 34 6.70 -8.49 4.66
C ASP A 34 7.20 -7.06 4.66
N ILE A 35 6.32 -6.15 5.05
CA ILE A 35 6.69 -4.76 5.23
C ILE A 35 7.72 -4.64 6.36
N LYS A 36 7.59 -5.53 7.33
CA LYS A 36 8.46 -5.56 8.48
C LYS A 36 9.68 -6.41 8.19
N ASP A 37 9.46 -7.51 7.49
CA ASP A 37 10.54 -8.40 7.06
C ASP A 37 11.54 -7.65 6.19
N LYS A 38 11.03 -6.88 5.24
CA LYS A 38 11.89 -6.15 4.31
C LYS A 38 12.42 -4.87 4.92
N TYR A 39 11.51 -4.06 5.44
CA TYR A 39 11.84 -2.69 5.80
C TYR A 39 11.96 -2.53 7.31
N GLY A 40 11.21 -3.31 8.05
CA GLY A 40 11.21 -3.19 9.50
C GLY A 40 10.22 -2.15 9.98
N VAL A 41 9.00 -2.27 9.51
CA VAL A 41 7.97 -1.29 9.81
C VAL A 41 6.77 -1.95 10.49
N ASP A 42 6.09 -1.20 11.33
CA ASP A 42 4.82 -1.62 11.89
C ASP A 42 3.71 -0.80 11.23
N THR A 43 2.82 -1.47 10.53
CA THR A 43 1.83 -0.79 9.72
C THR A 43 0.66 -0.27 10.55
N LYS A 44 0.46 -0.86 11.71
CA LYS A 44 -0.63 -0.47 12.59
C LYS A 44 -0.23 0.81 13.33
N ASP A 45 1.07 1.04 13.37
CA ASP A 45 1.63 2.22 14.01
C ASP A 45 1.69 3.37 13.01
N LEU A 46 1.78 3.00 11.74
CA LEU A 46 1.82 3.98 10.66
C LEU A 46 0.56 4.83 10.64
N LYS A 47 0.71 6.08 10.28
CA LYS A 47 -0.41 7.00 10.20
C LYS A 47 -0.91 7.08 8.77
N ILE A 48 -2.02 6.44 8.48
CA ILE A 48 -2.56 6.43 7.14
C ILE A 48 -3.23 7.76 6.83
N LEU A 49 -2.74 8.40 5.78
CA LEU A 49 -3.22 9.69 5.35
C LEU A 49 -4.34 9.51 4.34
N LYS A 50 -4.09 8.66 3.36
CA LYS A 50 -4.99 8.46 2.26
C LYS A 50 -4.88 7.06 1.69
N THR A 51 -5.90 6.27 1.92
CA THR A 51 -6.01 4.98 1.27
C THR A 51 -6.57 5.19 -0.12
N SER A 52 -5.92 4.64 -1.13
CA SER A 52 -6.42 4.74 -2.49
C SER A 52 -5.91 3.57 -3.32
N GLU A 53 -6.30 3.53 -4.58
CA GLU A 53 -5.80 2.51 -5.48
C GLU A 53 -5.90 2.97 -6.93
N ASP A 54 -5.14 2.32 -7.78
CA ASP A 54 -5.18 2.58 -9.21
C ASP A 54 -5.15 1.24 -9.94
N LYS A 55 -4.76 1.23 -11.20
CA LYS A 55 -4.73 0.01 -12.00
C LYS A 55 -3.71 -0.97 -11.44
N ARG A 56 -4.22 -2.05 -10.83
CA ARG A 56 -3.39 -3.16 -10.33
C ARG A 56 -2.64 -2.80 -9.04
N PHE A 57 -2.51 -1.52 -8.74
CA PHE A 57 -1.71 -1.10 -7.60
C PHE A 57 -2.55 -0.34 -6.57
N TYR A 58 -2.46 -0.75 -5.32
CA TYR A 58 -3.00 0.04 -4.22
C TYR A 58 -2.03 1.17 -3.91
N TYR A 59 -2.53 2.23 -3.32
CA TYR A 59 -1.68 3.35 -2.93
C TYR A 59 -2.11 3.89 -1.58
N VAL A 60 -1.51 3.37 -0.52
CA VAL A 60 -1.82 3.81 0.83
C VAL A 60 -0.83 4.85 1.30
N SER A 61 -1.19 6.12 1.18
CA SER A 61 -0.35 7.20 1.64
C SER A 61 -0.33 7.23 3.16
N VAL A 62 0.83 7.02 3.75
CA VAL A 62 0.96 7.04 5.20
C VAL A 62 2.13 7.91 5.62
N ASP A 63 2.10 8.36 6.86
CA ASP A 63 3.22 9.06 7.45
C ASP A 63 3.88 8.13 8.46
N ALA A 64 5.21 8.04 8.40
CA ALA A 64 5.94 7.12 9.25
C ALA A 64 6.23 7.74 10.61
N GLY A 65 5.62 8.88 10.88
CA GLY A 65 5.73 9.51 12.18
C GLY A 65 6.74 10.64 12.21
N ASP A 66 7.81 10.46 11.44
CA ASP A 66 8.88 11.45 11.41
C ASP A 66 8.68 12.44 10.27
N GLY A 67 7.58 12.29 9.55
CA GLY A 67 7.32 13.14 8.41
C GLY A 67 7.56 12.40 7.11
N GLU A 68 8.35 11.34 7.19
CA GLU A 68 8.60 10.48 6.05
C GLU A 68 7.30 9.82 5.63
N LYS A 69 7.09 9.72 4.33
CA LYS A 69 5.80 9.28 3.83
C LYS A 69 5.95 8.15 2.83
N CYS A 70 4.98 7.26 2.87
CA CYS A 70 4.93 6.10 2.01
C CYS A 70 3.58 6.03 1.33
N LYS A 71 3.57 6.00 0.03
CA LYS A 71 2.33 5.79 -0.71
C LYS A 71 2.25 4.32 -1.07
N PHE A 72 2.07 3.48 -0.04
CA PHE A 72 2.18 2.02 -0.15
C PHE A 72 1.62 1.51 -1.45
N LYS A 73 2.51 1.13 -2.35
CA LYS A 73 2.12 0.65 -3.65
C LYS A 73 1.94 -0.84 -3.61
N ILE A 74 0.76 -1.22 -3.18
CA ILE A 74 0.43 -2.62 -3.03
C ILE A 74 -0.03 -3.18 -4.36
N ARG A 75 0.91 -3.72 -5.12
CA ARG A 75 0.58 -4.50 -6.30
C ARG A 75 -0.31 -5.63 -5.86
N LYS A 76 -1.62 -5.42 -6.00
CA LYS A 76 -2.65 -6.27 -5.41
C LYS A 76 -2.55 -7.72 -5.89
N ASP A 77 -1.64 -8.48 -5.25
CA ASP A 77 -1.34 -9.87 -5.63
C ASP A 77 -1.09 -9.99 -7.14
N VAL A 78 -0.69 -8.89 -7.75
CA VAL A 78 -0.43 -8.86 -9.18
C VAL A 78 0.94 -9.45 -9.46
N ASP A 79 0.97 -10.54 -10.23
CA ASP A 79 2.21 -11.25 -10.53
C ASP A 79 2.78 -11.94 -9.28
N VAL A 80 3.27 -11.14 -8.36
CA VAL A 80 3.78 -11.64 -7.09
C VAL A 80 2.65 -11.66 -6.07
N PRO A 81 2.89 -12.17 -4.87
CA PRO A 81 1.94 -12.05 -3.79
C PRO A 81 2.08 -10.72 -3.08
N LYS A 82 1.23 -10.50 -2.08
CA LYS A 82 1.33 -9.39 -1.13
C LYS A 82 1.32 -8.00 -1.79
N MET A 83 2.46 -7.52 -2.23
CA MET A 83 2.60 -6.16 -2.69
C MET A 83 3.94 -6.00 -3.38
N VAL A 84 3.98 -5.10 -4.35
CA VAL A 84 5.21 -4.86 -5.09
C VAL A 84 6.22 -4.03 -4.28
N GLY A 85 5.79 -2.95 -3.64
CA GLY A 85 6.74 -2.09 -2.99
C GLY A 85 6.13 -1.13 -1.99
N ARG A 86 6.79 -0.99 -0.85
CA ARG A 86 6.46 0.05 0.11
C ARG A 86 6.93 1.38 -0.45
N LYS A 87 6.00 2.18 -0.93
CA LYS A 87 6.36 3.35 -1.73
C LYS A 87 6.74 4.54 -0.86
N CYS A 88 7.82 4.39 -0.11
CA CYS A 88 8.42 5.52 0.58
C CYS A 88 9.63 5.95 -0.19
N ARG A 89 9.80 7.24 -0.30
CA ARG A 89 10.99 7.81 -0.88
C ARG A 89 10.96 9.31 -0.68
N LYS A 90 10.93 9.68 0.59
CA LYS A 90 10.89 11.06 1.02
C LYS A 90 12.30 11.54 1.39
N ASP A 91 13.23 10.60 1.33
CA ASP A 91 14.64 10.86 1.60
C ASP A 91 15.47 9.99 0.68
N ASP A 92 15.13 8.72 0.67
CA ASP A 92 15.66 7.77 -0.28
C ASP A 92 14.88 7.88 -1.57
N ASP A 93 15.27 7.09 -2.57
CA ASP A 93 14.53 7.00 -3.83
C ASP A 93 15.19 6.02 -4.77
N ASP A 94 14.60 4.83 -4.86
CA ASP A 94 15.07 3.83 -5.80
C ASP A 94 13.88 3.24 -6.54
N ASP A 95 13.73 3.61 -7.80
CA ASP A 95 12.60 3.16 -8.59
C ASP A 95 12.74 1.69 -8.97
N ASP A 96 11.97 0.84 -8.32
CA ASP A 96 11.99 -0.59 -8.62
C ASP A 96 10.63 -1.20 -8.32
N GLY A 97 9.86 -1.48 -9.36
CA GLY A 97 8.55 -2.08 -9.19
C GLY A 97 7.49 -1.05 -8.82
N TYR A 98 7.69 -0.41 -7.69
CA TYR A 98 6.77 0.60 -7.22
C TYR A 98 7.16 1.98 -7.76
N GLY A 1 2.84 -11.24 2.05
CA GLY A 1 2.23 -9.99 2.57
C GLY A 1 0.94 -9.64 1.87
N SER A 2 0.96 -9.60 0.55
CA SER A 2 -0.22 -9.26 -0.23
C SER A 2 -1.17 -10.45 -0.30
N LEU A 3 -2.44 -10.19 -0.05
CA LEU A 3 -3.49 -11.21 -0.16
C LEU A 3 -4.76 -10.56 -0.70
N ILE A 4 -4.83 -10.42 -2.01
CA ILE A 4 -5.90 -9.63 -2.64
C ILE A 4 -6.23 -10.16 -4.05
N LEU A 5 -5.23 -10.69 -4.74
CA LEU A 5 -5.33 -10.94 -6.17
C LEU A 5 -4.37 -12.07 -6.57
N ASP A 6 -4.20 -13.03 -5.66
CA ASP A 6 -3.22 -14.11 -5.83
C ASP A 6 -3.31 -14.77 -7.20
N GLY A 7 -4.53 -15.09 -7.62
CA GLY A 7 -4.73 -15.64 -8.94
C GLY A 7 -5.97 -15.06 -9.57
N ASP A 8 -6.15 -13.76 -9.39
CA ASP A 8 -7.38 -13.10 -9.82
C ASP A 8 -7.08 -12.00 -10.83
N LEU A 9 -7.86 -10.94 -10.79
CA LEU A 9 -7.70 -9.80 -11.71
C LEU A 9 -8.33 -8.55 -11.09
N LEU A 10 -9.57 -8.70 -10.62
CA LEU A 10 -10.33 -7.62 -9.99
C LEU A 10 -10.72 -6.53 -11.00
N LYS A 11 -11.77 -5.80 -10.67
CA LYS A 11 -12.27 -4.73 -11.53
C LYS A 11 -12.46 -3.46 -10.72
N ASP A 12 -11.99 -3.50 -9.48
CA ASP A 12 -12.19 -2.42 -8.53
C ASP A 12 -11.38 -1.18 -8.91
N LYS A 13 -11.98 -0.01 -8.76
CA LYS A 13 -11.32 1.23 -9.09
C LYS A 13 -11.82 2.39 -8.24
N LEU A 14 -11.25 2.54 -7.06
CA LEU A 14 -11.37 3.74 -6.23
C LEU A 14 -12.82 4.07 -5.87
N LYS A 15 -13.23 3.66 -4.68
CA LYS A 15 -14.53 4.05 -4.19
C LYS A 15 -14.47 5.49 -3.67
N LEU A 16 -14.58 6.44 -4.60
CA LEU A 16 -14.55 7.86 -4.28
C LEU A 16 -13.12 8.33 -3.96
N PRO A 17 -12.88 9.66 -4.01
CA PRO A 17 -11.58 10.22 -3.65
C PRO A 17 -11.14 9.84 -2.24
N VAL A 18 -9.87 9.44 -2.12
CA VAL A 18 -9.24 9.00 -0.87
C VAL A 18 -10.11 8.06 -0.04
N ILE A 19 -9.76 6.79 -0.14
CA ILE A 19 -10.37 5.73 0.61
C ILE A 19 -9.91 5.81 2.07
N ASP A 20 -10.71 5.32 3.00
CA ASP A 20 -10.43 5.47 4.43
C ASP A 20 -9.13 4.78 4.82
N ASN A 21 -8.53 5.26 5.90
CA ASN A 21 -7.24 4.75 6.38
C ASN A 21 -7.34 3.26 6.70
N LEU A 22 -8.51 2.84 7.20
CA LEU A 22 -8.76 1.46 7.54
C LEU A 22 -8.53 0.53 6.37
N PHE A 23 -9.06 0.89 5.21
CA PHE A 23 -8.98 0.03 4.04
C PHE A 23 -7.52 -0.23 3.68
N GLY A 24 -6.71 0.82 3.76
CA GLY A 24 -5.29 0.69 3.47
C GLY A 24 -4.56 -0.01 4.60
N LYS A 25 -5.10 0.11 5.80
CA LYS A 25 -4.51 -0.49 6.98
C LYS A 25 -4.88 -1.96 7.05
N GLU A 26 -6.04 -2.30 6.51
CA GLU A 26 -6.47 -3.66 6.37
C GLU A 26 -5.59 -4.37 5.35
N LEU A 27 -5.10 -3.60 4.37
CA LEU A 27 -4.04 -4.07 3.49
C LEU A 27 -2.77 -4.28 4.31
N LEU A 28 -2.19 -3.16 4.76
CA LEU A 28 -0.96 -3.14 5.53
C LEU A 28 -0.95 -4.14 6.68
N ASP A 29 -2.11 -4.46 7.24
CA ASP A 29 -2.19 -5.45 8.31
C ASP A 29 -1.69 -6.81 7.81
N LYS A 30 -2.16 -7.19 6.62
CA LYS A 30 -1.69 -8.41 5.98
C LYS A 30 -0.22 -8.27 5.61
N PHE A 31 0.14 -7.05 5.22
CA PHE A 31 1.49 -6.75 4.76
C PHE A 31 2.47 -6.60 5.92
N GLN A 32 1.96 -6.58 7.15
CA GLN A 32 2.79 -6.45 8.32
C GLN A 32 3.54 -7.76 8.60
N ASP A 33 3.51 -8.66 7.63
CA ASP A 33 4.34 -9.83 7.67
C ASP A 33 5.47 -9.68 6.66
N ASP A 34 5.20 -8.95 5.58
CA ASP A 34 6.17 -8.73 4.52
C ASP A 34 7.01 -7.50 4.83
N ILE A 35 6.33 -6.37 4.99
CA ILE A 35 6.98 -5.10 5.29
C ILE A 35 7.74 -5.18 6.62
N LYS A 36 7.26 -6.05 7.49
CA LYS A 36 7.85 -6.22 8.81
C LYS A 36 9.08 -7.09 8.72
N ASP A 37 9.03 -8.04 7.82
CA ASP A 37 10.18 -8.90 7.56
C ASP A 37 11.25 -8.16 6.78
N LYS A 38 10.81 -7.48 5.72
CA LYS A 38 11.72 -6.79 4.82
C LYS A 38 12.37 -5.56 5.46
N TYR A 39 11.62 -4.82 6.27
CA TYR A 39 12.13 -3.57 6.82
C TYR A 39 12.02 -3.50 8.35
N GLY A 40 11.11 -4.28 8.90
CA GLY A 40 10.90 -4.24 10.34
C GLY A 40 9.91 -3.18 10.75
N VAL A 41 8.86 -3.04 9.94
CA VAL A 41 7.87 -2.00 10.15
C VAL A 41 6.62 -2.55 10.82
N ASP A 42 5.92 -1.68 11.54
CA ASP A 42 4.63 -2.01 12.11
C ASP A 42 3.57 -1.13 11.47
N THR A 43 2.57 -1.75 10.87
CA THR A 43 1.60 -1.02 10.07
C THR A 43 0.44 -0.54 10.94
N LYS A 44 0.31 -1.12 12.11
CA LYS A 44 -0.68 -0.70 13.07
C LYS A 44 -0.27 0.65 13.64
N ASP A 45 1.03 0.84 13.75
CA ASP A 45 1.61 2.10 14.19
C ASP A 45 1.61 3.14 13.07
N LEU A 46 1.57 2.67 11.82
CA LEU A 46 1.58 3.54 10.66
C LEU A 46 0.37 4.47 10.64
N LYS A 47 0.62 5.71 10.25
CA LYS A 47 -0.42 6.70 10.17
C LYS A 47 -0.84 6.87 8.72
N ILE A 48 -1.91 6.20 8.34
CA ILE A 48 -2.35 6.24 6.95
C ILE A 48 -3.10 7.52 6.64
N LEU A 49 -2.65 8.18 5.59
CA LEU A 49 -3.17 9.47 5.21
C LEU A 49 -4.21 9.32 4.11
N LYS A 50 -3.82 8.61 3.07
CA LYS A 50 -4.65 8.46 1.89
C LYS A 50 -4.58 7.04 1.36
N THR A 51 -5.71 6.37 1.36
CA THR A 51 -5.80 5.06 0.73
C THR A 51 -6.41 5.22 -0.65
N SER A 52 -5.86 4.54 -1.63
CA SER A 52 -6.40 4.59 -2.98
C SER A 52 -6.06 3.32 -3.73
N GLU A 53 -6.52 3.24 -4.96
CA GLU A 53 -6.22 2.13 -5.83
C GLU A 53 -6.32 2.55 -7.28
N ASP A 54 -5.82 1.72 -8.18
CA ASP A 54 -5.87 2.03 -9.60
C ASP A 54 -5.91 0.72 -10.39
N LYS A 55 -7.10 0.12 -10.45
CA LYS A 55 -7.31 -1.19 -11.07
C LYS A 55 -6.39 -2.25 -10.48
N ARG A 56 -5.22 -2.44 -11.07
CA ARG A 56 -4.29 -3.48 -10.65
C ARG A 56 -3.42 -2.98 -9.50
N PHE A 57 -3.78 -1.85 -8.91
CA PHE A 57 -2.90 -1.19 -7.96
C PHE A 57 -3.64 -0.70 -6.73
N TYR A 58 -2.86 -0.53 -5.67
CA TYR A 58 -3.28 0.13 -4.43
C TYR A 58 -2.23 1.18 -4.08
N TYR A 59 -2.67 2.28 -3.50
CA TYR A 59 -1.75 3.34 -3.10
C TYR A 59 -2.09 3.84 -1.70
N VAL A 60 -1.30 3.41 -0.74
CA VAL A 60 -1.55 3.77 0.66
C VAL A 60 -0.48 4.74 1.15
N SER A 61 -0.78 6.03 1.08
CA SER A 61 0.15 7.06 1.53
C SER A 61 0.06 7.17 3.05
N VAL A 62 1.21 7.12 3.71
CA VAL A 62 1.24 7.08 5.16
C VAL A 62 2.33 7.99 5.72
N ASP A 63 2.12 8.42 6.95
CA ASP A 63 3.16 9.06 7.72
C ASP A 63 3.91 7.98 8.48
N ALA A 64 5.20 7.95 8.33
CA ALA A 64 6.01 6.86 8.86
C ALA A 64 6.44 7.12 10.30
N GLY A 65 5.82 8.11 10.93
CA GLY A 65 6.13 8.40 12.32
C GLY A 65 7.16 9.49 12.44
N ASP A 66 8.16 9.44 11.57
CA ASP A 66 9.24 10.43 11.54
C ASP A 66 8.71 11.79 11.12
N GLY A 67 7.55 11.79 10.49
CA GLY A 67 7.03 13.02 9.90
C GLY A 67 7.14 12.96 8.40
N GLU A 68 7.83 11.94 7.92
CA GLU A 68 8.00 11.69 6.51
C GLU A 68 6.72 11.08 5.93
N LYS A 69 6.61 11.09 4.62
CA LYS A 69 5.40 10.67 3.96
C LYS A 69 5.70 9.61 2.91
N CYS A 70 5.28 8.41 3.19
CA CYS A 70 5.51 7.28 2.31
C CYS A 70 4.23 6.94 1.57
N LYS A 71 4.32 6.02 0.65
CA LYS A 71 3.16 5.56 -0.08
C LYS A 71 3.37 4.10 -0.46
N PHE A 72 2.69 3.23 0.25
CA PHE A 72 2.75 1.82 -0.04
C PHE A 72 2.04 1.52 -1.34
N LYS A 73 2.82 1.45 -2.38
CA LYS A 73 2.32 1.18 -3.71
C LYS A 73 2.13 -0.31 -3.88
N ILE A 74 1.00 -0.79 -3.46
CA ILE A 74 0.70 -2.19 -3.56
C ILE A 74 0.21 -2.50 -4.96
N ARG A 75 0.68 -3.59 -5.53
CA ARG A 75 0.19 -4.03 -6.83
C ARG A 75 -0.95 -4.99 -6.59
N LYS A 76 -1.73 -4.64 -5.57
CA LYS A 76 -2.76 -5.49 -4.99
C LYS A 76 -2.18 -6.81 -4.50
N ASP A 77 -1.96 -7.74 -5.42
CA ASP A 77 -1.48 -9.07 -5.06
C ASP A 77 -1.37 -9.89 -6.34
N VAL A 78 -1.17 -9.19 -7.44
CA VAL A 78 -1.17 -9.81 -8.76
C VAL A 78 -0.06 -10.85 -8.90
N ASP A 79 -0.43 -12.11 -8.67
CA ASP A 79 0.44 -13.26 -8.92
C ASP A 79 1.49 -13.42 -7.82
N VAL A 80 2.02 -12.30 -7.35
CA VAL A 80 3.04 -12.31 -6.32
C VAL A 80 2.47 -11.75 -5.01
N PRO A 81 2.75 -12.44 -3.91
CA PRO A 81 2.22 -12.12 -2.59
C PRO A 81 2.94 -10.98 -1.87
N LYS A 82 3.47 -10.04 -2.61
CA LYS A 82 4.11 -8.88 -2.01
C LYS A 82 3.89 -7.65 -2.86
N MET A 83 3.93 -6.50 -2.21
CA MET A 83 3.58 -5.24 -2.86
C MET A 83 4.66 -4.85 -3.87
N VAL A 84 4.26 -4.18 -4.92
CA VAL A 84 5.22 -3.77 -5.96
C VAL A 84 6.12 -2.63 -5.49
N GLY A 85 5.53 -1.64 -4.82
CA GLY A 85 6.28 -0.47 -4.45
C GLY A 85 6.10 -0.10 -2.99
N ARG A 86 7.12 0.54 -2.45
CA ARG A 86 7.15 0.89 -1.04
C ARG A 86 8.02 2.14 -0.87
N LYS A 87 7.81 3.08 -1.77
CA LYS A 87 8.66 4.25 -1.87
C LYS A 87 8.04 5.43 -1.12
N CYS A 88 8.87 6.12 -0.35
CA CYS A 88 8.43 7.31 0.35
C CYS A 88 8.91 8.53 -0.41
N ARG A 89 7.98 9.40 -0.74
CA ARG A 89 8.20 10.43 -1.74
C ARG A 89 7.96 11.79 -1.12
N LYS A 90 8.21 11.86 0.18
CA LYS A 90 8.03 13.08 0.95
C LYS A 90 8.99 14.17 0.47
N ASP A 91 10.24 13.81 0.30
CA ASP A 91 11.27 14.76 -0.07
C ASP A 91 11.70 14.58 -1.53
N ASP A 92 11.99 13.33 -1.89
CA ASP A 92 12.56 13.04 -3.19
C ASP A 92 11.49 13.02 -4.29
N ASP A 93 11.90 12.67 -5.49
CA ASP A 93 11.00 12.64 -6.64
C ASP A 93 11.08 11.29 -7.31
N ASP A 94 10.00 10.52 -7.24
CA ASP A 94 10.02 9.16 -7.76
C ASP A 94 9.16 9.04 -9.01
N ASP A 95 9.15 7.84 -9.58
CA ASP A 95 8.30 7.54 -10.73
C ASP A 95 6.91 7.13 -10.25
N ASP A 96 5.99 6.92 -11.17
CA ASP A 96 4.67 6.38 -10.81
C ASP A 96 4.84 4.94 -10.35
N GLY A 97 5.81 4.27 -10.97
CA GLY A 97 6.18 2.94 -10.54
C GLY A 97 7.26 2.99 -9.49
N TYR A 98 6.98 2.41 -8.33
CA TYR A 98 7.89 2.50 -7.20
C TYR A 98 8.80 1.29 -7.15
N GLY A 1 2.99 -12.45 2.98
CA GLY A 1 2.98 -11.48 1.85
C GLY A 1 1.58 -11.09 1.45
N SER A 2 1.35 -10.92 0.17
CA SER A 2 0.03 -10.55 -0.34
C SER A 2 -0.70 -11.79 -0.84
N LEU A 3 -2.01 -11.66 -1.01
CA LEU A 3 -2.85 -12.77 -1.44
C LEU A 3 -4.23 -12.26 -1.81
N ILE A 4 -4.25 -11.13 -2.47
CA ILE A 4 -5.50 -10.47 -2.81
C ILE A 4 -5.83 -10.67 -4.29
N LEU A 5 -6.85 -11.49 -4.56
CA LEU A 5 -7.24 -11.83 -5.93
C LEU A 5 -7.98 -10.67 -6.58
N ASP A 6 -8.04 -9.56 -5.85
CA ASP A 6 -8.60 -8.32 -6.38
C ASP A 6 -7.65 -7.73 -7.43
N GLY A 7 -6.49 -8.36 -7.58
CA GLY A 7 -5.51 -7.93 -8.55
C GLY A 7 -5.73 -8.52 -9.93
N ASP A 8 -5.17 -9.71 -10.18
CA ASP A 8 -5.33 -10.40 -11.46
C ASP A 8 -6.78 -10.46 -11.92
N LEU A 9 -7.70 -10.67 -10.99
CA LEU A 9 -9.10 -10.87 -11.33
C LEU A 9 -9.86 -9.55 -11.30
N LEU A 10 -9.16 -8.45 -11.53
CA LEU A 10 -9.79 -7.13 -11.52
C LEU A 10 -10.30 -6.78 -12.92
N LYS A 11 -11.53 -6.30 -12.97
CA LYS A 11 -12.10 -5.79 -14.21
C LYS A 11 -12.48 -4.33 -14.01
N ASP A 12 -13.41 -4.08 -13.10
CA ASP A 12 -13.78 -2.72 -12.71
C ASP A 12 -14.35 -2.73 -11.29
N LYS A 13 -13.66 -2.07 -10.38
CA LYS A 13 -14.07 -2.07 -8.98
C LYS A 13 -14.14 -0.64 -8.43
N LEU A 14 -13.07 0.13 -8.60
CA LEU A 14 -12.93 1.42 -7.95
C LEU A 14 -12.03 2.35 -8.76
N LYS A 15 -12.23 3.64 -8.57
CA LYS A 15 -11.45 4.68 -9.23
C LYS A 15 -11.75 6.02 -8.58
N LEU A 16 -11.78 6.00 -7.26
CA LEU A 16 -12.21 7.14 -6.47
C LEU A 16 -11.03 7.80 -5.75
N PRO A 17 -11.26 8.98 -5.16
CA PRO A 17 -10.28 9.65 -4.26
C PRO A 17 -9.92 8.80 -3.04
N VAL A 18 -9.59 9.47 -1.94
CA VAL A 18 -9.23 8.78 -0.71
C VAL A 18 -10.29 7.77 -0.31
N ILE A 19 -9.84 6.55 -0.13
CA ILE A 19 -10.68 5.42 0.23
C ILE A 19 -10.59 5.24 1.75
N ASP A 20 -11.40 4.34 2.32
CA ASP A 20 -11.39 4.07 3.75
C ASP A 20 -9.97 3.80 4.24
N ASN A 21 -9.53 4.60 5.20
CA ASN A 21 -8.19 4.42 5.77
C ASN A 21 -8.15 3.19 6.65
N LEU A 22 -9.33 2.71 7.04
CA LEU A 22 -9.45 1.43 7.71
C LEU A 22 -9.21 0.31 6.71
N PHE A 23 -9.73 0.49 5.49
CA PHE A 23 -9.51 -0.45 4.41
C PHE A 23 -8.02 -0.52 4.11
N GLY A 24 -7.37 0.64 4.15
CA GLY A 24 -5.94 0.70 3.99
C GLY A 24 -5.22 0.06 5.16
N LYS A 25 -5.69 0.37 6.37
CA LYS A 25 -5.13 -0.20 7.58
C LYS A 25 -5.16 -1.71 7.51
N GLU A 26 -6.27 -2.23 7.04
CA GLU A 26 -6.47 -3.65 6.82
C GLU A 26 -5.41 -4.21 5.88
N LEU A 27 -5.21 -3.55 4.74
CA LEU A 27 -4.18 -3.96 3.78
C LEU A 27 -2.85 -4.14 4.48
N LEU A 28 -2.40 -3.05 5.07
CA LEU A 28 -1.09 -2.99 5.70
C LEU A 28 -0.99 -4.01 6.82
N ASP A 29 -2.09 -4.15 7.56
CA ASP A 29 -2.15 -5.07 8.69
C ASP A 29 -2.01 -6.53 8.23
N LYS A 30 -2.49 -6.84 7.03
CA LYS A 30 -2.38 -8.19 6.48
C LYS A 30 -0.96 -8.46 6.01
N PHE A 31 -0.43 -7.54 5.23
CA PHE A 31 0.85 -7.74 4.55
C PHE A 31 1.98 -7.19 5.42
N GLN A 32 1.62 -6.90 6.66
CA GLN A 32 2.55 -6.30 7.61
C GLN A 32 3.77 -7.17 7.83
N ASP A 33 3.63 -8.47 7.60
CA ASP A 33 4.71 -9.40 7.80
C ASP A 33 5.83 -9.15 6.81
N ASP A 34 5.47 -8.85 5.58
CA ASP A 34 6.47 -8.55 4.56
C ASP A 34 7.04 -7.16 4.79
N ILE A 35 6.17 -6.26 5.23
CA ILE A 35 6.56 -4.90 5.55
C ILE A 35 7.56 -4.90 6.71
N LYS A 36 7.33 -5.78 7.66
CA LYS A 36 8.16 -5.86 8.85
C LYS A 36 9.40 -6.70 8.58
N ASP A 37 9.25 -7.67 7.69
CA ASP A 37 10.38 -8.47 7.23
C ASP A 37 11.39 -7.61 6.49
N LYS A 38 10.89 -6.80 5.57
CA LYS A 38 11.74 -5.96 4.75
C LYS A 38 12.20 -4.70 5.49
N TYR A 39 11.24 -3.96 6.04
CA TYR A 39 11.53 -2.63 6.57
C TYR A 39 11.49 -2.61 8.09
N GLY A 40 10.76 -3.55 8.68
CA GLY A 40 10.65 -3.61 10.13
C GLY A 40 9.66 -2.60 10.66
N VAL A 41 8.43 -2.67 10.18
CA VAL A 41 7.41 -1.71 10.55
C VAL A 41 6.27 -2.38 11.30
N ASP A 42 5.70 -1.67 12.26
CA ASP A 42 4.60 -2.17 13.08
C ASP A 42 3.27 -2.03 12.34
N THR A 43 3.32 -1.30 11.23
CA THR A 43 2.19 -0.98 10.35
C THR A 43 1.04 -0.23 11.05
N LYS A 44 0.74 -0.57 12.28
CA LYS A 44 -0.28 0.12 13.05
C LYS A 44 0.22 1.51 13.41
N ASP A 45 1.53 1.67 13.33
CA ASP A 45 2.18 2.94 13.62
C ASP A 45 1.93 3.90 12.48
N LEU A 46 1.94 3.32 11.28
CA LEU A 46 1.80 4.07 10.06
C LEU A 46 0.49 4.84 10.01
N LYS A 47 0.59 6.14 10.19
CA LYS A 47 -0.55 7.03 10.09
C LYS A 47 -1.00 7.10 8.64
N ILE A 48 -2.06 6.39 8.31
CA ILE A 48 -2.52 6.36 6.95
C ILE A 48 -3.20 7.65 6.57
N LEU A 49 -2.55 8.37 5.69
CA LEU A 49 -2.98 9.68 5.24
C LEU A 49 -4.08 9.54 4.20
N LYS A 50 -3.84 8.65 3.24
CA LYS A 50 -4.72 8.51 2.11
C LYS A 50 -4.68 7.09 1.57
N THR A 51 -5.71 6.33 1.83
CA THR A 51 -5.84 5.03 1.23
C THR A 51 -6.35 5.21 -0.19
N SER A 52 -5.66 4.66 -1.17
CA SER A 52 -6.08 4.80 -2.54
C SER A 52 -5.60 3.62 -3.37
N GLU A 53 -6.12 3.52 -4.57
CA GLU A 53 -5.69 2.51 -5.51
C GLU A 53 -5.99 2.97 -6.92
N ASP A 54 -5.29 2.42 -7.88
CA ASP A 54 -5.60 2.70 -9.28
C ASP A 54 -6.38 1.53 -9.85
N LYS A 55 -5.66 0.51 -10.28
CA LYS A 55 -6.29 -0.73 -10.70
C LYS A 55 -5.51 -1.90 -10.13
N ARG A 56 -4.34 -2.15 -10.69
CA ARG A 56 -3.54 -3.31 -10.34
C ARG A 56 -2.62 -3.00 -9.16
N PHE A 57 -2.90 -1.89 -8.48
CA PHE A 57 -2.01 -1.40 -7.44
C PHE A 57 -2.79 -0.71 -6.33
N TYR A 58 -2.40 -0.98 -5.09
CA TYR A 58 -2.86 -0.22 -3.95
C TYR A 58 -1.80 0.81 -3.57
N TYR A 59 -2.23 1.97 -3.15
CA TYR A 59 -1.31 3.02 -2.71
C TYR A 59 -1.76 3.59 -1.39
N VAL A 60 -1.12 3.14 -0.32
CA VAL A 60 -1.50 3.55 1.02
C VAL A 60 -0.58 4.67 1.53
N SER A 61 -1.01 5.89 1.32
CA SER A 61 -0.33 7.06 1.84
C SER A 61 -0.23 6.98 3.36
N VAL A 62 0.99 7.11 3.88
CA VAL A 62 1.22 6.97 5.32
C VAL A 62 2.34 7.89 5.80
N ASP A 63 2.23 8.31 7.05
CA ASP A 63 3.31 9.01 7.72
C ASP A 63 4.16 7.97 8.44
N ALA A 64 5.44 7.94 8.13
CA ALA A 64 6.33 6.89 8.63
C ALA A 64 6.78 7.14 10.06
N GLY A 65 6.32 8.22 10.67
CA GLY A 65 6.61 8.47 12.07
C GLY A 65 7.78 9.38 12.29
N ASP A 66 8.56 9.62 11.24
CA ASP A 66 9.73 10.49 11.34
C ASP A 66 9.75 11.49 10.20
N GLY A 67 8.59 12.04 9.87
CA GLY A 67 8.49 13.05 8.84
C GLY A 67 8.36 12.47 7.45
N GLU A 68 8.89 11.26 7.26
CA GLU A 68 8.83 10.59 5.98
C GLU A 68 7.40 10.26 5.60
N LYS A 69 7.02 10.66 4.39
CA LYS A 69 5.69 10.39 3.90
C LYS A 69 5.75 9.39 2.78
N CYS A 70 5.17 8.23 3.02
CA CYS A 70 5.24 7.11 2.11
C CYS A 70 3.86 6.81 1.55
N LYS A 71 3.80 5.84 0.68
CA LYS A 71 2.57 5.46 0.03
C LYS A 71 2.69 4.01 -0.40
N PHE A 72 2.43 3.10 0.53
CA PHE A 72 2.71 1.69 0.32
C PHE A 72 2.12 1.18 -0.98
N LYS A 73 3.03 0.85 -1.89
CA LYS A 73 2.70 0.37 -3.21
C LYS A 73 2.37 -1.11 -3.13
N ILE A 74 1.21 -1.41 -2.57
CA ILE A 74 0.79 -2.78 -2.43
C ILE A 74 0.32 -3.29 -3.78
N ARG A 75 1.26 -3.78 -4.57
CA ARG A 75 0.93 -4.42 -5.81
C ARG A 75 0.09 -5.64 -5.50
N LYS A 76 -1.16 -5.58 -5.92
CA LYS A 76 -2.08 -6.68 -5.67
C LYS A 76 -1.57 -7.96 -6.35
N ASP A 77 -2.25 -9.06 -6.11
CA ASP A 77 -1.92 -10.32 -6.77
C ASP A 77 -2.31 -10.27 -8.24
N VAL A 78 -1.65 -9.38 -8.95
CA VAL A 78 -1.84 -9.22 -10.38
C VAL A 78 -0.78 -10.01 -11.12
N ASP A 79 0.09 -10.60 -10.33
CA ASP A 79 1.31 -11.25 -10.82
C ASP A 79 2.04 -11.91 -9.67
N VAL A 80 2.35 -11.13 -8.64
CA VAL A 80 3.04 -11.63 -7.48
C VAL A 80 2.16 -11.47 -6.24
N PRO A 81 2.24 -12.42 -5.32
CA PRO A 81 1.57 -12.34 -4.03
C PRO A 81 2.37 -11.52 -3.03
N LYS A 82 2.75 -10.31 -3.41
CA LYS A 82 3.59 -9.50 -2.55
C LYS A 82 3.41 -8.03 -2.81
N MET A 83 3.30 -7.29 -1.71
CA MET A 83 3.39 -5.85 -1.73
C MET A 83 4.73 -5.47 -2.34
N VAL A 84 4.71 -5.03 -3.60
CA VAL A 84 5.92 -4.85 -4.39
C VAL A 84 6.87 -3.82 -3.77
N GLY A 85 6.30 -2.76 -3.21
CA GLY A 85 7.14 -1.72 -2.69
C GLY A 85 6.35 -0.65 -1.98
N ARG A 86 6.92 0.53 -1.90
CA ARG A 86 6.40 1.56 -1.04
C ARG A 86 6.73 2.92 -1.62
N LYS A 87 5.71 3.68 -1.92
CA LYS A 87 5.87 4.92 -2.69
C LYS A 87 6.19 6.09 -1.76
N CYS A 88 7.26 5.95 -1.00
CA CYS A 88 7.72 7.06 -0.15
C CYS A 88 8.64 7.95 -0.94
N ARG A 89 8.32 9.21 -0.95
CA ARG A 89 9.12 10.19 -1.66
C ARG A 89 9.03 11.50 -0.92
N LYS A 90 7.95 11.65 -0.15
CA LYS A 90 7.85 12.69 0.86
C LYS A 90 7.82 14.09 0.24
N ASP A 91 7.62 14.15 -1.06
CA ASP A 91 7.55 15.41 -1.78
C ASP A 91 6.65 15.29 -3.00
N ASP A 92 7.11 14.54 -4.00
CA ASP A 92 6.34 14.33 -5.21
C ASP A 92 6.56 12.91 -5.72
N ASP A 93 5.48 12.23 -6.07
CA ASP A 93 5.56 10.85 -6.53
C ASP A 93 4.60 10.60 -7.69
N ASP A 94 5.01 10.99 -8.88
CA ASP A 94 4.20 10.75 -10.06
C ASP A 94 4.64 9.47 -10.76
N ASP A 95 5.88 9.07 -10.53
CA ASP A 95 6.40 7.83 -11.07
C ASP A 95 5.66 6.64 -10.49
N ASP A 96 4.67 6.13 -11.22
CA ASP A 96 3.88 5.01 -10.73
C ASP A 96 4.73 3.75 -10.69
N GLY A 97 5.44 3.48 -11.77
CA GLY A 97 6.35 2.36 -11.81
C GLY A 97 7.43 2.48 -10.76
N TYR A 98 7.30 1.74 -9.69
CA TYR A 98 8.19 1.86 -8.55
C TYR A 98 8.78 0.50 -8.22
N GLY A 1 -2.15 -14.68 -4.68
CA GLY A 1 -2.19 -13.19 -4.69
C GLY A 1 -1.51 -12.61 -3.48
N SER A 2 -1.33 -11.29 -3.47
CA SER A 2 -0.82 -10.61 -2.28
C SER A 2 -1.78 -10.87 -1.13
N LEU A 3 -3.04 -10.45 -1.32
CA LEU A 3 -4.13 -10.99 -0.52
C LEU A 3 -5.49 -10.46 -0.99
N ILE A 4 -5.60 -9.15 -1.16
CA ILE A 4 -6.89 -8.50 -1.43
C ILE A 4 -7.46 -8.92 -2.77
N LEU A 5 -6.59 -9.30 -3.70
CA LEU A 5 -6.98 -9.54 -5.07
C LEU A 5 -6.26 -10.76 -5.62
N ASP A 6 -6.39 -11.88 -4.91
CA ASP A 6 -5.72 -13.12 -5.27
C ASP A 6 -6.03 -13.54 -6.71
N GLY A 7 -5.11 -13.18 -7.61
CA GLY A 7 -5.25 -13.52 -9.02
C GLY A 7 -6.58 -13.10 -9.59
N ASP A 8 -7.04 -11.93 -9.21
CA ASP A 8 -8.33 -11.43 -9.67
C ASP A 8 -8.13 -10.30 -10.67
N LEU A 9 -7.48 -9.23 -10.21
CA LEU A 9 -7.19 -8.05 -11.02
C LEU A 9 -8.47 -7.25 -11.30
N LEU A 10 -8.64 -6.19 -10.51
CA LEU A 10 -9.81 -5.34 -10.61
C LEU A 10 -9.55 -4.23 -11.63
N LYS A 11 -10.35 -4.23 -12.69
CA LYS A 11 -10.20 -3.28 -13.78
C LYS A 11 -11.38 -2.33 -13.82
N ASP A 12 -12.37 -2.58 -12.98
CA ASP A 12 -13.61 -1.80 -12.97
C ASP A 12 -13.36 -0.36 -12.53
N LYS A 13 -12.52 -0.18 -11.52
CA LYS A 13 -12.21 1.16 -11.01
C LYS A 13 -10.90 1.66 -11.60
N LEU A 14 -10.78 2.98 -11.72
CA LEU A 14 -9.57 3.58 -12.26
C LEU A 14 -8.90 4.45 -11.21
N LYS A 15 -9.49 5.61 -10.93
CA LYS A 15 -8.93 6.54 -9.96
C LYS A 15 -10.04 7.15 -9.11
N LEU A 16 -10.18 6.67 -7.89
CA LEU A 16 -11.23 7.12 -7.00
C LEU A 16 -10.69 7.94 -5.83
N PRO A 17 -11.56 8.70 -5.14
CA PRO A 17 -11.22 9.47 -3.92
C PRO A 17 -10.57 8.63 -2.83
N VAL A 18 -10.28 9.27 -1.70
CA VAL A 18 -9.61 8.59 -0.61
C VAL A 18 -10.51 7.55 0.04
N ILE A 19 -10.03 6.33 0.02
CA ILE A 19 -10.68 5.22 0.69
C ILE A 19 -10.38 5.31 2.18
N ASP A 20 -11.28 4.78 3.00
CA ASP A 20 -11.16 4.90 4.45
C ASP A 20 -9.85 4.30 4.93
N ASN A 21 -9.27 4.92 5.97
CA ASN A 21 -7.98 4.51 6.49
C ASN A 21 -7.98 3.05 6.92
N LEU A 22 -9.13 2.55 7.36
CA LEU A 22 -9.27 1.16 7.75
C LEU A 22 -8.95 0.22 6.59
N PHE A 23 -9.49 0.53 5.43
CA PHE A 23 -9.31 -0.31 4.25
C PHE A 23 -7.84 -0.38 3.88
N GLY A 24 -7.20 0.77 3.80
CA GLY A 24 -5.79 0.81 3.49
C GLY A 24 -4.97 0.13 4.56
N LYS A 25 -5.31 0.43 5.80
CA LYS A 25 -4.63 -0.16 6.95
C LYS A 25 -4.74 -1.69 6.90
N GLU A 26 -5.87 -2.16 6.40
CA GLU A 26 -6.10 -3.58 6.19
C GLU A 26 -5.02 -4.19 5.32
N LEU A 27 -4.82 -3.63 4.13
CA LEU A 27 -3.80 -4.14 3.21
C LEU A 27 -2.45 -4.23 3.90
N LEU A 28 -2.04 -3.10 4.44
CA LEU A 28 -0.72 -2.95 5.04
C LEU A 28 -0.52 -3.93 6.18
N ASP A 29 -1.53 -4.03 7.03
CA ASP A 29 -1.48 -4.91 8.19
C ASP A 29 -1.35 -6.37 7.78
N LYS A 30 -1.94 -6.71 6.62
CA LYS A 30 -1.84 -8.06 6.09
C LYS A 30 -0.42 -8.36 5.62
N PHE A 31 0.25 -7.34 5.12
CA PHE A 31 1.62 -7.51 4.60
C PHE A 31 2.64 -7.07 5.63
N GLN A 32 2.17 -6.78 6.84
CA GLN A 32 3.01 -6.25 7.90
C GLN A 32 4.27 -7.09 8.10
N ASP A 33 4.13 -8.40 8.09
CA ASP A 33 5.27 -9.29 8.32
C ASP A 33 6.38 -9.05 7.31
N ASP A 34 6.01 -8.77 6.07
CA ASP A 34 7.01 -8.54 5.02
C ASP A 34 7.60 -7.14 5.18
N ILE A 35 6.72 -6.18 5.48
CA ILE A 35 7.15 -4.80 5.71
C ILE A 35 8.06 -4.71 6.92
N LYS A 36 7.78 -5.56 7.89
CA LYS A 36 8.52 -5.59 9.15
C LYS A 36 9.79 -6.41 9.00
N ASP A 37 9.73 -7.36 8.08
CA ASP A 37 10.89 -8.17 7.76
C ASP A 37 11.91 -7.35 6.98
N LYS A 38 11.44 -6.62 5.99
CA LYS A 38 12.30 -5.78 5.16
C LYS A 38 12.66 -4.47 5.87
N TYR A 39 11.65 -3.67 6.16
CA TYR A 39 11.85 -2.29 6.58
C TYR A 39 11.80 -2.16 8.10
N GLY A 40 11.21 -3.16 8.74
CA GLY A 40 11.06 -3.14 10.18
C GLY A 40 9.95 -2.21 10.63
N VAL A 41 8.82 -2.32 9.97
CA VAL A 41 7.68 -1.46 10.23
C VAL A 41 6.57 -2.20 10.97
N ASP A 42 5.89 -1.49 11.84
CA ASP A 42 4.69 -2.00 12.48
C ASP A 42 3.49 -1.25 11.93
N THR A 43 2.73 -1.92 11.07
CA THR A 43 1.66 -1.26 10.32
C THR A 43 0.54 -0.77 11.24
N LYS A 44 0.51 -1.28 12.45
CA LYS A 44 -0.44 -0.85 13.45
C LYS A 44 -0.17 0.60 13.86
N ASP A 45 1.10 0.99 13.76
CA ASP A 45 1.51 2.34 14.13
C ASP A 45 1.37 3.30 12.95
N LEU A 46 1.29 2.74 11.75
CA LEU A 46 1.19 3.53 10.54
C LEU A 46 -0.11 4.31 10.49
N LYS A 47 0.01 5.59 10.17
CA LYS A 47 -1.15 6.46 10.01
C LYS A 47 -1.54 6.49 8.54
N ILE A 48 -2.67 5.89 8.21
CA ILE A 48 -3.14 5.87 6.84
C ILE A 48 -3.68 7.25 6.47
N LEU A 49 -2.95 7.95 5.63
CA LEU A 49 -3.34 9.29 5.20
C LEU A 49 -4.38 9.19 4.10
N LYS A 50 -4.03 8.44 3.06
CA LYS A 50 -4.89 8.27 1.92
C LYS A 50 -4.81 6.84 1.39
N THR A 51 -5.94 6.17 1.39
CA THR A 51 -6.04 4.89 0.71
C THR A 51 -6.69 5.14 -0.64
N SER A 52 -6.24 4.44 -1.66
CA SER A 52 -6.86 4.54 -2.96
C SER A 52 -6.32 3.46 -3.88
N GLU A 53 -6.73 3.52 -5.11
CA GLU A 53 -6.34 2.52 -6.09
C GLU A 53 -6.25 3.15 -7.46
N ASP A 54 -5.57 2.46 -8.35
CA ASP A 54 -5.49 2.84 -9.74
C ASP A 54 -5.71 1.58 -10.57
N LYS A 55 -5.54 1.69 -11.88
CA LYS A 55 -5.62 0.51 -12.71
C LYS A 55 -4.49 -0.44 -12.35
N ARG A 56 -4.86 -1.58 -11.76
CA ARG A 56 -3.92 -2.64 -11.41
C ARG A 56 -3.02 -2.25 -10.21
N PHE A 57 -3.19 -1.04 -9.67
CA PHE A 57 -2.42 -0.65 -8.48
C PHE A 57 -3.30 -0.24 -7.31
N TYR A 58 -2.75 -0.42 -6.13
CA TYR A 58 -3.26 0.17 -4.90
C TYR A 58 -2.22 1.16 -4.38
N TYR A 59 -2.67 2.24 -3.79
CA TYR A 59 -1.76 3.23 -3.23
C TYR A 59 -2.20 3.66 -1.84
N VAL A 60 -1.39 3.30 -0.85
CA VAL A 60 -1.70 3.62 0.53
C VAL A 60 -0.70 4.63 1.08
N SER A 61 -1.04 5.90 1.00
CA SER A 61 -0.18 6.95 1.54
C SER A 61 -0.31 6.98 3.05
N VAL A 62 0.79 6.81 3.76
CA VAL A 62 0.77 6.76 5.22
C VAL A 62 1.89 7.61 5.82
N ASP A 63 1.70 7.97 7.08
CA ASP A 63 2.79 8.54 7.86
C ASP A 63 3.59 7.40 8.42
N ALA A 64 4.85 7.30 8.00
CA ALA A 64 5.66 6.12 8.29
C ALA A 64 6.34 6.22 9.64
N GLY A 65 6.44 7.42 10.16
CA GLY A 65 7.22 7.63 11.35
C GLY A 65 8.47 8.40 11.00
N ASP A 66 9.13 8.92 12.03
CA ASP A 66 10.34 9.74 11.86
C ASP A 66 9.99 11.11 11.30
N GLY A 67 9.26 11.11 10.20
CA GLY A 67 8.87 12.33 9.56
C GLY A 67 8.49 12.09 8.12
N GLU A 68 8.89 10.94 7.59
CA GLU A 68 8.64 10.61 6.20
C GLU A 68 7.22 10.14 5.97
N LYS A 69 6.73 10.40 4.78
CA LYS A 69 5.42 9.96 4.38
C LYS A 69 5.56 8.98 3.21
N CYS A 70 5.13 7.76 3.43
CA CYS A 70 5.35 6.69 2.47
C CYS A 70 4.04 6.23 1.87
N LYS A 71 4.03 6.08 0.55
CA LYS A 71 2.85 5.57 -0.12
C LYS A 71 3.09 4.12 -0.50
N PHE A 72 2.40 3.22 0.19
CA PHE A 72 2.51 1.81 -0.08
C PHE A 72 1.92 1.48 -1.44
N LYS A 73 2.80 1.27 -2.38
CA LYS A 73 2.43 0.91 -3.73
C LYS A 73 2.32 -0.60 -3.83
N ILE A 74 1.11 -1.08 -3.96
CA ILE A 74 0.86 -2.50 -4.00
C ILE A 74 0.11 -2.78 -5.30
N ARG A 75 0.62 -3.67 -6.12
CA ARG A 75 0.11 -3.83 -7.48
C ARG A 75 -1.15 -4.68 -7.48
N LYS A 76 -2.10 -4.26 -6.65
CA LYS A 76 -3.40 -4.89 -6.50
C LYS A 76 -3.30 -6.39 -6.27
N ASP A 77 -2.38 -6.78 -5.42
CA ASP A 77 -2.36 -8.13 -4.88
C ASP A 77 -2.33 -9.20 -5.96
N VAL A 78 -1.77 -8.86 -7.12
CA VAL A 78 -1.75 -9.76 -8.24
C VAL A 78 -0.70 -10.85 -8.09
N ASP A 79 -1.17 -12.09 -8.13
CA ASP A 79 -0.32 -13.29 -8.16
C ASP A 79 0.51 -13.48 -6.89
N VAL A 80 1.59 -12.73 -6.74
CA VAL A 80 2.51 -12.92 -5.62
C VAL A 80 2.01 -12.21 -4.38
N PRO A 81 2.16 -12.85 -3.21
CA PRO A 81 1.80 -12.27 -1.93
C PRO A 81 2.89 -11.34 -1.40
N LYS A 82 2.78 -10.07 -1.76
CA LYS A 82 3.74 -9.05 -1.33
C LYS A 82 3.31 -7.69 -1.83
N MET A 83 4.17 -6.71 -1.61
CA MET A 83 3.97 -5.37 -2.12
C MET A 83 4.83 -5.18 -3.36
N VAL A 84 4.37 -4.37 -4.28
CA VAL A 84 5.13 -4.12 -5.49
C VAL A 84 6.08 -2.92 -5.32
N GLY A 85 6.12 -2.37 -4.11
CA GLY A 85 7.06 -1.29 -3.84
C GLY A 85 6.61 -0.35 -2.75
N ARG A 86 7.32 -0.35 -1.64
CA ARG A 86 7.10 0.62 -0.58
C ARG A 86 8.07 1.77 -0.75
N LYS A 87 7.60 2.88 -1.31
CA LYS A 87 8.44 4.02 -1.54
C LYS A 87 7.83 5.26 -0.89
N CYS A 88 8.65 6.02 -0.19
CA CYS A 88 8.16 7.21 0.48
C CYS A 88 8.35 8.41 -0.42
N ARG A 89 7.27 9.09 -0.70
CA ARG A 89 7.28 10.22 -1.60
C ARG A 89 6.99 11.48 -0.81
N LYS A 90 7.55 11.52 0.39
CA LYS A 90 7.46 12.69 1.25
C LYS A 90 8.11 13.86 0.52
N ASP A 91 7.30 14.86 0.20
CA ASP A 91 7.65 15.94 -0.74
C ASP A 91 7.57 15.41 -2.17
N ASP A 92 8.58 14.64 -2.57
CA ASP A 92 8.60 14.01 -3.89
C ASP A 92 9.60 12.86 -3.93
N ASP A 93 9.37 11.91 -4.81
CA ASP A 93 10.27 10.77 -4.96
C ASP A 93 10.19 10.25 -6.40
N ASP A 94 9.17 9.45 -6.68
CA ASP A 94 8.90 9.00 -8.04
C ASP A 94 7.43 9.20 -8.36
N ASP A 95 7.13 9.74 -9.53
CA ASP A 95 5.77 10.15 -9.85
C ASP A 95 4.96 9.03 -10.49
N ASP A 96 5.44 8.51 -11.61
CA ASP A 96 4.71 7.49 -12.39
C ASP A 96 4.33 6.29 -11.53
N GLY A 97 5.31 5.76 -10.84
CA GLY A 97 5.09 4.61 -9.99
C GLY A 97 6.20 4.52 -8.98
N TYR A 98 6.59 3.31 -8.61
CA TYR A 98 7.77 3.15 -7.76
C TYR A 98 8.67 2.07 -8.33
N GLY A 1 2.33 -11.66 2.31
CA GLY A 1 1.28 -11.95 1.31
C GLY A 1 0.70 -10.69 0.71
N SER A 2 -0.31 -10.83 -0.13
CA SER A 2 -0.94 -9.67 -0.77
C SER A 2 -2.38 -9.97 -1.14
N LEU A 3 -3.05 -10.81 -0.34
CA LEU A 3 -4.41 -11.30 -0.64
C LEU A 3 -5.35 -10.15 -1.00
N ILE A 4 -5.50 -9.88 -2.29
CA ILE A 4 -6.28 -8.74 -2.75
C ILE A 4 -7.04 -9.05 -4.04
N LEU A 5 -6.31 -9.49 -5.06
CA LEU A 5 -6.90 -9.66 -6.39
C LEU A 5 -6.95 -11.12 -6.83
N ASP A 6 -6.42 -12.03 -6.02
CA ASP A 6 -6.44 -13.46 -6.33
C ASP A 6 -5.79 -13.73 -7.69
N GLY A 7 -4.64 -13.11 -7.91
CA GLY A 7 -3.95 -13.27 -9.18
C GLY A 7 -4.46 -12.32 -10.24
N ASP A 8 -4.81 -11.10 -9.82
CA ASP A 8 -5.28 -10.04 -10.72
C ASP A 8 -6.52 -10.45 -11.52
N LEU A 9 -7.67 -9.99 -11.06
CA LEU A 9 -8.92 -10.18 -11.81
C LEU A 9 -9.87 -9.02 -11.54
N LEU A 10 -9.33 -7.91 -11.07
CA LEU A 10 -10.13 -6.76 -10.71
C LEU A 10 -10.54 -5.98 -11.96
N LYS A 11 -11.77 -6.20 -12.40
CA LYS A 11 -12.31 -5.49 -13.55
C LYS A 11 -13.61 -4.79 -13.17
N ASP A 12 -13.94 -4.83 -11.89
CA ASP A 12 -15.10 -4.10 -11.37
C ASP A 12 -14.70 -2.67 -11.02
N LYS A 13 -14.03 -2.53 -9.90
CA LYS A 13 -13.38 -1.27 -9.56
C LYS A 13 -11.96 -1.30 -10.09
N LEU A 14 -11.23 -0.21 -9.90
CA LEU A 14 -9.85 -0.14 -10.34
C LEU A 14 -9.19 1.12 -9.82
N LYS A 15 -9.88 2.24 -9.98
CA LYS A 15 -9.35 3.53 -9.58
C LYS A 15 -10.31 4.21 -8.61
N LEU A 16 -10.05 4.02 -7.33
CA LEU A 16 -10.89 4.57 -6.29
C LEU A 16 -10.26 5.82 -5.69
N PRO A 17 -11.08 6.69 -5.08
CA PRO A 17 -10.61 7.89 -4.39
C PRO A 17 -9.92 7.55 -3.08
N VAL A 18 -9.74 8.56 -2.25
CA VAL A 18 -9.05 8.37 -0.98
C VAL A 18 -9.88 7.54 -0.01
N ILE A 19 -9.39 6.35 0.23
CA ILE A 19 -9.96 5.46 1.21
C ILE A 19 -9.17 5.56 2.50
N ASP A 20 -9.70 4.94 3.53
CA ASP A 20 -9.15 5.01 4.89
C ASP A 20 -10.13 4.33 5.81
N ASN A 21 -11.28 4.00 5.23
CA ASN A 21 -12.30 3.21 5.90
C ASN A 21 -11.80 1.79 6.18
N LEU A 22 -10.77 1.69 7.03
CA LEU A 22 -10.14 0.44 7.40
C LEU A 22 -9.37 -0.20 6.24
N PHE A 23 -9.80 0.09 5.02
CA PHE A 23 -9.27 -0.57 3.83
C PHE A 23 -7.74 -0.48 3.74
N GLY A 24 -7.20 0.70 3.99
CA GLY A 24 -5.77 0.90 3.88
C GLY A 24 -5.03 0.25 5.02
N LYS A 25 -5.61 0.35 6.20
CA LYS A 25 -5.03 -0.20 7.40
C LYS A 25 -5.10 -1.72 7.35
N GLU A 26 -6.15 -2.22 6.74
CA GLU A 26 -6.33 -3.63 6.48
C GLU A 26 -5.16 -4.17 5.68
N LEU A 27 -4.86 -3.48 4.58
CA LEU A 27 -3.70 -3.82 3.76
C LEU A 27 -2.44 -3.96 4.61
N LEU A 28 -2.00 -2.83 5.18
CA LEU A 28 -0.82 -2.79 6.03
C LEU A 28 -0.87 -3.79 7.18
N ASP A 29 -2.05 -4.06 7.71
CA ASP A 29 -2.19 -5.01 8.82
C ASP A 29 -1.90 -6.43 8.37
N LYS A 30 -2.52 -6.86 7.27
CA LYS A 30 -2.31 -8.20 6.75
C LYS A 30 -0.87 -8.35 6.28
N PHE A 31 -0.41 -7.35 5.56
CA PHE A 31 0.87 -7.42 4.89
C PHE A 31 1.97 -6.83 5.76
N GLN A 32 1.69 -6.67 7.05
CA GLN A 32 2.68 -6.20 7.98
C GLN A 32 3.84 -7.18 8.01
N ASP A 33 3.53 -8.47 8.02
CA ASP A 33 4.55 -9.51 7.93
C ASP A 33 5.35 -9.36 6.66
N ASP A 34 4.67 -8.99 5.58
CA ASP A 34 5.31 -8.86 4.27
C ASP A 34 6.25 -7.66 4.25
N ILE A 35 5.71 -6.54 4.68
CA ILE A 35 6.46 -5.28 4.72
C ILE A 35 7.59 -5.35 5.75
N LYS A 36 7.40 -6.14 6.79
CA LYS A 36 8.38 -6.26 7.86
C LYS A 36 9.43 -7.28 7.50
N ASP A 37 9.05 -8.27 6.71
CA ASP A 37 9.99 -9.22 6.17
C ASP A 37 10.90 -8.52 5.18
N LYS A 38 10.28 -7.75 4.30
CA LYS A 38 11.00 -6.99 3.29
C LYS A 38 11.87 -5.90 3.91
N TYR A 39 11.23 -4.95 4.55
CA TYR A 39 11.92 -3.75 5.03
C TYR A 39 12.09 -3.78 6.54
N GLY A 40 11.09 -4.30 7.22
CA GLY A 40 11.10 -4.28 8.68
C GLY A 40 10.32 -3.10 9.23
N VAL A 41 9.06 -3.02 8.86
CA VAL A 41 8.23 -1.88 9.19
C VAL A 41 7.14 -2.25 10.19
N ASP A 42 6.73 -1.29 11.00
CA ASP A 42 5.61 -1.45 11.91
C ASP A 42 4.41 -0.69 11.34
N THR A 43 3.48 -1.42 10.74
CA THR A 43 2.35 -0.79 10.06
C THR A 43 1.31 -0.29 11.04
N LYS A 44 1.43 -0.74 12.27
CA LYS A 44 0.49 -0.38 13.32
C LYS A 44 0.88 0.96 13.93
N ASP A 45 2.06 1.45 13.54
CA ASP A 45 2.55 2.74 13.97
C ASP A 45 2.28 3.80 12.91
N LEU A 46 1.87 3.33 11.74
CA LEU A 46 1.65 4.20 10.60
C LEU A 46 0.28 4.86 10.66
N LYS A 47 0.27 6.18 10.51
CA LYS A 47 -0.98 6.91 10.41
C LYS A 47 -1.31 7.14 8.95
N ILE A 48 -2.44 6.63 8.50
CA ILE A 48 -2.78 6.66 7.09
C ILE A 48 -3.43 7.99 6.71
N LEU A 49 -2.88 8.59 5.68
CA LEU A 49 -3.31 9.89 5.20
C LEU A 49 -4.27 9.71 4.04
N LYS A 50 -3.80 8.99 3.03
CA LYS A 50 -4.54 8.82 1.80
C LYS A 50 -4.32 7.42 1.26
N THR A 51 -5.35 6.61 1.28
CA THR A 51 -5.30 5.32 0.64
C THR A 51 -6.02 5.41 -0.70
N SER A 52 -5.49 4.78 -1.72
CA SER A 52 -6.15 4.75 -3.01
C SER A 52 -5.69 3.55 -3.81
N GLU A 53 -6.31 3.32 -4.95
CA GLU A 53 -5.89 2.27 -5.84
C GLU A 53 -5.99 2.72 -7.29
N ASP A 54 -5.05 2.28 -8.09
CA ASP A 54 -5.00 2.64 -9.49
C ASP A 54 -4.81 1.37 -10.32
N LYS A 55 -4.11 1.47 -11.44
CA LYS A 55 -3.87 0.32 -12.31
C LYS A 55 -3.01 -0.72 -11.61
N ARG A 56 -3.67 -1.72 -11.01
CA ARG A 56 -2.99 -2.84 -10.36
C ARG A 56 -2.19 -2.45 -9.11
N PHE A 57 -2.09 -1.17 -8.82
CA PHE A 57 -1.29 -0.73 -7.69
C PHE A 57 -2.15 -0.02 -6.63
N TYR A 58 -1.92 -0.39 -5.38
CA TYR A 58 -2.50 0.34 -4.26
C TYR A 58 -1.52 1.39 -3.78
N TYR A 59 -2.06 2.49 -3.29
CA TYR A 59 -1.24 3.58 -2.80
C TYR A 59 -1.71 4.00 -1.42
N VAL A 60 -1.05 3.50 -0.38
CA VAL A 60 -1.39 3.86 0.99
C VAL A 60 -0.39 4.88 1.52
N SER A 61 -0.73 6.16 1.38
CA SER A 61 0.14 7.22 1.86
C SER A 61 -0.03 7.38 3.37
N VAL A 62 1.04 7.14 4.11
CA VAL A 62 1.00 7.19 5.56
C VAL A 62 2.11 8.06 6.12
N ASP A 63 1.92 8.54 7.32
CA ASP A 63 2.98 9.25 8.04
C ASP A 63 3.83 8.22 8.76
N ALA A 64 5.13 8.25 8.51
CA ALA A 64 6.04 7.24 9.03
C ALA A 64 6.52 7.55 10.44
N GLY A 65 5.97 8.58 11.06
CA GLY A 65 6.24 8.85 12.45
C GLY A 65 7.10 10.08 12.67
N ASP A 66 8.04 10.30 11.78
CA ASP A 66 8.92 11.46 11.88
C ASP A 66 8.39 12.63 11.07
N GLY A 67 7.67 12.33 10.00
CA GLY A 67 7.19 13.36 9.12
C GLY A 67 7.28 12.94 7.67
N GLU A 68 8.10 11.93 7.42
CA GLU A 68 8.18 11.35 6.09
C GLU A 68 6.87 10.66 5.78
N LYS A 69 6.36 10.88 4.60
CA LYS A 69 5.07 10.36 4.25
C LYS A 69 5.19 9.33 3.15
N CYS A 70 5.18 8.08 3.57
CA CYS A 70 5.46 6.97 2.70
C CYS A 70 4.18 6.42 2.13
N LYS A 71 4.20 6.21 0.84
CA LYS A 71 3.05 5.73 0.15
C LYS A 71 3.26 4.27 -0.23
N PHE A 72 2.61 3.40 0.51
CA PHE A 72 2.76 1.97 0.31
C PHE A 72 2.14 1.53 -0.99
N LYS A 73 2.98 1.06 -1.88
CA LYS A 73 2.55 0.57 -3.16
C LYS A 73 2.32 -0.92 -3.08
N ILE A 74 1.08 -1.30 -2.91
CA ILE A 74 0.73 -2.70 -2.84
C ILE A 74 0.18 -3.17 -4.16
N ARG A 75 0.94 -4.02 -4.82
CA ARG A 75 0.56 -4.57 -6.10
C ARG A 75 -0.61 -5.52 -5.88
N LYS A 76 -1.81 -5.06 -6.24
CA LYS A 76 -3.06 -5.78 -5.96
C LYS A 76 -2.96 -7.24 -6.36
N ASP A 77 -2.62 -8.11 -5.39
CA ASP A 77 -2.34 -9.55 -5.59
C ASP A 77 -2.42 -9.96 -7.05
N VAL A 78 -1.38 -9.63 -7.80
CA VAL A 78 -1.42 -9.77 -9.25
C VAL A 78 -1.08 -11.20 -9.68
N ASP A 79 -0.58 -11.98 -8.74
CA ASP A 79 -0.12 -13.35 -9.00
C ASP A 79 0.61 -13.89 -7.78
N VAL A 80 1.76 -13.30 -7.49
CA VAL A 80 2.55 -13.69 -6.34
C VAL A 80 2.13 -12.88 -5.11
N PRO A 81 2.25 -13.47 -3.92
CA PRO A 81 1.91 -12.80 -2.68
C PRO A 81 3.05 -11.93 -2.16
N LYS A 82 2.89 -10.62 -2.30
CA LYS A 82 3.86 -9.66 -1.77
C LYS A 82 3.45 -8.23 -2.11
N MET A 83 3.95 -7.30 -1.33
CA MET A 83 3.79 -5.89 -1.62
C MET A 83 4.94 -5.44 -2.51
N VAL A 84 4.62 -4.79 -3.63
CA VAL A 84 5.63 -4.46 -4.62
C VAL A 84 6.63 -3.44 -4.09
N GLY A 85 6.17 -2.46 -3.32
CA GLY A 85 7.08 -1.46 -2.83
C GLY A 85 6.45 -0.42 -1.93
N ARG A 86 7.20 0.65 -1.74
CA ARG A 86 6.84 1.75 -0.86
C ARG A 86 7.91 2.83 -1.01
N LYS A 87 7.71 3.71 -1.96
CA LYS A 87 8.75 4.67 -2.33
C LYS A 87 8.82 5.81 -1.34
N CYS A 88 7.73 5.97 -0.57
CA CYS A 88 7.58 7.09 0.35
C CYS A 88 7.66 8.39 -0.40
N ARG A 89 6.51 8.95 -0.65
CA ARG A 89 6.38 10.03 -1.59
C ARG A 89 6.16 11.32 -0.84
N LYS A 90 7.20 11.72 -0.12
CA LYS A 90 7.13 12.88 0.73
C LYS A 90 7.30 14.14 -0.10
N ASP A 91 8.19 14.08 -1.09
CA ASP A 91 8.48 15.23 -1.93
C ASP A 91 8.81 14.78 -3.36
N ASP A 92 8.59 13.50 -3.64
CA ASP A 92 8.91 12.92 -4.94
C ASP A 92 8.01 13.49 -6.03
N ASP A 93 8.44 13.36 -7.28
CA ASP A 93 7.75 14.03 -8.39
C ASP A 93 6.74 13.11 -9.07
N ASP A 94 7.19 12.33 -10.05
CA ASP A 94 6.33 11.39 -10.75
C ASP A 94 6.92 9.99 -10.66
N ASP A 95 6.22 9.10 -9.99
CA ASP A 95 6.80 7.81 -9.62
C ASP A 95 5.91 6.66 -10.04
N ASP A 96 6.46 5.78 -10.87
CA ASP A 96 5.78 4.56 -11.28
C ASP A 96 6.13 3.44 -10.31
N GLY A 97 7.42 3.09 -10.27
CA GLY A 97 7.86 2.02 -9.42
C GLY A 97 8.24 2.51 -8.04
N TYR A 98 7.69 1.88 -7.02
CA TYR A 98 7.99 2.29 -5.66
C TYR A 98 9.00 1.35 -5.03
N GLY A 1 0.11 -12.20 2.22
CA GLY A 1 0.40 -11.47 0.97
C GLY A 1 -0.85 -10.88 0.36
N SER A 2 -0.76 -10.49 -0.91
CA SER A 2 -1.88 -9.90 -1.63
C SER A 2 -2.80 -11.00 -2.15
N LEU A 3 -4.09 -10.84 -1.95
CA LEU A 3 -5.06 -11.84 -2.36
C LEU A 3 -6.07 -11.24 -3.34
N ILE A 4 -5.97 -9.94 -3.51
CA ILE A 4 -7.00 -9.21 -4.21
C ILE A 4 -6.68 -9.17 -5.71
N LEU A 5 -7.71 -9.42 -6.54
CA LEU A 5 -7.55 -9.51 -8.00
C LEU A 5 -6.73 -10.73 -8.38
N ASP A 6 -7.41 -11.85 -8.62
CA ASP A 6 -6.71 -13.10 -8.99
C ASP A 6 -6.08 -12.97 -10.36
N GLY A 7 -4.89 -12.38 -10.41
CA GLY A 7 -4.29 -12.02 -11.69
C GLY A 7 -5.27 -11.22 -12.50
N ASP A 8 -5.80 -10.18 -11.89
CA ASP A 8 -7.03 -9.55 -12.39
C ASP A 8 -6.92 -8.02 -12.33
N LEU A 9 -8.03 -7.33 -12.43
CA LEU A 9 -8.01 -5.88 -12.54
C LEU A 9 -9.37 -5.26 -12.20
N LEU A 10 -9.33 -4.22 -11.38
CA LEU A 10 -10.53 -3.48 -11.01
C LEU A 10 -10.36 -2.00 -11.34
N LYS A 11 -9.47 -1.33 -10.58
CA LYS A 11 -9.14 0.09 -10.81
C LYS A 11 -10.30 1.00 -10.42
N ASP A 12 -11.39 0.91 -11.17
CA ASP A 12 -12.54 1.76 -10.98
C ASP A 12 -13.60 1.00 -10.16
N LYS A 13 -13.12 0.24 -9.19
CA LYS A 13 -13.99 -0.52 -8.30
C LYS A 13 -14.64 0.41 -7.28
N LEU A 14 -13.95 1.48 -6.96
CA LEU A 14 -14.37 2.38 -5.90
C LEU A 14 -15.05 3.63 -6.47
N LYS A 15 -15.65 4.42 -5.60
CA LYS A 15 -16.28 5.67 -5.99
C LYS A 15 -16.02 6.74 -4.95
N LEU A 16 -14.84 6.67 -4.34
CA LEU A 16 -14.43 7.61 -3.32
C LEU A 16 -13.07 8.18 -3.66
N PRO A 17 -12.77 9.44 -3.30
CA PRO A 17 -11.47 10.03 -3.54
C PRO A 17 -10.41 9.44 -2.64
N VAL A 18 -10.88 8.94 -1.52
CA VAL A 18 -10.07 8.23 -0.56
C VAL A 18 -10.92 7.14 0.08
N ILE A 19 -10.32 5.99 0.28
CA ILE A 19 -10.97 4.87 0.93
C ILE A 19 -10.77 4.98 2.42
N ASP A 20 -11.60 4.31 3.21
CA ASP A 20 -11.47 4.38 4.66
C ASP A 20 -10.13 3.81 5.07
N ASN A 21 -9.46 4.49 5.98
CA ASN A 21 -8.11 4.12 6.38
C ASN A 21 -8.12 2.79 7.15
N LEU A 22 -9.30 2.34 7.56
CA LEU A 22 -9.46 1.02 8.14
C LEU A 22 -9.23 -0.04 7.08
N PHE A 23 -9.76 0.20 5.89
CA PHE A 23 -9.55 -0.70 4.76
C PHE A 23 -8.07 -0.74 4.42
N GLY A 24 -7.42 0.42 4.54
CA GLY A 24 -6.00 0.50 4.35
C GLY A 24 -5.26 -0.28 5.40
N LYS A 25 -5.61 -0.04 6.66
CA LYS A 25 -5.01 -0.74 7.79
C LYS A 25 -5.11 -2.25 7.59
N GLU A 26 -6.21 -2.71 7.04
CA GLU A 26 -6.40 -4.11 6.70
C GLU A 26 -5.35 -4.60 5.73
N LEU A 27 -5.17 -3.86 4.64
CA LEU A 27 -4.14 -4.17 3.65
C LEU A 27 -2.79 -4.29 4.32
N LEU A 28 -2.38 -3.21 4.98
CA LEU A 28 -1.08 -3.10 5.59
C LEU A 28 -0.91 -4.14 6.68
N ASP A 29 -1.98 -4.43 7.39
CA ASP A 29 -1.98 -5.44 8.45
C ASP A 29 -1.55 -6.80 7.90
N LYS A 30 -2.05 -7.14 6.72
CA LYS A 30 -1.70 -8.41 6.09
C LYS A 30 -0.24 -8.40 5.62
N PHE A 31 0.26 -7.22 5.29
CA PHE A 31 1.65 -7.09 4.82
C PHE A 31 2.58 -6.65 5.94
N GLN A 32 2.04 -6.48 7.14
CA GLN A 32 2.80 -6.03 8.27
C GLN A 32 4.00 -6.92 8.50
N ASP A 33 3.78 -8.22 8.40
CA ASP A 33 4.83 -9.20 8.61
C ASP A 33 5.95 -9.01 7.59
N ASP A 34 5.60 -8.61 6.37
CA ASP A 34 6.58 -8.44 5.31
C ASP A 34 7.30 -7.11 5.47
N ILE A 35 6.53 -6.08 5.84
CA ILE A 35 7.09 -4.76 6.11
C ILE A 35 8.03 -4.82 7.32
N LYS A 36 7.68 -5.65 8.28
CA LYS A 36 8.48 -5.82 9.48
C LYS A 36 9.64 -6.76 9.20
N ASP A 37 9.41 -7.69 8.30
CA ASP A 37 10.45 -8.59 7.81
C ASP A 37 11.60 -7.81 7.20
N LYS A 38 11.26 -6.81 6.39
CA LYS A 38 12.24 -6.09 5.62
C LYS A 38 12.73 -4.82 6.32
N TYR A 39 11.82 -4.08 6.93
CA TYR A 39 12.18 -2.80 7.55
C TYR A 39 12.03 -2.85 9.06
N GLY A 40 11.09 -3.67 9.53
CA GLY A 40 10.85 -3.77 10.95
C GLY A 40 9.86 -2.73 11.43
N VAL A 41 8.70 -2.69 10.79
CA VAL A 41 7.70 -1.68 11.07
C VAL A 41 6.43 -2.31 11.61
N ASP A 42 5.71 -1.55 12.42
CA ASP A 42 4.40 -1.96 12.89
C ASP A 42 3.35 -1.12 12.18
N THR A 43 2.40 -1.77 11.53
CA THR A 43 1.48 -1.09 10.63
C THR A 43 0.40 -0.29 11.37
N LYS A 44 0.23 -0.54 12.67
CA LYS A 44 -0.76 0.19 13.43
C LYS A 44 -0.24 1.58 13.77
N ASP A 45 1.07 1.75 13.64
CA ASP A 45 1.72 3.01 13.97
C ASP A 45 1.77 3.89 12.73
N LEU A 46 1.71 3.23 11.58
CA LEU A 46 1.71 3.92 10.30
C LEU A 46 0.44 4.75 10.14
N LYS A 47 0.62 6.05 10.00
CA LYS A 47 -0.49 6.97 9.87
C LYS A 47 -0.96 7.01 8.42
N ILE A 48 -2.02 6.28 8.13
CA ILE A 48 -2.53 6.23 6.77
C ILE A 48 -3.24 7.54 6.43
N LEU A 49 -2.72 8.18 5.40
CA LEU A 49 -3.20 9.48 4.97
C LEU A 49 -4.30 9.31 3.93
N LYS A 50 -4.05 8.40 2.99
CA LYS A 50 -4.92 8.23 1.85
C LYS A 50 -4.90 6.78 1.39
N THR A 51 -5.97 6.07 1.67
CA THR A 51 -6.14 4.74 1.14
C THR A 51 -6.79 4.83 -0.23
N SER A 52 -6.16 4.28 -1.24
CA SER A 52 -6.75 4.23 -2.57
C SER A 52 -6.08 3.16 -3.41
N GLU A 53 -6.50 3.04 -4.65
CA GLU A 53 -5.82 2.18 -5.59
C GLU A 53 -5.75 2.86 -6.94
N ASP A 54 -4.74 2.51 -7.70
CA ASP A 54 -4.50 3.09 -9.00
C ASP A 54 -3.87 2.05 -9.90
N LYS A 55 -4.48 1.82 -11.05
CA LYS A 55 -4.03 0.79 -11.97
C LYS A 55 -4.10 -0.59 -11.30
N ARG A 56 -3.07 -1.39 -11.54
CA ARG A 56 -3.01 -2.75 -11.03
C ARG A 56 -2.57 -2.79 -9.56
N PHE A 57 -2.55 -1.63 -8.90
CA PHE A 57 -1.90 -1.52 -7.60
C PHE A 57 -2.72 -0.73 -6.61
N TYR A 58 -2.53 -1.03 -5.33
CA TYR A 58 -3.07 -0.21 -4.25
C TYR A 58 -2.04 0.83 -3.85
N TYR A 59 -2.52 1.97 -3.37
CA TYR A 59 -1.62 3.03 -2.94
C TYR A 59 -2.00 3.52 -1.56
N VAL A 60 -1.30 3.03 -0.55
CA VAL A 60 -1.55 3.45 0.82
C VAL A 60 -0.52 4.48 1.24
N SER A 61 -0.86 5.75 1.06
CA SER A 61 0.02 6.84 1.46
C SER A 61 -0.06 7.00 2.97
N VAL A 62 1.09 6.94 3.64
CA VAL A 62 1.14 7.01 5.09
C VAL A 62 2.23 7.95 5.57
N ASP A 63 2.03 8.54 6.73
CA ASP A 63 3.07 9.31 7.38
C ASP A 63 3.89 8.36 8.24
N ALA A 64 5.17 8.23 7.90
CA ALA A 64 6.02 7.26 8.58
C ALA A 64 6.49 7.77 9.94
N GLY A 65 6.24 9.05 10.21
CA GLY A 65 6.64 9.63 11.48
C GLY A 65 8.07 10.11 11.47
N ASP A 66 8.89 9.46 10.65
CA ASP A 66 10.27 9.87 10.45
C ASP A 66 10.32 11.26 9.81
N GLY A 67 9.28 11.57 9.06
CA GLY A 67 9.21 12.85 8.39
C GLY A 67 8.76 12.68 6.96
N GLU A 68 9.07 11.53 6.39
CA GLU A 68 8.73 11.25 5.01
C GLU A 68 7.29 10.75 4.89
N LYS A 69 6.71 10.98 3.73
CA LYS A 69 5.38 10.49 3.43
C LYS A 69 5.52 9.29 2.51
N CYS A 70 5.18 8.13 3.04
CA CYS A 70 5.39 6.90 2.33
C CYS A 70 4.14 6.50 1.61
N LYS A 71 4.25 5.53 0.76
CA LYS A 71 3.13 5.10 -0.04
C LYS A 71 3.27 3.62 -0.30
N PHE A 72 2.61 2.82 0.54
CA PHE A 72 2.67 1.39 0.41
C PHE A 72 1.86 0.95 -0.79
N LYS A 73 2.53 0.89 -1.92
CA LYS A 73 1.92 0.46 -3.15
C LYS A 73 1.83 -1.06 -3.16
N ILE A 74 0.70 -1.54 -2.71
CA ILE A 74 0.47 -2.95 -2.63
C ILE A 74 0.02 -3.47 -3.98
N ARG A 75 0.91 -4.16 -4.65
CA ARG A 75 0.60 -4.77 -5.93
C ARG A 75 -0.42 -5.84 -5.71
N LYS A 76 -1.55 -5.70 -6.36
CA LYS A 76 -2.62 -6.67 -6.23
C LYS A 76 -2.17 -8.00 -6.82
N ASP A 77 -2.93 -9.05 -6.57
CA ASP A 77 -2.57 -10.40 -7.02
C ASP A 77 -2.66 -10.49 -8.54
N VAL A 78 -2.88 -9.34 -9.18
CA VAL A 78 -2.89 -9.23 -10.64
C VAL A 78 -1.58 -9.79 -11.20
N ASP A 79 -0.56 -9.59 -10.39
CA ASP A 79 0.79 -10.06 -10.66
C ASP A 79 1.58 -9.97 -9.37
N VAL A 80 2.05 -11.13 -8.91
CA VAL A 80 2.72 -11.30 -7.61
C VAL A 80 1.88 -10.79 -6.43
N PRO A 81 1.65 -11.67 -5.47
CA PRO A 81 0.86 -11.39 -4.28
C PRO A 81 1.65 -10.60 -3.24
N LYS A 82 2.31 -9.56 -3.67
CA LYS A 82 3.13 -8.76 -2.77
C LYS A 82 3.13 -7.31 -3.19
N MET A 83 3.20 -6.42 -2.21
CA MET A 83 3.34 -4.99 -2.46
C MET A 83 4.59 -4.74 -3.30
N VAL A 84 4.36 -4.37 -4.55
CA VAL A 84 5.45 -4.14 -5.49
C VAL A 84 6.38 -3.01 -5.01
N GLY A 85 5.80 -1.96 -4.45
CA GLY A 85 6.60 -0.81 -4.09
C GLY A 85 6.12 -0.13 -2.84
N ARG A 86 6.67 -0.54 -1.71
CA ARG A 86 6.46 0.17 -0.45
C ARG A 86 7.33 1.42 -0.45
N LYS A 87 7.09 2.26 -1.44
CA LYS A 87 7.97 3.36 -1.77
C LYS A 87 7.49 4.66 -1.14
N CYS A 88 8.32 5.24 -0.29
CA CYS A 88 8.01 6.54 0.28
C CYS A 88 8.44 7.62 -0.69
N ARG A 89 7.49 8.46 -1.03
CA ARG A 89 7.72 9.55 -1.95
C ARG A 89 7.03 10.76 -1.37
N LYS A 90 7.83 11.51 -0.64
CA LYS A 90 7.35 12.44 0.35
C LYS A 90 6.85 13.75 -0.26
N ASP A 91 7.75 14.49 -0.88
CA ASP A 91 7.39 15.79 -1.43
C ASP A 91 6.62 15.63 -2.73
N ASP A 92 6.93 14.56 -3.45
CA ASP A 92 6.19 14.22 -4.67
C ASP A 92 6.46 12.78 -5.04
N ASP A 93 5.46 12.09 -5.58
CA ASP A 93 5.62 10.70 -5.99
C ASP A 93 5.81 10.60 -7.50
N ASP A 94 5.63 11.73 -8.18
CA ASP A 94 5.89 11.86 -9.61
C ASP A 94 4.92 11.05 -10.47
N ASP A 95 5.12 9.74 -10.54
CA ASP A 95 4.36 8.89 -11.46
C ASP A 95 4.28 7.47 -10.91
N ASP A 96 4.07 6.50 -11.77
CA ASP A 96 3.98 5.09 -11.37
C ASP A 96 5.38 4.53 -11.14
N GLY A 97 5.50 3.21 -11.17
CA GLY A 97 6.79 2.58 -10.97
C GLY A 97 7.26 2.67 -9.54
N TYR A 98 6.81 1.74 -8.71
CA TYR A 98 7.24 1.68 -7.33
C TYR A 98 7.97 0.38 -7.09
N GLY A 1 -0.81 -12.13 1.51
CA GLY A 1 -0.58 -10.72 1.09
C GLY A 1 -1.65 -10.22 0.14
N SER A 2 -1.29 -10.08 -1.12
CA SER A 2 -2.23 -9.60 -2.13
C SER A 2 -3.12 -10.72 -2.65
N LEU A 3 -4.21 -10.95 -1.95
CA LEU A 3 -5.28 -11.81 -2.45
C LEU A 3 -6.51 -10.97 -2.66
N ILE A 4 -6.75 -10.53 -3.88
CA ILE A 4 -7.85 -9.62 -4.09
C ILE A 4 -8.27 -9.51 -5.56
N LEU A 5 -7.37 -9.87 -6.48
CA LEU A 5 -7.68 -9.79 -7.90
C LEU A 5 -7.67 -11.15 -8.58
N ASP A 6 -7.42 -12.20 -7.80
CA ASP A 6 -7.35 -13.58 -8.32
C ASP A 6 -6.16 -13.76 -9.26
N GLY A 7 -6.19 -13.02 -10.35
CA GLY A 7 -5.11 -13.02 -11.29
C GLY A 7 -5.29 -11.90 -12.30
N ASP A 8 -5.30 -10.66 -11.79
CA ASP A 8 -5.45 -9.46 -12.62
C ASP A 8 -6.91 -9.26 -13.06
N LEU A 9 -7.82 -9.85 -12.31
CA LEU A 9 -9.24 -9.63 -12.55
C LEU A 9 -9.74 -8.57 -11.58
N LEU A 10 -10.31 -7.49 -12.13
CA LEU A 10 -10.59 -6.26 -11.37
C LEU A 10 -11.13 -6.53 -9.96
N LYS A 11 -12.34 -7.08 -9.86
CA LYS A 11 -12.95 -7.41 -8.57
C LYS A 11 -13.26 -6.17 -7.72
N ASP A 12 -12.21 -5.50 -7.26
CA ASP A 12 -12.34 -4.45 -6.25
C ASP A 12 -13.24 -3.32 -6.71
N LYS A 13 -12.94 -2.76 -7.88
CA LYS A 13 -13.71 -1.66 -8.46
C LYS A 13 -13.84 -0.51 -7.46
N LEU A 14 -12.73 -0.18 -6.80
CA LEU A 14 -12.69 0.96 -5.89
C LEU A 14 -12.93 2.26 -6.65
N LYS A 15 -11.87 2.84 -7.21
CA LYS A 15 -11.97 4.04 -8.01
C LYS A 15 -12.69 5.14 -7.23
N LEU A 16 -12.10 5.52 -6.12
CA LEU A 16 -12.75 6.43 -5.18
C LEU A 16 -11.78 7.50 -4.72
N PRO A 17 -12.27 8.49 -3.92
CA PRO A 17 -11.39 9.41 -3.17
C PRO A 17 -10.56 8.66 -2.14
N VAL A 18 -10.17 9.33 -1.08
CA VAL A 18 -9.45 8.68 0.01
C VAL A 18 -10.29 7.54 0.58
N ILE A 19 -9.87 6.34 0.25
CA ILE A 19 -10.55 5.13 0.66
C ILE A 19 -10.41 4.97 2.18
N ASP A 20 -11.34 4.22 2.77
CA ASP A 20 -11.36 4.03 4.23
C ASP A 20 -9.99 3.64 4.75
N ASN A 21 -9.57 4.30 5.82
CA ASN A 21 -8.28 3.99 6.44
C ASN A 21 -8.32 2.61 7.05
N LEU A 22 -9.52 2.16 7.40
CA LEU A 22 -9.74 0.80 7.88
C LEU A 22 -9.40 -0.19 6.77
N PHE A 23 -9.95 0.07 5.59
CA PHE A 23 -9.68 -0.76 4.41
C PHE A 23 -8.19 -0.73 4.10
N GLY A 24 -7.59 0.44 4.28
CA GLY A 24 -6.16 0.57 4.12
C GLY A 24 -5.43 -0.24 5.17
N LYS A 25 -5.86 -0.11 6.41
CA LYS A 25 -5.29 -0.86 7.51
C LYS A 25 -5.33 -2.35 7.22
N GLU A 26 -6.39 -2.81 6.58
CA GLU A 26 -6.53 -4.19 6.16
C GLU A 26 -5.41 -4.60 5.21
N LEU A 27 -5.17 -3.74 4.22
CA LEU A 27 -4.05 -3.93 3.30
C LEU A 27 -2.74 -4.12 4.08
N LEU A 28 -2.36 -3.07 4.80
CA LEU A 28 -1.09 -3.05 5.53
C LEU A 28 -1.02 -4.18 6.54
N ASP A 29 -2.16 -4.54 7.09
CA ASP A 29 -2.26 -5.60 8.09
C ASP A 29 -1.76 -6.93 7.53
N LYS A 30 -2.09 -7.20 6.28
CA LYS A 30 -1.70 -8.44 5.63
C LYS A 30 -0.23 -8.41 5.26
N PHE A 31 0.28 -7.24 4.94
CA PHE A 31 1.68 -7.08 4.55
C PHE A 31 2.52 -6.64 5.73
N GLN A 32 1.92 -6.63 6.90
CA GLN A 32 2.57 -6.23 8.12
C GLN A 32 3.86 -7.02 8.34
N ASP A 33 3.82 -8.30 8.01
CA ASP A 33 4.98 -9.17 8.14
C ASP A 33 6.08 -8.73 7.19
N ASP A 34 5.68 -8.34 5.99
CA ASP A 34 6.64 -7.97 4.95
C ASP A 34 7.20 -6.57 5.22
N ILE A 35 6.35 -5.70 5.71
CA ILE A 35 6.75 -4.36 6.10
C ILE A 35 7.63 -4.41 7.34
N LYS A 36 7.46 -5.45 8.12
CA LYS A 36 8.28 -5.65 9.30
C LYS A 36 9.58 -6.33 8.92
N ASP A 37 9.51 -7.10 7.86
CA ASP A 37 10.70 -7.69 7.26
C ASP A 37 11.55 -6.62 6.60
N LYS A 38 10.90 -5.76 5.82
CA LYS A 38 11.57 -4.73 5.06
C LYS A 38 11.98 -3.53 5.93
N TYR A 39 11.11 -3.14 6.85
CA TYR A 39 11.39 -1.99 7.72
C TYR A 39 11.53 -2.42 9.17
N GLY A 40 10.58 -3.23 9.62
CA GLY A 40 10.49 -3.57 11.02
C GLY A 40 9.36 -2.83 11.70
N VAL A 41 8.25 -2.69 10.99
CA VAL A 41 7.12 -1.93 11.48
C VAL A 41 5.95 -2.86 11.84
N ASP A 42 5.14 -2.43 12.79
CA ASP A 42 3.96 -3.18 13.21
C ASP A 42 2.73 -2.71 12.44
N THR A 43 2.99 -1.90 11.41
CA THR A 43 1.99 -1.18 10.59
C THR A 43 1.06 -0.27 11.41
N LYS A 44 0.88 -0.58 12.69
CA LYS A 44 0.04 0.21 13.56
C LYS A 44 0.71 1.54 13.90
N ASP A 45 1.99 1.64 13.57
CA ASP A 45 2.75 2.85 13.78
C ASP A 45 2.52 3.79 12.63
N LEU A 46 2.52 3.19 11.45
CA LEU A 46 2.26 3.90 10.21
C LEU A 46 0.86 4.48 10.22
N LYS A 47 0.77 5.79 10.38
CA LYS A 47 -0.52 6.47 10.34
C LYS A 47 -0.94 6.66 8.90
N ILE A 48 -2.04 6.03 8.53
CA ILE A 48 -2.51 6.08 7.16
C ILE A 48 -3.10 7.45 6.83
N LEU A 49 -2.62 8.02 5.76
CA LEU A 49 -3.03 9.33 5.31
C LEU A 49 -4.09 9.21 4.24
N LYS A 50 -3.78 8.41 3.23
CA LYS A 50 -4.61 8.30 2.06
C LYS A 50 -4.59 6.88 1.53
N THR A 51 -5.65 6.14 1.80
CA THR A 51 -5.84 4.84 1.20
C THR A 51 -6.36 5.03 -0.21
N SER A 52 -5.65 4.53 -1.19
CA SER A 52 -6.07 4.66 -2.57
C SER A 52 -5.54 3.53 -3.42
N GLU A 53 -5.83 3.58 -4.71
CA GLU A 53 -5.33 2.62 -5.66
C GLU A 53 -5.48 3.16 -7.07
N ASP A 54 -4.72 2.59 -8.00
CA ASP A 54 -4.74 3.05 -9.39
C ASP A 54 -5.54 2.08 -10.25
N LYS A 55 -4.88 1.04 -10.71
CA LYS A 55 -5.55 -0.04 -11.41
C LYS A 55 -5.08 -1.37 -10.84
N ARG A 56 -3.91 -1.82 -11.24
CA ARG A 56 -3.37 -3.07 -10.76
C ARG A 56 -2.57 -2.85 -9.48
N PHE A 57 -2.78 -1.72 -8.83
CA PHE A 57 -1.93 -1.31 -7.73
C PHE A 57 -2.70 -0.57 -6.64
N TYR A 58 -2.43 -0.92 -5.39
CA TYR A 58 -2.91 -0.16 -4.25
C TYR A 58 -1.83 0.82 -3.81
N TYR A 59 -2.25 1.94 -3.23
CA TYR A 59 -1.33 2.95 -2.74
C TYR A 59 -1.77 3.46 -1.39
N VAL A 60 -1.03 3.12 -0.35
CA VAL A 60 -1.32 3.60 0.99
C VAL A 60 -0.24 4.57 1.45
N SER A 61 -0.60 5.85 1.51
CA SER A 61 0.31 6.86 2.00
C SER A 61 0.25 6.89 3.53
N VAL A 62 1.40 6.87 4.18
CA VAL A 62 1.46 6.78 5.64
C VAL A 62 2.48 7.74 6.23
N ASP A 63 2.18 8.22 7.43
CA ASP A 63 3.12 9.03 8.21
C ASP A 63 3.96 8.11 9.07
N ALA A 64 5.26 8.03 8.78
CA ALA A 64 6.13 7.10 9.47
C ALA A 64 6.99 7.79 10.52
N GLY A 65 7.86 8.68 10.07
CA GLY A 65 8.74 9.37 10.99
C GLY A 65 8.09 10.59 11.60
N ASP A 66 8.78 11.71 11.55
CA ASP A 66 8.22 12.97 12.05
C ASP A 66 7.76 13.83 10.88
N GLY A 67 8.09 13.38 9.67
CA GLY A 67 7.68 14.10 8.49
C GLY A 67 7.57 13.19 7.27
N GLU A 68 8.44 12.18 7.20
CA GLU A 68 8.49 11.28 6.06
C GLU A 68 7.18 10.54 5.90
N LYS A 69 6.73 10.44 4.66
CA LYS A 69 5.43 9.88 4.35
C LYS A 69 5.54 8.97 3.15
N CYS A 70 5.46 7.69 3.42
CA CYS A 70 5.68 6.67 2.40
C CYS A 70 4.35 6.22 1.83
N LYS A 71 4.37 5.86 0.57
CA LYS A 71 3.18 5.34 -0.09
C LYS A 71 3.44 3.89 -0.48
N PHE A 72 2.88 2.97 0.30
CA PHE A 72 3.07 1.55 0.05
C PHE A 72 2.37 1.14 -1.23
N LYS A 73 3.12 0.49 -2.10
CA LYS A 73 2.61 0.12 -3.41
C LYS A 73 2.21 -1.33 -3.41
N ILE A 74 1.01 -1.58 -2.96
CA ILE A 74 0.51 -2.93 -2.88
C ILE A 74 -0.02 -3.35 -4.24
N ARG A 75 0.86 -3.93 -5.04
CA ARG A 75 0.47 -4.48 -6.32
C ARG A 75 -0.58 -5.53 -6.07
N LYS A 76 -1.77 -5.30 -6.60
CA LYS A 76 -2.88 -6.21 -6.36
C LYS A 76 -2.56 -7.60 -6.88
N ASP A 77 -3.46 -8.56 -6.61
CA ASP A 77 -3.27 -9.94 -7.03
C ASP A 77 -3.44 -10.07 -8.54
N VAL A 78 -2.55 -9.44 -9.27
CA VAL A 78 -2.54 -9.49 -10.71
C VAL A 78 -1.51 -10.49 -11.18
N ASP A 79 -0.75 -10.98 -10.22
CA ASP A 79 0.41 -11.82 -10.49
C ASP A 79 1.00 -12.31 -9.17
N VAL A 80 1.45 -11.37 -8.35
CA VAL A 80 2.02 -11.71 -7.05
C VAL A 80 0.99 -11.61 -5.95
N PRO A 81 1.17 -12.42 -4.90
CA PRO A 81 0.39 -12.34 -3.68
C PRO A 81 1.03 -11.40 -2.68
N LYS A 82 1.69 -10.38 -3.18
CA LYS A 82 2.49 -9.51 -2.34
C LYS A 82 2.53 -8.10 -2.90
N MET A 83 3.45 -7.31 -2.38
CA MET A 83 3.64 -5.94 -2.84
C MET A 83 4.77 -5.92 -3.85
N VAL A 84 4.50 -5.34 -5.01
CA VAL A 84 5.57 -5.04 -5.97
C VAL A 84 6.66 -4.22 -5.28
N GLY A 85 6.24 -3.39 -4.34
CA GLY A 85 7.17 -2.57 -3.62
C GLY A 85 6.47 -1.48 -2.86
N ARG A 86 7.10 -0.33 -2.81
CA ARG A 86 6.63 0.82 -2.06
C ARG A 86 7.68 1.90 -2.20
N LYS A 87 7.27 3.15 -2.18
CA LYS A 87 8.22 4.20 -2.39
C LYS A 87 7.83 5.45 -1.62
N CYS A 88 8.72 5.89 -0.75
CA CYS A 88 8.52 7.13 -0.03
C CYS A 88 9.10 8.26 -0.87
N ARG A 89 8.33 9.31 -1.06
CA ARG A 89 8.72 10.37 -1.96
C ARG A 89 8.72 11.71 -1.23
N LYS A 90 9.02 11.63 0.05
CA LYS A 90 9.18 12.81 0.89
C LYS A 90 10.49 13.48 0.54
N ASP A 91 11.49 12.65 0.27
CA ASP A 91 12.83 13.11 -0.10
C ASP A 91 12.76 14.08 -1.28
N ASP A 92 12.34 13.58 -2.44
CA ASP A 92 12.16 14.43 -3.61
C ASP A 92 11.23 13.78 -4.62
N ASP A 93 11.79 12.97 -5.50
CA ASP A 93 11.01 12.34 -6.56
C ASP A 93 11.67 11.03 -6.99
N ASP A 94 10.91 10.16 -7.62
CA ASP A 94 11.41 8.83 -7.98
C ASP A 94 10.80 8.35 -9.29
N ASP A 95 11.60 7.65 -10.08
CA ASP A 95 11.14 7.06 -11.34
C ASP A 95 11.70 5.65 -11.49
N ASP A 96 10.79 4.68 -11.52
CA ASP A 96 11.15 3.25 -11.61
C ASP A 96 9.90 2.43 -11.85
N GLY A 97 8.92 2.69 -11.02
CA GLY A 97 7.63 2.04 -11.12
C GLY A 97 6.64 2.82 -10.30
N TYR A 98 6.08 2.18 -9.27
CA TYR A 98 5.37 2.88 -8.20
C TYR A 98 4.41 3.96 -8.72
N GLY A 1 3.58 -11.94 2.14
CA GLY A 1 2.70 -12.30 1.01
C GLY A 1 1.56 -11.32 0.84
N SER A 2 1.10 -11.15 -0.40
CA SER A 2 -0.03 -10.29 -0.69
C SER A 2 -1.24 -11.15 -1.07
N LEU A 3 -2.35 -10.92 -0.40
CA LEU A 3 -3.58 -11.65 -0.67
C LEU A 3 -4.70 -10.67 -0.93
N ILE A 4 -5.15 -10.57 -2.17
CA ILE A 4 -6.24 -9.66 -2.49
C ILE A 4 -6.69 -9.72 -3.95
N LEU A 5 -6.01 -10.48 -4.80
CA LEU A 5 -6.32 -10.42 -6.22
C LEU A 5 -6.17 -11.78 -6.93
N ASP A 6 -5.45 -12.72 -6.31
CA ASP A 6 -5.32 -14.09 -6.82
C ASP A 6 -4.60 -14.15 -8.16
N GLY A 7 -4.01 -13.03 -8.57
CA GLY A 7 -3.43 -12.95 -9.90
C GLY A 7 -4.50 -12.91 -10.97
N ASP A 8 -5.71 -12.58 -10.57
CA ASP A 8 -6.86 -12.56 -11.47
C ASP A 8 -7.22 -11.12 -11.85
N LEU A 9 -7.05 -10.22 -10.88
CA LEU A 9 -7.25 -8.78 -11.08
C LEU A 9 -8.72 -8.40 -11.27
N LEU A 10 -9.26 -7.75 -10.26
CA LEU A 10 -10.57 -7.13 -10.37
C LEU A 10 -10.40 -5.61 -10.39
N LYS A 11 -10.21 -5.06 -11.58
CA LYS A 11 -9.87 -3.65 -11.70
C LYS A 11 -11.11 -2.79 -11.90
N ASP A 12 -12.27 -3.36 -11.64
CA ASP A 12 -13.52 -2.63 -11.73
C ASP A 12 -13.85 -1.94 -10.40
N LYS A 13 -13.41 -2.54 -9.31
CA LYS A 13 -13.72 -2.04 -7.98
C LYS A 13 -12.79 -0.92 -7.57
N LEU A 14 -11.62 -0.85 -8.21
CA LEU A 14 -10.57 0.07 -7.80
C LEU A 14 -10.73 1.43 -8.49
N LYS A 15 -11.95 1.92 -8.48
CA LYS A 15 -12.29 3.18 -9.12
C LYS A 15 -12.73 4.19 -8.07
N LEU A 16 -12.31 3.95 -6.85
CA LEU A 16 -12.75 4.75 -5.71
C LEU A 16 -11.80 5.92 -5.47
N PRO A 17 -12.32 6.99 -4.84
CA PRO A 17 -11.51 8.11 -4.37
C PRO A 17 -10.68 7.72 -3.15
N VAL A 18 -10.37 8.70 -2.30
CA VAL A 18 -9.70 8.40 -1.04
C VAL A 18 -10.50 7.37 -0.25
N ILE A 19 -9.93 6.18 -0.20
CA ILE A 19 -10.52 5.05 0.46
C ILE A 19 -10.37 5.20 1.97
N ASP A 20 -11.31 4.65 2.73
CA ASP A 20 -11.31 4.82 4.19
C ASP A 20 -10.00 4.34 4.79
N ASN A 21 -9.50 5.11 5.77
CA ASN A 21 -8.22 4.81 6.40
C ASN A 21 -8.21 3.43 7.08
N LEU A 22 -9.37 2.92 7.44
CA LEU A 22 -9.48 1.59 8.02
C LEU A 22 -9.20 0.54 6.96
N PHE A 23 -9.70 0.74 5.75
CA PHE A 23 -9.49 -0.20 4.66
C PHE A 23 -8.00 -0.34 4.36
N GLY A 24 -7.31 0.79 4.31
CA GLY A 24 -5.89 0.77 4.09
C GLY A 24 -5.15 0.15 5.26
N LYS A 25 -5.72 0.31 6.45
CA LYS A 25 -5.15 -0.25 7.66
C LYS A 25 -5.29 -1.76 7.61
N GLU A 26 -6.42 -2.22 7.08
CA GLU A 26 -6.66 -3.61 6.83
C GLU A 26 -5.61 -4.18 5.90
N LEU A 27 -5.35 -3.47 4.81
CA LEU A 27 -4.24 -3.79 3.91
C LEU A 27 -2.95 -3.94 4.69
N LEU A 28 -2.49 -2.82 5.26
CA LEU A 28 -1.28 -2.77 6.05
C LEU A 28 -1.25 -3.84 7.13
N ASP A 29 -2.40 -4.23 7.64
CA ASP A 29 -2.47 -5.26 8.68
C ASP A 29 -2.21 -6.65 8.09
N LYS A 30 -2.86 -6.94 6.96
CA LYS A 30 -2.65 -8.22 6.27
C LYS A 30 -1.22 -8.33 5.75
N PHE A 31 -0.76 -7.26 5.11
CA PHE A 31 0.53 -7.25 4.46
C PHE A 31 1.60 -6.74 5.42
N GLN A 32 1.26 -6.66 6.69
CA GLN A 32 2.16 -6.19 7.71
C GLN A 32 3.45 -7.00 7.72
N ASP A 33 3.32 -8.31 7.76
CA ASP A 33 4.48 -9.18 7.79
C ASP A 33 5.05 -9.39 6.40
N ASP A 34 4.57 -8.59 5.44
CA ASP A 34 5.19 -8.52 4.12
C ASP A 34 6.00 -7.23 4.06
N ILE A 35 5.40 -6.18 4.56
CA ILE A 35 6.05 -4.88 4.70
C ILE A 35 7.17 -4.95 5.74
N LYS A 36 6.92 -5.69 6.80
CA LYS A 36 7.87 -5.86 7.88
C LYS A 36 8.87 -6.94 7.52
N ASP A 37 8.47 -7.81 6.62
CA ASP A 37 9.38 -8.78 6.02
C ASP A 37 10.39 -8.08 5.13
N LYS A 38 9.88 -7.30 4.18
CA LYS A 38 10.71 -6.61 3.21
C LYS A 38 11.50 -5.48 3.84
N TYR A 39 10.82 -4.61 4.58
CA TYR A 39 11.43 -3.36 5.02
C TYR A 39 11.55 -3.27 6.53
N GLY A 40 11.00 -4.24 7.25
CA GLY A 40 11.05 -4.22 8.70
C GLY A 40 10.22 -3.10 9.29
N VAL A 41 9.16 -2.72 8.59
CA VAL A 41 8.31 -1.63 9.02
C VAL A 41 7.08 -2.16 9.74
N ASP A 42 6.60 -1.40 10.70
CA ASP A 42 5.39 -1.76 11.41
C ASP A 42 4.23 -0.93 10.90
N THR A 43 3.16 -1.58 10.51
CA THR A 43 2.05 -0.90 9.89
C THR A 43 1.04 -0.38 10.91
N LYS A 44 1.09 -0.94 12.10
CA LYS A 44 0.24 -0.51 13.19
C LYS A 44 0.66 0.89 13.62
N ASP A 45 1.98 1.08 13.65
CA ASP A 45 2.61 2.37 13.97
C ASP A 45 2.20 3.47 12.99
N LEU A 46 1.90 3.08 11.75
CA LEU A 46 1.60 4.03 10.68
C LEU A 46 0.26 4.73 10.91
N LYS A 47 0.17 5.96 10.42
CA LYS A 47 -1.09 6.71 10.40
C LYS A 47 -1.51 6.95 8.96
N ILE A 48 -2.69 6.47 8.60
CA ILE A 48 -3.14 6.59 7.21
C ILE A 48 -3.81 7.94 6.95
N LEU A 49 -3.39 8.55 5.87
CA LEU A 49 -3.87 9.86 5.47
C LEU A 49 -4.90 9.71 4.35
N LYS A 50 -4.51 8.98 3.32
CA LYS A 50 -5.33 8.81 2.14
C LYS A 50 -5.11 7.43 1.55
N THR A 51 -6.15 6.61 1.55
CA THR A 51 -6.06 5.31 0.94
C THR A 51 -6.51 5.41 -0.51
N SER A 52 -5.82 4.73 -1.40
CA SER A 52 -6.23 4.66 -2.80
C SER A 52 -5.61 3.42 -3.43
N GLU A 53 -5.82 3.25 -4.72
CA GLU A 53 -5.26 2.10 -5.41
C GLU A 53 -5.26 2.29 -6.92
N ASP A 54 -4.29 1.65 -7.55
CA ASP A 54 -4.19 1.59 -9.00
C ASP A 54 -4.76 0.25 -9.46
N LYS A 55 -4.41 -0.21 -10.64
CA LYS A 55 -4.89 -1.50 -11.12
C LYS A 55 -4.17 -2.61 -10.35
N ARG A 56 -2.89 -2.77 -10.64
CA ARG A 56 -2.10 -3.85 -10.07
C ARG A 56 -1.51 -3.44 -8.72
N PHE A 57 -1.99 -2.34 -8.16
CA PHE A 57 -1.32 -1.74 -7.01
C PHE A 57 -2.31 -1.12 -6.03
N TYR A 58 -1.89 -1.06 -4.77
CA TYR A 58 -2.56 -0.26 -3.76
C TYR A 58 -1.66 0.93 -3.41
N TYR A 59 -2.27 2.06 -3.09
CA TYR A 59 -1.53 3.25 -2.72
C TYR A 59 -2.08 3.84 -1.43
N VAL A 60 -1.45 3.49 -0.31
CA VAL A 60 -1.92 3.94 0.99
C VAL A 60 -1.03 5.04 1.53
N SER A 61 -1.45 6.29 1.36
CA SER A 61 -0.68 7.44 1.84
C SER A 61 -0.72 7.47 3.36
N VAL A 62 0.43 7.29 3.99
CA VAL A 62 0.51 7.31 5.43
C VAL A 62 1.62 8.23 5.91
N ASP A 63 1.45 8.76 7.10
CA ASP A 63 2.47 9.53 7.76
C ASP A 63 3.40 8.56 8.46
N ALA A 64 4.66 8.52 8.03
CA ALA A 64 5.59 7.53 8.54
C ALA A 64 6.07 7.90 9.94
N GLY A 65 5.83 9.14 10.34
CA GLY A 65 6.23 9.60 11.67
C GLY A 65 7.71 9.95 11.72
N ASP A 66 8.53 9.10 11.11
CA ASP A 66 9.98 9.29 11.07
C ASP A 66 10.33 10.63 10.43
N GLY A 67 9.49 11.09 9.52
CA GLY A 67 9.72 12.37 8.89
C GLY A 67 9.24 12.40 7.45
N GLU A 68 9.07 11.22 6.86
CA GLU A 68 8.65 11.14 5.48
C GLU A 68 7.18 10.75 5.33
N LYS A 69 6.66 10.92 4.13
CA LYS A 69 5.29 10.55 3.82
C LYS A 69 5.31 9.38 2.84
N CYS A 70 4.77 8.25 3.25
CA CYS A 70 4.84 7.04 2.45
C CYS A 70 3.47 6.65 1.93
N LYS A 71 3.30 6.70 0.63
CA LYS A 71 2.11 6.18 0.00
C LYS A 71 2.34 4.70 -0.32
N PHE A 72 2.09 3.85 0.67
CA PHE A 72 2.41 2.42 0.57
C PHE A 72 1.94 1.83 -0.74
N LYS A 73 2.91 1.38 -1.52
CA LYS A 73 2.65 0.88 -2.85
C LYS A 73 2.51 -0.63 -2.80
N ILE A 74 1.43 -1.07 -2.20
CA ILE A 74 1.20 -2.49 -2.04
C ILE A 74 0.79 -3.08 -3.37
N ARG A 75 1.78 -3.54 -4.11
CA ARG A 75 1.53 -4.28 -5.34
C ARG A 75 0.54 -5.37 -5.02
N LYS A 76 -0.62 -5.31 -5.64
CA LYS A 76 -1.64 -6.29 -5.38
C LYS A 76 -1.13 -7.69 -5.69
N ASP A 77 -1.86 -8.68 -5.24
CA ASP A 77 -1.55 -10.06 -5.57
C ASP A 77 -1.82 -10.30 -7.05
N VAL A 78 -0.90 -9.78 -7.87
CA VAL A 78 -0.97 -9.93 -9.31
C VAL A 78 0.03 -10.97 -9.77
N ASP A 79 -0.46 -12.21 -9.91
CA ASP A 79 0.37 -13.37 -10.22
C ASP A 79 1.21 -13.75 -9.00
N VAL A 80 2.07 -12.84 -8.56
CA VAL A 80 2.85 -13.04 -7.36
C VAL A 80 2.27 -12.22 -6.21
N PRO A 81 2.29 -12.81 -5.02
CA PRO A 81 1.74 -12.18 -3.82
C PRO A 81 2.77 -11.38 -3.02
N LYS A 82 3.00 -10.12 -3.39
CA LYS A 82 3.92 -9.29 -2.62
C LYS A 82 3.79 -7.82 -2.96
N MET A 83 4.14 -6.98 -1.99
CA MET A 83 4.10 -5.54 -2.18
C MET A 83 5.38 -5.08 -2.88
N VAL A 84 5.22 -4.44 -4.03
CA VAL A 84 6.36 -3.97 -4.81
C VAL A 84 7.20 -2.96 -4.04
N GLY A 85 6.56 -2.09 -3.28
CA GLY A 85 7.27 -1.11 -2.53
C GLY A 85 6.37 -0.18 -1.76
N ARG A 86 6.87 1.02 -1.51
CA ARG A 86 6.17 1.98 -0.67
C ARG A 86 6.55 3.35 -1.14
N LYS A 87 5.58 4.18 -1.45
CA LYS A 87 5.85 5.52 -1.96
C LYS A 87 6.29 6.43 -0.80
N CYS A 88 7.32 5.98 -0.11
CA CYS A 88 8.01 6.77 0.90
C CYS A 88 8.82 7.84 0.21
N ARG A 89 9.75 8.46 0.94
CA ARG A 89 10.58 9.49 0.37
C ARG A 89 9.68 10.68 0.01
N LYS A 90 9.63 11.66 0.89
CA LYS A 90 8.58 12.68 0.86
C LYS A 90 8.54 13.44 -0.46
N ASP A 91 9.63 13.43 -1.21
CA ASP A 91 9.69 14.10 -2.50
C ASP A 91 10.09 13.12 -3.59
N ASP A 92 10.36 13.62 -4.79
CA ASP A 92 10.77 12.76 -5.89
C ASP A 92 12.18 12.22 -5.66
N ASP A 93 12.23 11.05 -5.02
CA ASP A 93 13.49 10.42 -4.67
C ASP A 93 13.41 8.92 -4.97
N ASP A 94 12.38 8.57 -5.73
CA ASP A 94 12.13 7.18 -6.10
C ASP A 94 12.70 6.86 -7.47
N ASP A 95 12.63 5.59 -7.85
CA ASP A 95 13.22 5.12 -9.10
C ASP A 95 12.43 3.94 -9.65
N ASP A 96 13.12 3.05 -10.36
CA ASP A 96 12.52 1.84 -10.92
C ASP A 96 11.83 1.03 -9.83
N GLY A 97 12.39 1.08 -8.63
CA GLY A 97 11.77 0.44 -7.49
C GLY A 97 10.55 1.20 -7.03
N TYR A 98 9.45 0.46 -6.81
CA TYR A 98 8.16 1.03 -6.45
C TYR A 98 7.77 2.18 -7.39
N GLY A 1 3.38 -10.97 1.43
CA GLY A 1 2.49 -11.09 0.25
C GLY A 1 1.60 -9.89 0.09
N SER A 2 0.94 -9.79 -1.06
CA SER A 2 -0.01 -8.72 -1.31
C SER A 2 -1.43 -9.27 -1.31
N LEU A 3 -1.55 -10.60 -1.47
CA LEU A 3 -2.83 -11.31 -1.31
C LEU A 3 -3.93 -10.69 -2.16
N ILE A 4 -5.17 -10.86 -1.69
CA ILE A 4 -6.31 -10.12 -2.24
C ILE A 4 -6.81 -10.73 -3.55
N LEU A 5 -5.92 -10.83 -4.53
CA LEU A 5 -6.27 -11.43 -5.81
C LEU A 5 -5.67 -12.82 -5.92
N ASP A 6 -4.42 -12.94 -5.49
CA ASP A 6 -3.69 -14.21 -5.54
C ASP A 6 -3.56 -14.70 -6.97
N GLY A 7 -2.72 -14.01 -7.73
CA GLY A 7 -2.56 -14.31 -9.13
C GLY A 7 -3.81 -14.05 -9.94
N ASP A 8 -4.59 -13.07 -9.52
CA ASP A 8 -5.85 -12.76 -10.19
C ASP A 8 -5.99 -11.24 -10.36
N LEU A 9 -7.22 -10.75 -10.45
CA LEU A 9 -7.48 -9.35 -10.78
C LEU A 9 -8.82 -8.90 -10.21
N LEU A 10 -9.09 -7.61 -10.31
CA LEU A 10 -10.36 -7.05 -9.91
C LEU A 10 -10.79 -5.98 -10.92
N LYS A 11 -11.94 -6.19 -11.53
CA LYS A 11 -12.40 -5.33 -12.60
C LYS A 11 -13.45 -4.36 -12.10
N ASP A 12 -14.03 -4.67 -10.95
CA ASP A 12 -15.06 -3.84 -10.35
C ASP A 12 -14.47 -2.86 -9.36
N LYS A 13 -13.36 -3.27 -8.73
CA LYS A 13 -12.63 -2.42 -7.78
C LYS A 13 -13.52 -1.95 -6.62
N LEU A 14 -13.02 -1.00 -5.84
CA LEU A 14 -13.75 -0.50 -4.69
C LEU A 14 -14.64 0.68 -5.05
N LYS A 15 -14.01 1.84 -5.25
CA LYS A 15 -14.75 3.10 -5.36
C LYS A 15 -13.82 4.27 -5.69
N LEU A 16 -14.29 5.49 -5.44
CA LEU A 16 -13.57 6.71 -5.78
C LEU A 16 -12.30 6.89 -4.95
N PRO A 17 -11.46 7.86 -5.33
CA PRO A 17 -10.22 8.20 -4.61
C PRO A 17 -10.41 8.36 -3.09
N VAL A 18 -9.28 8.24 -2.39
CA VAL A 18 -9.21 8.20 -0.92
C VAL A 18 -10.32 7.37 -0.27
N ILE A 19 -9.90 6.21 0.17
CA ILE A 19 -10.78 5.20 0.74
C ILE A 19 -10.91 5.44 2.25
N ASP A 20 -11.65 4.57 2.95
CA ASP A 20 -11.96 4.72 4.38
C ASP A 20 -10.71 4.77 5.26
N ASN A 21 -9.54 4.58 4.66
CA ASN A 21 -8.26 4.50 5.38
C ASN A 21 -8.14 3.20 6.17
N LEU A 22 -9.21 2.82 6.84
CA LEU A 22 -9.29 1.56 7.56
C LEU A 22 -9.09 0.39 6.60
N PHE A 23 -9.53 0.55 5.36
CA PHE A 23 -9.32 -0.48 4.34
C PHE A 23 -7.83 -0.62 4.07
N GLY A 24 -7.11 0.49 4.11
CA GLY A 24 -5.68 0.45 3.92
C GLY A 24 -4.98 -0.04 5.16
N LYS A 25 -5.61 0.19 6.29
CA LYS A 25 -5.14 -0.30 7.58
C LYS A 25 -5.21 -1.82 7.57
N GLU A 26 -6.26 -2.32 6.95
CA GLU A 26 -6.46 -3.74 6.71
C GLU A 26 -5.35 -4.30 5.82
N LEU A 27 -5.11 -3.61 4.71
CA LEU A 27 -4.00 -3.95 3.82
C LEU A 27 -2.71 -4.09 4.62
N LEU A 28 -2.24 -2.96 5.14
CA LEU A 28 -1.02 -2.90 5.93
C LEU A 28 -1.03 -3.88 7.10
N ASP A 29 -2.20 -4.24 7.59
CA ASP A 29 -2.31 -5.21 8.68
C ASP A 29 -1.86 -6.60 8.23
N LYS A 30 -2.38 -7.03 7.09
CA LYS A 30 -2.02 -8.34 6.55
C LYS A 30 -0.58 -8.35 6.07
N PHE A 31 -0.17 -7.26 5.44
CA PHE A 31 1.13 -7.18 4.81
C PHE A 31 2.17 -6.64 5.79
N GLN A 32 1.74 -6.41 7.03
CA GLN A 32 2.62 -5.94 8.07
C GLN A 32 3.81 -6.86 8.22
N ASP A 33 3.56 -8.16 8.14
CA ASP A 33 4.61 -9.16 8.27
C ASP A 33 5.61 -9.07 7.12
N ASP A 34 5.16 -8.57 5.98
CA ASP A 34 6.02 -8.45 4.81
C ASP A 34 6.80 -7.15 4.87
N ILE A 35 6.12 -6.10 5.30
CA ILE A 35 6.74 -4.80 5.47
C ILE A 35 7.73 -4.81 6.63
N LYS A 36 7.42 -5.59 7.65
CA LYS A 36 8.31 -5.76 8.79
C LYS A 36 9.45 -6.68 8.39
N ASP A 37 9.14 -7.61 7.50
CA ASP A 37 10.11 -8.53 6.93
C ASP A 37 11.22 -7.79 6.21
N LYS A 38 10.88 -6.69 5.56
CA LYS A 38 11.82 -5.98 4.72
C LYS A 38 12.32 -4.69 5.35
N TYR A 39 11.54 -4.10 6.25
CA TYR A 39 11.89 -2.82 6.84
C TYR A 39 11.85 -2.85 8.37
N GLY A 40 10.95 -3.66 8.91
CA GLY A 40 10.74 -3.68 10.35
C GLY A 40 9.84 -2.55 10.78
N VAL A 41 8.60 -2.59 10.30
CA VAL A 41 7.66 -1.50 10.53
C VAL A 41 6.42 -1.99 11.27
N ASP A 42 5.80 -1.10 12.02
CA ASP A 42 4.52 -1.36 12.65
C ASP A 42 3.44 -0.55 11.95
N THR A 43 2.58 -1.24 11.23
CA THR A 43 1.57 -0.60 10.40
C THR A 43 0.47 0.05 11.22
N LYS A 44 0.44 -0.24 12.51
CA LYS A 44 -0.53 0.35 13.40
C LYS A 44 -0.11 1.78 13.76
N ASP A 45 1.19 2.00 13.86
CA ASP A 45 1.73 3.33 14.14
C ASP A 45 1.66 4.18 12.89
N LEU A 46 1.72 3.50 11.75
CA LEU A 46 1.59 4.14 10.44
C LEU A 46 0.30 4.95 10.35
N LYS A 47 0.45 6.25 10.20
CA LYS A 47 -0.69 7.14 10.06
C LYS A 47 -1.13 7.22 8.61
N ILE A 48 -2.27 6.62 8.29
CA ILE A 48 -2.75 6.59 6.93
C ILE A 48 -3.42 7.90 6.57
N LEU A 49 -2.91 8.54 5.53
CA LEU A 49 -3.37 9.83 5.08
C LEU A 49 -4.39 9.66 3.96
N LYS A 50 -3.99 8.89 2.95
CA LYS A 50 -4.79 8.69 1.78
C LYS A 50 -4.66 7.26 1.30
N THR A 51 -5.70 6.47 1.51
CA THR A 51 -5.76 5.14 0.94
C THR A 51 -6.45 5.25 -0.41
N SER A 52 -5.89 4.65 -1.42
CA SER A 52 -6.55 4.59 -2.71
C SER A 52 -6.08 3.37 -3.46
N GLU A 53 -6.52 3.22 -4.69
CA GLU A 53 -6.14 2.08 -5.47
C GLU A 53 -6.08 2.42 -6.96
N ASP A 54 -5.34 1.58 -7.66
CA ASP A 54 -5.36 1.52 -9.09
C ASP A 54 -5.99 0.19 -9.44
N LYS A 55 -5.87 -0.27 -10.67
CA LYS A 55 -6.36 -1.59 -10.99
C LYS A 55 -5.39 -2.61 -10.43
N ARG A 56 -4.15 -2.51 -10.88
CA ARG A 56 -3.13 -3.51 -10.56
C ARG A 56 -2.48 -3.21 -9.21
N PHE A 57 -2.91 -2.15 -8.54
CA PHE A 57 -2.18 -1.65 -7.37
C PHE A 57 -3.11 -1.02 -6.33
N TYR A 58 -2.61 -0.93 -5.11
CA TYR A 58 -3.18 -0.06 -4.09
C TYR A 58 -2.21 1.09 -3.85
N TYR A 59 -2.70 2.18 -3.29
CA TYR A 59 -1.84 3.31 -2.95
C TYR A 59 -2.20 3.85 -1.58
N VAL A 60 -1.52 3.36 -0.55
CA VAL A 60 -1.79 3.79 0.80
C VAL A 60 -0.74 4.80 1.28
N SER A 61 -1.04 6.08 1.15
CA SER A 61 -0.13 7.13 1.59
C SER A 61 -0.21 7.28 3.10
N VAL A 62 0.94 7.15 3.76
CA VAL A 62 0.99 7.14 5.22
C VAL A 62 2.20 7.90 5.75
N ASP A 63 2.12 8.29 7.00
CA ASP A 63 3.28 8.80 7.72
C ASP A 63 3.96 7.63 8.43
N ALA A 64 5.25 7.46 8.18
CA ALA A 64 5.98 6.33 8.72
C ALA A 64 6.38 6.57 10.18
N GLY A 65 6.27 7.83 10.62
CA GLY A 65 6.62 8.16 11.98
C GLY A 65 8.01 8.74 12.09
N ASP A 66 8.90 8.28 11.21
CA ASP A 66 10.28 8.75 11.19
C ASP A 66 10.39 10.12 10.52
N GLY A 67 9.25 10.73 10.25
CA GLY A 67 9.24 12.02 9.59
C GLY A 67 9.13 11.87 8.08
N GLU A 68 9.35 10.66 7.61
CA GLU A 68 9.24 10.37 6.19
C GLU A 68 7.80 10.07 5.82
N LYS A 69 7.41 10.53 4.65
CA LYS A 69 6.07 10.26 4.14
C LYS A 69 6.16 9.09 3.18
N CYS A 70 5.25 8.16 3.30
CA CYS A 70 5.31 6.95 2.52
C CYS A 70 4.01 6.73 1.77
N LYS A 71 4.06 5.85 0.80
CA LYS A 71 2.91 5.50 0.02
C LYS A 71 3.03 4.06 -0.39
N PHE A 72 2.28 3.22 0.27
CA PHE A 72 2.32 1.80 -0.02
C PHE A 72 1.56 1.49 -1.28
N LYS A 73 2.28 1.57 -2.39
CA LYS A 73 1.79 1.11 -3.67
C LYS A 73 1.76 -0.40 -3.64
N ILE A 74 0.75 -0.93 -2.99
CA ILE A 74 0.62 -2.35 -2.81
C ILE A 74 0.20 -2.98 -4.11
N ARG A 75 1.19 -3.46 -4.85
CA ARG A 75 0.91 -4.19 -6.07
C ARG A 75 0.12 -5.42 -5.71
N LYS A 76 -1.18 -5.34 -5.95
CA LYS A 76 -2.10 -6.43 -5.66
C LYS A 76 -1.55 -7.73 -6.22
N ASP A 77 -1.90 -8.86 -5.61
CA ASP A 77 -1.42 -10.14 -6.09
C ASP A 77 -2.06 -10.46 -7.43
N VAL A 78 -1.64 -9.73 -8.45
CA VAL A 78 -2.16 -9.89 -9.80
C VAL A 78 -1.33 -10.92 -10.55
N ASP A 79 -0.29 -11.39 -9.87
CA ASP A 79 0.74 -12.22 -10.49
C ASP A 79 1.81 -12.55 -9.46
N VAL A 80 2.11 -11.57 -8.61
CA VAL A 80 3.08 -11.76 -7.54
C VAL A 80 2.57 -11.12 -6.24
N PRO A 81 2.77 -11.82 -5.13
CA PRO A 81 2.41 -11.34 -3.81
C PRO A 81 3.48 -10.42 -3.21
N LYS A 82 3.73 -9.28 -3.84
CA LYS A 82 4.68 -8.33 -3.30
C LYS A 82 4.25 -6.89 -3.59
N MET A 83 4.22 -6.09 -2.53
CA MET A 83 3.89 -4.68 -2.64
C MET A 83 5.03 -3.94 -3.33
N VAL A 84 4.90 -3.76 -4.64
CA VAL A 84 5.98 -3.16 -5.44
C VAL A 84 6.32 -1.75 -4.96
N GLY A 85 5.29 -0.97 -4.65
CA GLY A 85 5.49 0.42 -4.32
C GLY A 85 5.73 0.65 -2.87
N ARG A 86 6.62 -0.14 -2.34
CA ARG A 86 7.11 0.03 -0.97
C ARG A 86 8.19 1.10 -0.96
N LYS A 87 7.92 2.21 -1.66
CA LYS A 87 8.97 3.15 -1.99
C LYS A 87 8.88 4.38 -1.11
N CYS A 88 7.67 4.65 -0.64
CA CYS A 88 7.36 5.90 0.05
C CYS A 88 7.48 7.07 -0.90
N ARG A 89 7.25 8.27 -0.40
CA ARG A 89 7.19 9.43 -1.24
C ARG A 89 6.99 10.66 -0.37
N LYS A 90 8.08 11.11 0.21
CA LYS A 90 8.03 12.20 1.17
C LYS A 90 8.00 13.54 0.46
N ASP A 91 9.01 13.81 -0.35
CA ASP A 91 9.11 15.08 -1.05
C ASP A 91 9.22 14.83 -2.55
N ASP A 92 9.11 13.56 -2.92
CA ASP A 92 9.25 13.14 -4.30
C ASP A 92 8.11 13.68 -5.16
N ASP A 93 8.32 13.66 -6.46
CA ASP A 93 7.33 14.17 -7.40
C ASP A 93 6.48 13.01 -7.93
N ASP A 94 5.82 13.20 -9.05
CA ASP A 94 4.89 12.22 -9.58
C ASP A 94 5.62 10.96 -10.08
N ASP A 95 5.43 9.88 -9.34
CA ASP A 95 5.91 8.58 -9.78
C ASP A 95 4.73 7.67 -10.07
N ASP A 96 4.80 6.92 -11.15
CA ASP A 96 3.80 5.92 -11.44
C ASP A 96 4.27 4.59 -10.89
N GLY A 97 5.46 4.19 -11.32
CA GLY A 97 6.07 2.99 -10.80
C GLY A 97 6.92 3.31 -9.58
N TYR A 98 6.82 2.48 -8.56
CA TYR A 98 7.58 2.69 -7.34
C TYR A 98 8.55 1.54 -7.17
N GLY A 1 4.20 -11.32 1.64
CA GLY A 1 3.25 -11.76 0.60
C GLY A 1 1.97 -10.94 0.59
N SER A 2 1.65 -10.36 -0.56
CA SER A 2 0.41 -9.61 -0.72
C SER A 2 -0.72 -10.54 -1.15
N LEU A 3 -1.93 -10.16 -0.77
CA LEU A 3 -3.11 -10.96 -1.07
C LEU A 3 -4.07 -10.18 -1.94
N ILE A 4 -5.37 -10.38 -1.70
CA ILE A 4 -6.44 -9.56 -2.28
C ILE A 4 -6.80 -9.97 -3.71
N LEU A 5 -5.85 -10.57 -4.42
CA LEU A 5 -6.11 -11.07 -5.78
C LEU A 5 -5.78 -12.54 -5.87
N ASP A 6 -6.30 -13.19 -6.90
CA ASP A 6 -5.94 -14.55 -7.22
C ASP A 6 -5.40 -14.59 -8.64
N GLY A 7 -4.13 -14.23 -8.78
CA GLY A 7 -3.54 -14.11 -10.09
C GLY A 7 -4.20 -13.00 -10.89
N ASP A 8 -4.45 -11.87 -10.22
CA ASP A 8 -5.13 -10.71 -10.83
C ASP A 8 -6.60 -11.02 -11.13
N LEU A 9 -7.47 -10.63 -10.22
CA LEU A 9 -8.92 -10.75 -10.38
C LEU A 9 -9.61 -9.61 -9.64
N LEU A 10 -10.02 -8.58 -10.36
CA LEU A 10 -10.44 -7.34 -9.72
C LEU A 10 -11.93 -7.07 -9.89
N LYS A 11 -12.34 -6.78 -11.13
CA LYS A 11 -13.75 -6.50 -11.46
C LYS A 11 -14.16 -5.08 -11.05
N ASP A 12 -14.19 -4.81 -9.74
CA ASP A 12 -14.55 -3.48 -9.25
C ASP A 12 -13.46 -2.95 -8.33
N LYS A 13 -13.07 -1.69 -8.52
CA LYS A 13 -11.94 -1.13 -7.81
C LYS A 13 -12.08 0.38 -7.57
N LEU A 14 -13.21 0.94 -7.95
CA LEU A 14 -13.33 2.39 -7.93
C LEU A 14 -14.22 2.89 -6.80
N LYS A 15 -13.69 3.83 -6.04
CA LYS A 15 -14.46 4.51 -5.01
C LYS A 15 -14.14 6.00 -5.07
N LEU A 16 -14.95 6.81 -4.42
CA LEU A 16 -14.72 8.24 -4.31
C LEU A 16 -13.33 8.54 -3.74
N PRO A 17 -12.81 9.77 -3.98
CA PRO A 17 -11.50 10.19 -3.50
C PRO A 17 -11.20 9.80 -2.06
N VAL A 18 -9.97 9.35 -1.84
CA VAL A 18 -9.48 8.82 -0.57
C VAL A 18 -10.45 7.85 0.11
N ILE A 19 -10.11 6.59 -0.05
CA ILE A 19 -10.84 5.49 0.55
C ILE A 19 -10.54 5.43 2.05
N ASP A 20 -11.37 4.73 2.80
CA ASP A 20 -11.23 4.63 4.26
C ASP A 20 -9.81 4.24 4.64
N ASN A 21 -9.24 4.95 5.61
CA ASN A 21 -7.91 4.64 6.10
C ASN A 21 -7.89 3.25 6.74
N LEU A 22 -9.07 2.78 7.14
CA LEU A 22 -9.22 1.44 7.67
C LEU A 22 -9.00 0.40 6.58
N PHE A 23 -9.35 0.76 5.34
CA PHE A 23 -9.18 -0.14 4.21
C PHE A 23 -7.70 -0.33 3.92
N GLY A 24 -6.95 0.77 4.03
CA GLY A 24 -5.51 0.69 3.88
C GLY A 24 -4.87 0.03 5.08
N LYS A 25 -5.52 0.19 6.23
CA LYS A 25 -5.07 -0.41 7.47
C LYS A 25 -5.22 -1.92 7.37
N GLU A 26 -6.33 -2.34 6.77
CA GLU A 26 -6.58 -3.73 6.47
C GLU A 26 -5.42 -4.32 5.67
N LEU A 27 -5.06 -3.63 4.60
CA LEU A 27 -3.90 -4.00 3.79
C LEU A 27 -2.66 -4.13 4.65
N LEU A 28 -2.21 -3.00 5.19
CA LEU A 28 -1.02 -2.95 6.02
C LEU A 28 -1.07 -3.93 7.19
N ASP A 29 -2.25 -4.27 7.67
CA ASP A 29 -2.37 -5.24 8.76
C ASP A 29 -1.96 -6.63 8.29
N LYS A 30 -2.51 -7.05 7.17
CA LYS A 30 -2.25 -8.38 6.64
C LYS A 30 -0.84 -8.49 6.10
N PHE A 31 -0.33 -7.39 5.54
CA PHE A 31 0.98 -7.39 4.93
C PHE A 31 2.03 -6.85 5.90
N GLN A 32 1.60 -6.59 7.13
CA GLN A 32 2.47 -6.10 8.16
C GLN A 32 3.64 -7.03 8.37
N ASP A 33 3.35 -8.33 8.35
CA ASP A 33 4.36 -9.34 8.60
C ASP A 33 5.42 -9.36 7.50
N ASP A 34 5.09 -8.82 6.33
CA ASP A 34 6.03 -8.81 5.23
C ASP A 34 6.78 -7.49 5.19
N ILE A 35 6.05 -6.41 5.47
CA ILE A 35 6.65 -5.08 5.57
C ILE A 35 7.57 -5.00 6.79
N LYS A 36 7.21 -5.74 7.83
CA LYS A 36 8.00 -5.78 9.05
C LYS A 36 9.16 -6.75 8.88
N ASP A 37 8.95 -7.75 8.05
CA ASP A 37 10.01 -8.67 7.69
C ASP A 37 11.06 -7.97 6.85
N LYS A 38 10.60 -7.33 5.78
CA LYS A 38 11.49 -6.68 4.83
C LYS A 38 12.14 -5.42 5.41
N TYR A 39 11.37 -4.59 6.10
CA TYR A 39 11.87 -3.29 6.55
C TYR A 39 11.86 -3.16 8.07
N GLY A 40 11.02 -3.93 8.74
CA GLY A 40 10.91 -3.82 10.18
C GLY A 40 10.01 -2.67 10.58
N VAL A 41 8.88 -2.55 9.92
CA VAL A 41 7.93 -1.48 10.17
C VAL A 41 6.77 -1.97 11.03
N ASP A 42 6.18 -1.05 11.77
CA ASP A 42 4.97 -1.35 12.54
C ASP A 42 3.81 -0.52 11.97
N THR A 43 2.80 -1.20 11.45
CA THR A 43 1.74 -0.52 10.71
C THR A 43 0.76 0.18 11.65
N LYS A 44 0.85 -0.11 12.94
CA LYS A 44 0.01 0.53 13.93
C LYS A 44 0.47 1.97 14.15
N ASP A 45 1.72 2.23 13.76
CA ASP A 45 2.31 3.55 13.90
C ASP A 45 2.08 4.34 12.62
N LEU A 46 2.09 3.61 11.51
CA LEU A 46 1.86 4.20 10.20
C LEU A 46 0.54 4.95 10.16
N LYS A 47 0.63 6.25 10.05
CA LYS A 47 -0.53 7.11 9.96
C LYS A 47 -1.00 7.19 8.52
N ILE A 48 -2.08 6.49 8.21
CA ILE A 48 -2.57 6.45 6.85
C ILE A 48 -3.23 7.76 6.46
N LEU A 49 -2.59 8.45 5.54
CA LEU A 49 -3.01 9.77 5.09
C LEU A 49 -4.11 9.63 4.05
N LYS A 50 -3.91 8.70 3.13
CA LYS A 50 -4.79 8.54 1.99
C LYS A 50 -4.75 7.11 1.49
N THR A 51 -5.90 6.45 1.49
CA THR A 51 -6.03 5.13 0.92
C THR A 51 -6.69 5.23 -0.44
N SER A 52 -6.11 4.61 -1.45
CA SER A 52 -6.72 4.57 -2.76
C SER A 52 -6.18 3.39 -3.54
N GLU A 53 -6.69 3.18 -4.74
CA GLU A 53 -6.12 2.21 -5.66
C GLU A 53 -6.53 2.54 -7.08
N ASP A 54 -5.88 1.91 -8.02
CA ASP A 54 -6.24 2.02 -9.42
C ASP A 54 -5.92 0.73 -10.15
N LYS A 55 -6.90 -0.16 -10.16
CA LYS A 55 -6.83 -1.42 -10.89
C LYS A 55 -5.83 -2.36 -10.23
N ARG A 56 -4.64 -2.47 -10.77
CA ARG A 56 -3.68 -3.47 -10.32
C ARG A 56 -2.74 -2.89 -9.28
N PHE A 57 -3.15 -1.81 -8.64
CA PHE A 57 -2.26 -1.10 -7.74
C PHE A 57 -3.03 -0.43 -6.60
N TYR A 58 -2.71 -0.82 -5.38
CA TYR A 58 -3.18 -0.09 -4.20
C TYR A 58 -2.22 1.05 -3.91
N TYR A 59 -2.72 2.12 -3.32
CA TYR A 59 -1.89 3.25 -2.96
C TYR A 59 -2.23 3.73 -1.56
N VAL A 60 -1.49 3.26 -0.57
CA VAL A 60 -1.72 3.65 0.81
C VAL A 60 -0.64 4.62 1.28
N SER A 61 -0.90 5.90 1.16
CA SER A 61 0.07 6.91 1.58
C SER A 61 0.01 7.09 3.09
N VAL A 62 1.12 6.83 3.76
CA VAL A 62 1.15 6.90 5.21
C VAL A 62 2.32 7.74 5.70
N ASP A 63 2.19 8.23 6.91
CA ASP A 63 3.30 8.85 7.61
C ASP A 63 4.10 7.74 8.28
N ALA A 64 5.38 7.67 7.97
CA ALA A 64 6.23 6.57 8.44
C ALA A 64 6.60 6.72 9.91
N GLY A 65 6.05 7.74 10.56
CA GLY A 65 6.24 7.89 11.99
C GLY A 65 7.26 8.96 12.32
N ASP A 66 8.38 8.92 11.62
CA ASP A 66 9.43 9.90 11.84
C ASP A 66 9.10 11.21 11.13
N GLY A 67 8.33 11.12 10.06
CA GLY A 67 7.98 12.30 9.30
C GLY A 67 7.92 12.02 7.81
N GLU A 68 8.61 10.96 7.39
CA GLU A 68 8.61 10.56 6.00
C GLU A 68 7.24 10.08 5.55
N LYS A 69 6.93 10.32 4.29
CA LYS A 69 5.65 9.91 3.74
C LYS A 69 5.85 8.77 2.75
N CYS A 70 5.41 7.59 3.14
CA CYS A 70 5.57 6.40 2.33
C CYS A 70 4.25 5.97 1.72
N LYS A 71 4.25 5.74 0.43
CA LYS A 71 3.05 5.28 -0.26
C LYS A 71 3.13 3.79 -0.48
N PHE A 72 2.36 3.04 0.28
CA PHE A 72 2.31 1.60 0.11
C PHE A 72 1.51 1.23 -1.13
N LYS A 73 2.21 1.26 -2.24
CA LYS A 73 1.69 0.85 -3.51
C LYS A 73 1.66 -0.67 -3.58
N ILE A 74 0.55 -1.23 -3.15
CA ILE A 74 0.41 -2.66 -3.10
C ILE A 74 -0.11 -3.17 -4.43
N ARG A 75 0.78 -3.80 -5.19
CA ARG A 75 0.44 -4.26 -6.54
C ARG A 75 -0.36 -5.55 -6.46
N LYS A 76 -0.91 -5.81 -5.28
CA LYS A 76 -1.82 -6.92 -5.05
C LYS A 76 -1.19 -8.25 -5.46
N ASP A 77 -2.03 -9.23 -5.74
CA ASP A 77 -1.57 -10.49 -6.31
C ASP A 77 -1.85 -10.48 -7.81
N VAL A 78 -1.31 -9.46 -8.47
CA VAL A 78 -1.51 -9.25 -9.91
C VAL A 78 -0.67 -10.22 -10.74
N ASP A 79 0.27 -10.86 -10.06
CA ASP A 79 1.28 -11.69 -10.70
C ASP A 79 2.18 -12.26 -9.63
N VAL A 80 2.71 -11.35 -8.82
CA VAL A 80 3.46 -11.72 -7.64
C VAL A 80 2.78 -11.09 -6.43
N PRO A 81 2.70 -11.84 -5.34
CA PRO A 81 2.18 -11.35 -4.09
C PRO A 81 3.17 -10.43 -3.38
N LYS A 82 3.43 -9.27 -3.96
CA LYS A 82 4.37 -8.33 -3.37
C LYS A 82 3.91 -6.89 -3.54
N MET A 83 4.16 -6.11 -2.51
CA MET A 83 3.93 -4.68 -2.56
C MET A 83 5.10 -4.01 -3.27
N VAL A 84 5.00 -3.90 -4.58
CA VAL A 84 6.07 -3.27 -5.37
C VAL A 84 6.32 -1.85 -4.91
N GLY A 85 5.27 -1.18 -4.48
CA GLY A 85 5.36 0.18 -4.04
C GLY A 85 5.62 0.28 -2.57
N ARG A 86 6.81 -0.06 -2.18
CA ARG A 86 7.24 0.10 -0.81
C ARG A 86 8.17 1.30 -0.75
N LYS A 87 7.71 2.37 -1.39
CA LYS A 87 8.53 3.54 -1.62
C LYS A 87 7.99 4.75 -0.87
N CYS A 88 8.88 5.57 -0.34
CA CYS A 88 8.49 6.79 0.31
C CYS A 88 8.86 7.98 -0.55
N ARG A 89 7.92 8.88 -0.73
CA ARG A 89 8.15 10.11 -1.47
C ARG A 89 7.69 11.28 -0.61
N LYS A 90 8.53 11.62 0.34
CA LYS A 90 8.19 12.59 1.37
C LYS A 90 8.14 14.00 0.80
N ASP A 91 9.07 14.33 -0.08
CA ASP A 91 9.10 15.65 -0.71
C ASP A 91 7.92 15.80 -1.67
N ASP A 92 7.86 14.93 -2.66
CA ASP A 92 6.78 14.96 -3.65
C ASP A 92 6.83 13.73 -4.54
N ASP A 93 5.66 13.28 -4.97
CA ASP A 93 5.53 12.11 -5.83
C ASP A 93 5.12 12.54 -7.24
N ASP A 94 6.03 12.35 -8.20
CA ASP A 94 5.79 12.78 -9.58
C ASP A 94 4.78 11.87 -10.27
N ASP A 95 5.27 10.83 -10.89
CA ASP A 95 4.42 9.81 -11.49
C ASP A 95 4.66 8.49 -10.77
N ASP A 96 3.62 7.72 -10.57
CA ASP A 96 3.75 6.53 -9.75
C ASP A 96 4.31 5.36 -10.53
N GLY A 97 5.50 4.95 -10.16
CA GLY A 97 6.13 3.80 -10.75
C GLY A 97 7.18 3.23 -9.82
N TYR A 98 6.72 2.49 -8.82
CA TYR A 98 7.61 2.00 -7.78
C TYR A 98 8.05 0.58 -8.12
N GLY A 1 3.32 -11.85 1.32
CA GLY A 1 1.85 -11.90 1.05
C GLY A 1 1.28 -10.51 0.85
N SER A 2 0.48 -10.35 -0.19
CA SER A 2 -0.18 -9.08 -0.47
C SER A 2 -1.60 -9.33 -0.97
N LEU A 3 -2.17 -10.44 -0.51
CA LEU A 3 -3.42 -10.93 -1.06
C LEU A 3 -4.62 -10.03 -0.75
N ILE A 4 -5.35 -9.75 -1.80
CA ILE A 4 -6.63 -9.06 -1.71
C ILE A 4 -7.46 -9.51 -2.91
N LEU A 5 -7.00 -10.60 -3.51
CA LEU A 5 -7.56 -11.19 -4.70
C LEU A 5 -7.33 -12.70 -4.65
N ASP A 6 -8.13 -13.46 -5.37
CA ASP A 6 -7.98 -14.91 -5.37
C ASP A 6 -6.76 -15.31 -6.19
N GLY A 7 -6.45 -14.47 -7.17
CA GLY A 7 -5.29 -14.67 -7.99
C GLY A 7 -5.42 -13.87 -9.26
N ASP A 8 -5.93 -12.66 -9.12
CA ASP A 8 -6.35 -11.87 -10.27
C ASP A 8 -6.39 -10.38 -9.96
N LEU A 9 -7.46 -9.93 -9.31
CA LEU A 9 -7.70 -8.50 -9.05
C LEU A 9 -9.05 -8.30 -8.38
N LEU A 10 -9.33 -7.08 -7.98
CA LEU A 10 -10.62 -6.73 -7.39
C LEU A 10 -11.50 -6.07 -8.42
N LYS A 11 -12.75 -6.53 -8.51
CA LYS A 11 -13.69 -5.98 -9.46
C LYS A 11 -14.59 -4.98 -8.75
N ASP A 12 -14.81 -5.23 -7.46
CA ASP A 12 -15.64 -4.35 -6.64
C ASP A 12 -14.83 -3.14 -6.20
N LYS A 13 -13.57 -3.36 -5.89
CA LYS A 13 -12.68 -2.28 -5.51
C LYS A 13 -11.78 -1.93 -6.68
N LEU A 14 -12.40 -1.38 -7.71
CA LEU A 14 -11.69 -0.91 -8.89
C LEU A 14 -11.06 0.43 -8.63
N LYS A 15 -11.74 1.27 -7.87
CA LYS A 15 -11.26 2.61 -7.55
C LYS A 15 -12.21 3.32 -6.60
N LEU A 16 -11.84 3.34 -5.34
CA LEU A 16 -12.59 4.04 -4.32
C LEU A 16 -11.93 5.38 -4.03
N PRO A 17 -12.63 6.27 -3.30
CA PRO A 17 -12.05 7.55 -2.84
C PRO A 17 -10.90 7.33 -1.87
N VAL A 18 -10.44 8.41 -1.25
CA VAL A 18 -9.41 8.29 -0.22
C VAL A 18 -9.93 7.49 0.96
N ILE A 19 -9.47 6.27 1.05
CA ILE A 19 -9.95 5.34 2.03
C ILE A 19 -8.94 5.12 3.14
N ASP A 20 -9.30 4.23 4.05
CA ASP A 20 -8.56 3.94 5.26
C ASP A 20 -9.37 2.93 6.03
N ASN A 21 -10.69 3.19 5.96
CA ASN A 21 -11.77 2.36 6.52
C ASN A 21 -11.54 0.87 6.33
N LEU A 22 -10.68 0.29 7.16
CA LEU A 22 -10.29 -1.11 7.04
C LEU A 22 -9.97 -1.46 5.59
N PHE A 23 -9.30 -0.53 4.93
CA PHE A 23 -8.87 -0.71 3.56
C PHE A 23 -7.35 -0.66 3.49
N GLY A 24 -6.79 0.54 3.54
CA GLY A 24 -5.35 0.67 3.50
C GLY A 24 -4.71 0.13 4.75
N LYS A 25 -5.36 0.36 5.89
CA LYS A 25 -4.89 -0.13 7.16
C LYS A 25 -4.97 -1.65 7.20
N GLU A 26 -5.98 -2.19 6.52
CA GLU A 26 -6.13 -3.63 6.40
C GLU A 26 -5.00 -4.22 5.59
N LEU A 27 -4.70 -3.59 4.46
CA LEU A 27 -3.55 -3.96 3.65
C LEU A 27 -2.31 -4.01 4.52
N LEU A 28 -1.92 -2.84 5.02
CA LEU A 28 -0.77 -2.70 5.90
C LEU A 28 -0.82 -3.68 7.08
N ASP A 29 -2.01 -3.98 7.56
CA ASP A 29 -2.15 -4.88 8.71
C ASP A 29 -1.81 -6.32 8.31
N LYS A 30 -2.40 -6.78 7.22
CA LYS A 30 -2.15 -8.15 6.74
C LYS A 30 -0.72 -8.30 6.28
N PHE A 31 -0.21 -7.27 5.64
CA PHE A 31 1.11 -7.34 5.02
C PHE A 31 2.15 -6.71 5.92
N GLN A 32 1.78 -6.45 7.18
CA GLN A 32 2.68 -5.90 8.15
C GLN A 32 3.85 -6.85 8.36
N ASP A 33 3.53 -8.15 8.38
CA ASP A 33 4.56 -9.17 8.50
C ASP A 33 5.54 -9.08 7.34
N ASP A 34 5.05 -8.68 6.18
CA ASP A 34 5.89 -8.52 5.00
C ASP A 34 6.71 -7.24 5.09
N ILE A 35 6.05 -6.16 5.45
CA ILE A 35 6.71 -4.87 5.60
C ILE A 35 7.71 -4.92 6.77
N LYS A 36 7.51 -5.88 7.65
CA LYS A 36 8.41 -6.12 8.75
C LYS A 36 9.51 -7.08 8.32
N ASP A 37 9.12 -8.08 7.55
CA ASP A 37 10.05 -8.97 6.89
C ASP A 37 11.04 -8.19 6.03
N LYS A 38 10.52 -7.27 5.23
CA LYS A 38 11.32 -6.51 4.29
C LYS A 38 12.00 -5.32 4.95
N TYR A 39 11.41 -4.77 5.99
CA TYR A 39 11.98 -3.59 6.66
C TYR A 39 11.99 -3.75 8.17
N GLY A 40 10.84 -4.09 8.72
CA GLY A 40 10.69 -4.14 10.16
C GLY A 40 9.87 -2.97 10.66
N VAL A 41 8.62 -2.89 10.22
CA VAL A 41 7.78 -1.75 10.47
C VAL A 41 6.47 -2.15 11.15
N ASP A 42 5.92 -1.22 11.93
CA ASP A 42 4.59 -1.40 12.49
C ASP A 42 3.59 -0.56 11.71
N THR A 43 2.59 -1.21 11.15
CA THR A 43 1.64 -0.54 10.28
C THR A 43 0.47 0.06 11.06
N LYS A 44 0.38 -0.31 12.33
CA LYS A 44 -0.66 0.22 13.18
C LYS A 44 -0.41 1.69 13.45
N ASP A 45 0.85 2.01 13.72
CA ASP A 45 1.24 3.39 13.99
C ASP A 45 1.24 4.23 12.71
N LEU A 46 1.42 3.57 11.57
CA LEU A 46 1.40 4.27 10.29
C LEU A 46 0.10 5.02 10.10
N LYS A 47 0.20 6.31 9.88
CA LYS A 47 -0.96 7.17 9.71
C LYS A 47 -1.28 7.31 8.23
N ILE A 48 -2.40 6.74 7.81
CA ILE A 48 -2.77 6.80 6.41
C ILE A 48 -3.23 8.20 6.04
N LEU A 49 -2.49 8.81 5.14
CA LEU A 49 -2.79 10.15 4.65
C LEU A 49 -3.76 10.05 3.49
N LYS A 50 -3.53 9.04 2.66
CA LYS A 50 -4.37 8.77 1.52
C LYS A 50 -4.26 7.30 1.14
N THR A 51 -5.38 6.71 0.78
CA THR A 51 -5.38 5.37 0.24
C THR A 51 -6.42 5.29 -0.86
N SER A 52 -6.01 4.82 -2.02
CA SER A 52 -6.92 4.67 -3.14
C SER A 52 -6.36 3.62 -4.08
N GLU A 53 -7.22 2.96 -4.82
CA GLU A 53 -6.78 1.99 -5.81
C GLU A 53 -7.34 2.36 -7.18
N ASP A 54 -6.74 1.79 -8.21
CA ASP A 54 -7.29 1.90 -9.56
C ASP A 54 -6.86 0.71 -10.40
N LYS A 55 -5.83 0.90 -11.19
CA LYS A 55 -5.35 -0.16 -12.06
C LYS A 55 -4.24 -0.92 -11.38
N ARG A 56 -4.64 -1.96 -10.64
CA ARG A 56 -3.72 -2.83 -9.89
C ARG A 56 -3.21 -2.15 -8.62
N PHE A 57 -2.82 -0.89 -8.74
CA PHE A 57 -2.09 -0.20 -7.69
C PHE A 57 -3.00 0.28 -6.56
N TYR A 58 -2.56 0.00 -5.33
CA TYR A 58 -3.11 0.63 -4.14
C TYR A 58 -2.12 1.69 -3.65
N TYR A 59 -2.58 2.93 -3.57
CA TYR A 59 -1.71 4.02 -3.15
C TYR A 59 -1.94 4.32 -1.68
N VAL A 60 -1.24 3.62 -0.80
CA VAL A 60 -1.39 3.86 0.63
C VAL A 60 -0.28 4.79 1.13
N SER A 61 -0.52 6.09 0.98
CA SER A 61 0.44 7.09 1.43
C SER A 61 0.26 7.33 2.91
N VAL A 62 1.30 7.03 3.69
CA VAL A 62 1.22 7.11 5.13
C VAL A 62 2.38 7.92 5.71
N ASP A 63 2.15 8.46 6.89
CA ASP A 63 3.22 9.06 7.66
C ASP A 63 4.00 7.93 8.31
N ALA A 64 5.29 7.84 7.99
CA ALA A 64 6.10 6.72 8.43
C ALA A 64 6.52 6.87 9.89
N GLY A 65 6.05 7.93 10.54
CA GLY A 65 6.27 8.09 11.96
C GLY A 65 7.55 8.84 12.24
N ASP A 66 8.63 8.39 11.61
CA ASP A 66 9.93 9.03 11.74
C ASP A 66 9.86 10.45 11.20
N GLY A 67 9.07 10.62 10.15
CA GLY A 67 8.92 11.92 9.52
C GLY A 67 8.59 11.80 8.06
N GLU A 68 9.11 10.76 7.42
CA GLU A 68 8.90 10.55 6.00
C GLU A 68 7.48 10.14 5.69
N LYS A 69 7.09 10.31 4.45
CA LYS A 69 5.77 9.92 4.01
C LYS A 69 5.88 8.87 2.93
N CYS A 70 5.60 7.64 3.30
CA CYS A 70 5.79 6.51 2.41
C CYS A 70 4.47 6.04 1.85
N LYS A 71 4.41 5.94 0.54
CA LYS A 71 3.24 5.44 -0.12
C LYS A 71 3.43 3.99 -0.48
N PHE A 72 2.77 3.13 0.29
CA PHE A 72 2.81 1.70 0.06
C PHE A 72 2.01 1.37 -1.18
N LYS A 73 2.73 1.26 -2.28
CA LYS A 73 2.14 0.96 -3.56
C LYS A 73 1.91 -0.54 -3.67
N ILE A 74 0.87 -0.98 -3.02
CA ILE A 74 0.51 -2.37 -3.06
C ILE A 74 -0.27 -2.63 -4.34
N ARG A 75 0.40 -3.20 -5.31
CA ARG A 75 -0.19 -3.47 -6.61
C ARG A 75 -1.16 -4.65 -6.51
N LYS A 76 -1.60 -4.90 -5.28
CA LYS A 76 -2.42 -6.05 -4.94
C LYS A 76 -1.62 -7.33 -5.17
N ASP A 77 -2.19 -8.46 -4.78
CA ASP A 77 -1.50 -9.75 -4.92
C ASP A 77 -1.54 -10.23 -6.36
N VAL A 78 -1.29 -9.32 -7.29
CA VAL A 78 -1.34 -9.62 -8.70
C VAL A 78 -0.27 -10.64 -9.07
N ASP A 79 -0.66 -11.91 -9.01
CA ASP A 79 0.22 -13.04 -9.36
C ASP A 79 1.23 -13.31 -8.24
N VAL A 80 1.93 -12.27 -7.80
CA VAL A 80 2.93 -12.40 -6.75
C VAL A 80 2.44 -11.80 -5.44
N PRO A 81 2.85 -12.41 -4.33
CA PRO A 81 2.48 -11.98 -2.98
C PRO A 81 3.47 -10.98 -2.37
N LYS A 82 3.73 -9.90 -3.07
CA LYS A 82 4.64 -8.88 -2.58
C LYS A 82 4.19 -7.49 -3.01
N MET A 83 4.49 -6.50 -2.18
CA MET A 83 4.15 -5.12 -2.50
C MET A 83 5.21 -4.55 -3.43
N VAL A 84 4.89 -4.48 -4.71
CA VAL A 84 5.82 -4.00 -5.72
C VAL A 84 6.31 -2.58 -5.40
N GLY A 85 5.45 -1.80 -4.77
CA GLY A 85 5.79 -0.44 -4.46
C GLY A 85 5.63 -0.14 -2.99
N ARG A 86 6.47 0.75 -2.51
CA ARG A 86 6.49 1.14 -1.10
C ARG A 86 7.47 2.28 -0.96
N LYS A 87 7.22 3.30 -1.77
CA LYS A 87 8.17 4.37 -1.96
C LYS A 87 7.79 5.58 -1.10
N CYS A 88 8.74 6.10 -0.35
CA CYS A 88 8.49 7.30 0.42
C CYS A 88 8.84 8.51 -0.41
N ARG A 89 7.84 9.30 -0.73
CA ARG A 89 8.03 10.54 -1.44
C ARG A 89 7.55 11.67 -0.57
N LYS A 90 8.41 12.04 0.36
CA LYS A 90 8.07 12.99 1.40
C LYS A 90 8.18 14.42 0.88
N ASP A 91 9.02 14.61 -0.13
CA ASP A 91 9.27 15.93 -0.69
C ASP A 91 8.33 16.22 -1.86
N ASP A 92 8.35 15.34 -2.86
CA ASP A 92 7.53 15.53 -4.06
C ASP A 92 6.95 14.19 -4.54
N ASP A 93 5.68 14.21 -4.92
CA ASP A 93 5.02 13.01 -5.41
C ASP A 93 4.18 13.28 -6.66
N ASP A 94 4.67 12.79 -7.78
CA ASP A 94 3.93 12.84 -9.05
C ASP A 94 4.18 11.56 -9.83
N ASP A 95 4.92 10.65 -9.22
CA ASP A 95 5.36 9.43 -9.89
C ASP A 95 4.60 8.23 -9.34
N ASP A 96 4.07 7.42 -10.24
CA ASP A 96 3.34 6.22 -9.87
C ASP A 96 4.21 4.99 -9.99
N GLY A 97 5.37 5.16 -10.61
CA GLY A 97 6.25 4.03 -10.87
C GLY A 97 7.11 3.68 -9.68
N TYR A 98 6.60 2.83 -8.82
CA TYR A 98 7.34 2.42 -7.64
C TYR A 98 7.80 0.98 -7.80
N GLY A 1 -0.27 -11.40 3.32
CA GLY A 1 -0.09 -11.17 1.86
C GLY A 1 -1.25 -10.38 1.27
N SER A 2 -1.23 -10.18 -0.04
CA SER A 2 -2.29 -9.43 -0.69
C SER A 2 -3.36 -10.38 -1.21
N LEU A 3 -4.29 -10.76 -0.34
CA LEU A 3 -5.37 -11.63 -0.75
C LEU A 3 -6.51 -10.80 -1.33
N ILE A 4 -6.34 -10.37 -2.57
CA ILE A 4 -7.35 -9.59 -3.26
C ILE A 4 -7.25 -9.83 -4.78
N LEU A 5 -7.94 -10.86 -5.24
CA LEU A 5 -7.87 -11.23 -6.64
C LEU A 5 -9.26 -11.35 -7.25
N ASP A 6 -9.39 -10.76 -8.42
CA ASP A 6 -10.55 -10.98 -9.27
C ASP A 6 -10.17 -12.05 -10.29
N GLY A 7 -8.86 -12.22 -10.45
CA GLY A 7 -8.33 -13.17 -11.40
C GLY A 7 -7.11 -12.60 -12.10
N ASP A 8 -5.99 -12.48 -11.36
CA ASP A 8 -4.77 -11.86 -11.87
C ASP A 8 -5.05 -10.39 -12.19
N LEU A 9 -5.97 -9.82 -11.42
CA LEU A 9 -6.42 -8.46 -11.58
C LEU A 9 -7.47 -8.19 -10.51
N LEU A 10 -8.11 -7.03 -10.56
CA LEU A 10 -9.22 -6.74 -9.68
C LEU A 10 -10.21 -5.83 -10.39
N LYS A 11 -11.35 -6.39 -10.75
CA LYS A 11 -12.38 -5.64 -11.47
C LYS A 11 -13.47 -5.22 -10.50
N ASP A 12 -13.47 -5.82 -9.32
CA ASP A 12 -14.41 -5.47 -8.26
C ASP A 12 -14.24 -4.01 -7.87
N LYS A 13 -13.00 -3.62 -7.64
CA LYS A 13 -12.68 -2.24 -7.32
C LYS A 13 -11.35 -1.87 -7.96
N LEU A 14 -11.32 -0.71 -8.60
CA LEU A 14 -10.13 -0.26 -9.31
C LEU A 14 -10.09 1.25 -9.38
N LYS A 15 -8.89 1.81 -9.24
CA LYS A 15 -8.65 3.23 -9.50
C LYS A 15 -9.34 4.12 -8.47
N LEU A 16 -9.47 3.60 -7.26
CA LEU A 16 -10.14 4.31 -6.20
C LEU A 16 -9.34 5.56 -5.80
N PRO A 17 -10.02 6.72 -5.74
CA PRO A 17 -9.39 8.01 -5.42
C PRO A 17 -8.67 7.99 -4.09
N VAL A 18 -9.46 7.78 -3.08
CA VAL A 18 -8.96 7.51 -1.75
C VAL A 18 -9.91 6.54 -1.05
N ILE A 19 -9.34 5.68 -0.24
CA ILE A 19 -10.08 4.63 0.42
C ILE A 19 -9.98 4.82 1.93
N ASP A 20 -10.85 4.17 2.67
CA ASP A 20 -10.86 4.27 4.13
C ASP A 20 -9.48 3.93 4.70
N ASN A 21 -9.07 4.67 5.72
CA ASN A 21 -7.80 4.43 6.38
C ASN A 21 -7.84 3.09 7.12
N LEU A 22 -9.04 2.69 7.50
CA LEU A 22 -9.27 1.38 8.10
C LEU A 22 -9.03 0.28 7.06
N PHE A 23 -9.58 0.48 5.86
CA PHE A 23 -9.38 -0.45 4.76
C PHE A 23 -7.89 -0.55 4.45
N GLY A 24 -7.20 0.58 4.54
CA GLY A 24 -5.77 0.59 4.38
C GLY A 24 -5.08 -0.16 5.49
N LYS A 25 -5.43 0.21 6.73
CA LYS A 25 -4.86 -0.42 7.93
C LYS A 25 -4.98 -1.94 7.83
N GLU A 26 -6.08 -2.37 7.24
CA GLU A 26 -6.31 -3.76 6.92
C GLU A 26 -5.25 -4.30 5.98
N LEU A 27 -5.13 -3.71 4.79
CA LEU A 27 -4.15 -4.12 3.80
C LEU A 27 -2.77 -4.28 4.44
N LEU A 28 -2.34 -3.19 5.05
CA LEU A 28 -1.03 -3.12 5.66
C LEU A 28 -0.90 -4.12 6.80
N ASP A 29 -2.03 -4.43 7.43
CA ASP A 29 -2.08 -5.47 8.46
C ASP A 29 -1.72 -6.85 7.88
N LYS A 30 -2.25 -7.16 6.70
CA LYS A 30 -1.92 -8.42 6.03
C LYS A 30 -0.45 -8.43 5.63
N PHE A 31 0.14 -7.24 5.52
CA PHE A 31 1.54 -7.11 5.12
C PHE A 31 2.44 -6.72 6.26
N GLN A 32 1.91 -6.60 7.46
CA GLN A 32 2.66 -6.10 8.58
C GLN A 32 4.00 -6.82 8.76
N ASP A 33 3.98 -8.14 8.65
CA ASP A 33 5.20 -8.94 8.78
C ASP A 33 6.11 -8.71 7.58
N ASP A 34 5.51 -8.54 6.42
CA ASP A 34 6.25 -8.34 5.17
C ASP A 34 6.90 -6.96 5.17
N ILE A 35 6.12 -5.98 5.58
CA ILE A 35 6.57 -4.61 5.72
C ILE A 35 7.69 -4.51 6.74
N LYS A 36 7.55 -5.25 7.81
CA LYS A 36 8.52 -5.23 8.89
C LYS A 36 9.73 -6.07 8.52
N ASP A 37 9.52 -6.96 7.58
CA ASP A 37 10.60 -7.79 7.06
C ASP A 37 11.46 -7.02 6.08
N LYS A 38 10.81 -6.34 5.16
CA LYS A 38 11.51 -5.58 4.12
C LYS A 38 11.96 -4.21 4.60
N TYR A 39 11.17 -3.57 5.46
CA TYR A 39 11.43 -2.18 5.84
C TYR A 39 11.57 -2.02 7.36
N GLY A 40 10.93 -2.91 8.10
CA GLY A 40 10.96 -2.81 9.56
C GLY A 40 10.01 -1.75 10.07
N VAL A 41 8.72 -1.98 9.86
CA VAL A 41 7.69 -1.02 10.24
C VAL A 41 6.54 -1.71 10.98
N ASP A 42 5.88 -0.99 11.87
CA ASP A 42 4.65 -1.45 12.50
C ASP A 42 3.46 -0.73 11.91
N THR A 43 2.55 -1.47 11.30
CA THR A 43 1.41 -0.90 10.61
C THR A 43 0.35 -0.38 11.58
N LYS A 44 0.40 -0.86 12.81
CA LYS A 44 -0.53 -0.42 13.83
C LYS A 44 -0.26 1.03 14.19
N ASP A 45 1.01 1.37 14.33
CA ASP A 45 1.40 2.75 14.64
C ASP A 45 1.45 3.58 13.36
N LEU A 46 1.86 2.93 12.28
CA LEU A 46 1.95 3.57 10.97
C LEU A 46 0.64 4.28 10.62
N LYS A 47 0.74 5.57 10.39
CA LYS A 47 -0.43 6.41 10.23
C LYS A 47 -0.83 6.48 8.78
N ILE A 48 -2.01 5.95 8.46
CA ILE A 48 -2.46 5.93 7.09
C ILE A 48 -3.19 7.21 6.73
N LEU A 49 -2.72 7.83 5.67
CA LEU A 49 -3.24 9.11 5.22
C LEU A 49 -4.20 8.91 4.06
N LYS A 50 -3.71 8.24 3.03
CA LYS A 50 -4.42 8.09 1.78
C LYS A 50 -4.26 6.68 1.23
N THR A 51 -5.21 5.82 1.57
CA THR A 51 -5.32 4.54 0.90
C THR A 51 -5.91 4.80 -0.48
N SER A 52 -5.39 4.15 -1.50
CA SER A 52 -5.93 4.33 -2.84
C SER A 52 -5.33 3.33 -3.79
N GLU A 53 -5.59 3.54 -5.08
CA GLU A 53 -5.00 2.74 -6.13
C GLU A 53 -5.19 3.43 -7.47
N ASP A 54 -4.51 2.94 -8.49
CA ASP A 54 -4.60 3.56 -9.82
C ASP A 54 -4.51 2.52 -10.92
N LYS A 55 -3.30 2.04 -11.19
CA LYS A 55 -3.08 1.07 -12.25
C LYS A 55 -2.67 -0.28 -11.69
N ARG A 56 -3.65 -1.07 -11.27
CA ARG A 56 -3.42 -2.40 -10.70
C ARG A 56 -2.81 -2.33 -9.30
N PHE A 57 -2.08 -1.26 -9.01
CA PHE A 57 -1.34 -1.15 -7.76
C PHE A 57 -2.12 -0.33 -6.74
N TYR A 58 -2.10 -0.78 -5.50
CA TYR A 58 -2.61 -0.02 -4.37
C TYR A 58 -1.57 0.98 -3.92
N TYR A 59 -2.04 2.10 -3.43
CA TYR A 59 -1.17 3.16 -2.96
C TYR A 59 -1.62 3.64 -1.59
N VAL A 60 -0.94 3.17 -0.56
CA VAL A 60 -1.26 3.57 0.81
C VAL A 60 -0.25 4.58 1.31
N SER A 61 -0.54 5.85 1.16
CA SER A 61 0.32 6.91 1.68
C SER A 61 0.20 6.97 3.19
N VAL A 62 1.30 6.79 3.89
CA VAL A 62 1.30 6.82 5.35
C VAL A 62 2.39 7.72 5.89
N ASP A 63 2.21 8.13 7.13
CA ASP A 63 3.28 8.78 7.87
C ASP A 63 4.14 7.71 8.51
N ALA A 64 5.39 7.65 8.10
CA ALA A 64 6.32 6.63 8.57
C ALA A 64 6.67 6.83 10.04
N GLY A 65 6.12 7.88 10.65
CA GLY A 65 6.39 8.16 12.04
C GLY A 65 7.47 9.19 12.19
N ASP A 66 8.01 9.61 11.06
CA ASP A 66 9.06 10.63 11.02
C ASP A 66 8.60 11.80 10.17
N GLY A 67 7.36 11.76 9.72
CA GLY A 67 6.85 12.79 8.85
C GLY A 67 6.88 12.35 7.40
N GLU A 68 7.72 11.36 7.12
CA GLU A 68 7.88 10.82 5.79
C GLU A 68 6.58 10.21 5.29
N LYS A 69 6.16 10.59 4.10
CA LYS A 69 4.94 10.05 3.53
C LYS A 69 5.27 8.90 2.61
N CYS A 70 5.36 7.72 3.20
CA CYS A 70 5.67 6.52 2.46
C CYS A 70 4.41 5.93 1.88
N LYS A 71 4.36 5.86 0.58
CA LYS A 71 3.22 5.31 -0.11
C LYS A 71 3.45 3.82 -0.36
N PHE A 72 2.75 2.99 0.38
CA PHE A 72 2.86 1.55 0.25
C PHE A 72 2.18 1.09 -1.02
N LYS A 73 2.95 0.45 -1.87
CA LYS A 73 2.46 0.08 -3.18
C LYS A 73 2.14 -1.40 -3.23
N ILE A 74 0.91 -1.74 -2.90
CA ILE A 74 0.48 -3.12 -2.86
C ILE A 74 0.03 -3.56 -4.24
N ARG A 75 0.73 -4.51 -4.83
CA ARG A 75 0.46 -4.93 -6.19
C ARG A 75 -0.64 -5.99 -6.20
N LYS A 76 -1.62 -5.80 -5.31
CA LYS A 76 -2.75 -6.72 -5.12
C LYS A 76 -2.34 -8.19 -5.24
N ASP A 77 -3.28 -9.03 -5.63
CA ASP A 77 -2.97 -10.41 -6.01
C ASP A 77 -2.88 -10.50 -7.52
N VAL A 78 -2.70 -9.34 -8.17
CA VAL A 78 -2.50 -9.32 -9.59
C VAL A 78 -1.10 -9.81 -9.91
N ASP A 79 -1.05 -11.11 -10.18
CA ASP A 79 0.20 -11.85 -10.48
C ASP A 79 0.89 -12.26 -9.19
N VAL A 80 1.39 -11.30 -8.43
CA VAL A 80 1.96 -11.60 -7.13
C VAL A 80 0.89 -11.50 -6.06
N PRO A 81 1.03 -12.29 -5.00
CA PRO A 81 0.16 -12.23 -3.84
C PRO A 81 0.71 -11.25 -2.80
N LYS A 82 1.32 -10.19 -3.26
CA LYS A 82 2.11 -9.33 -2.39
C LYS A 82 2.07 -7.89 -2.86
N MET A 83 2.97 -7.09 -2.31
CA MET A 83 3.08 -5.70 -2.68
C MET A 83 4.38 -5.48 -3.43
N VAL A 84 4.26 -4.89 -4.60
CA VAL A 84 5.40 -4.69 -5.48
C VAL A 84 6.48 -3.84 -4.82
N GLY A 85 6.08 -2.83 -4.04
CA GLY A 85 7.06 -1.95 -3.44
C GLY A 85 6.47 -1.02 -2.42
N ARG A 86 7.18 0.07 -2.20
CA ARG A 86 6.83 1.03 -1.16
C ARG A 86 7.81 2.20 -1.23
N LYS A 87 7.36 3.30 -1.80
CA LYS A 87 8.22 4.45 -1.98
C LYS A 87 7.65 5.65 -1.26
N CYS A 88 8.41 6.22 -0.34
CA CYS A 88 7.99 7.43 0.33
C CYS A 88 8.17 8.60 -0.60
N ARG A 89 7.08 9.22 -0.93
CA ARG A 89 7.08 10.36 -1.82
C ARG A 89 6.32 11.47 -1.15
N LYS A 90 7.03 12.14 -0.25
CA LYS A 90 6.45 13.10 0.67
C LYS A 90 6.17 14.41 -0.05
N ASP A 91 6.88 14.63 -1.15
CA ASP A 91 6.71 15.84 -1.94
C ASP A 91 5.98 15.53 -3.25
N ASP A 92 4.77 15.00 -3.11
CA ASP A 92 3.89 14.72 -4.25
C ASP A 92 4.40 13.57 -5.11
N ASP A 93 3.49 12.92 -5.81
CA ASP A 93 3.83 11.80 -6.67
C ASP A 93 3.21 11.97 -8.05
N ASP A 94 4.03 11.81 -9.07
CA ASP A 94 3.58 11.96 -10.45
C ASP A 94 3.17 10.60 -11.00
N ASP A 95 4.18 9.81 -11.30
CA ASP A 95 4.00 8.43 -11.73
C ASP A 95 4.39 7.51 -10.58
N ASP A 96 4.10 6.23 -10.71
CA ASP A 96 4.39 5.30 -9.63
C ASP A 96 5.80 4.70 -9.76
N GLY A 97 5.90 3.48 -10.28
CA GLY A 97 7.18 2.80 -10.36
C GLY A 97 7.89 2.73 -9.02
N TYR A 98 7.52 1.76 -8.19
CA TYR A 98 8.07 1.68 -6.85
C TYR A 98 8.91 0.41 -6.72
N GLY A 1 2.22 -11.56 1.88
CA GLY A 1 1.19 -11.82 0.85
C GLY A 1 0.35 -10.60 0.59
N SER A 2 -0.33 -10.57 -0.55
CA SER A 2 -1.13 -9.41 -0.92
C SER A 2 -2.63 -9.68 -0.77
N LEU A 3 -3.09 -10.83 -1.30
CA LEU A 3 -4.46 -11.33 -1.10
C LEU A 3 -5.52 -10.53 -1.87
N ILE A 4 -5.21 -9.29 -2.19
CA ILE A 4 -6.20 -8.37 -2.73
C ILE A 4 -6.40 -8.58 -4.25
N LEU A 5 -6.11 -9.80 -4.67
CA LEU A 5 -6.13 -10.20 -6.07
C LEU A 5 -5.73 -11.67 -6.11
N ASP A 6 -5.74 -12.27 -7.27
CA ASP A 6 -5.27 -13.65 -7.41
C ASP A 6 -4.63 -13.83 -8.78
N GLY A 7 -3.87 -12.83 -9.20
CA GLY A 7 -3.31 -12.83 -10.54
C GLY A 7 -4.38 -12.66 -11.59
N ASP A 8 -5.53 -12.19 -11.15
CA ASP A 8 -6.69 -12.04 -12.03
C ASP A 8 -6.78 -10.60 -12.53
N LEU A 9 -6.46 -9.66 -11.64
CA LEU A 9 -6.44 -8.24 -11.97
C LEU A 9 -7.84 -7.67 -12.11
N LEU A 10 -8.38 -7.20 -10.99
CA LEU A 10 -9.64 -6.49 -10.97
C LEU A 10 -9.45 -5.11 -11.58
N LYS A 11 -8.19 -4.69 -11.67
CA LYS A 11 -7.82 -3.34 -12.10
C LYS A 11 -8.24 -2.33 -11.05
N ASP A 12 -9.53 -2.05 -10.98
CA ASP A 12 -10.10 -1.26 -9.90
C ASP A 12 -11.16 -2.11 -9.20
N LYS A 13 -11.04 -2.25 -7.89
CA LYS A 13 -11.98 -3.07 -7.15
C LYS A 13 -13.11 -2.23 -6.57
N LEU A 14 -12.78 -1.02 -6.14
CA LEU A 14 -13.77 -0.14 -5.54
C LEU A 14 -13.88 1.15 -6.32
N LYS A 15 -12.75 1.63 -6.87
CA LYS A 15 -12.71 2.81 -7.72
C LYS A 15 -13.37 4.00 -7.02
N LEU A 16 -13.00 4.20 -5.77
CA LEU A 16 -13.54 5.29 -4.96
C LEU A 16 -12.49 6.39 -4.81
N PRO A 17 -12.87 7.54 -4.22
CA PRO A 17 -11.92 8.58 -3.76
C PRO A 17 -10.95 8.02 -2.73
N VAL A 18 -10.39 8.89 -1.90
CA VAL A 18 -9.55 8.43 -0.82
C VAL A 18 -10.32 7.45 0.06
N ILE A 19 -9.72 6.29 0.24
CA ILE A 19 -10.37 5.19 0.94
C ILE A 19 -10.15 5.31 2.43
N ASP A 20 -11.08 4.77 3.21
CA ASP A 20 -11.03 4.85 4.66
C ASP A 20 -9.70 4.37 5.20
N ASN A 21 -9.18 5.07 6.20
CA ASN A 21 -7.90 4.71 6.79
C ASN A 21 -8.01 3.36 7.50
N LEU A 22 -9.20 3.05 8.00
CA LEU A 22 -9.47 1.74 8.59
C LEU A 22 -9.35 0.65 7.53
N PHE A 23 -9.93 0.89 6.35
CA PHE A 23 -9.81 -0.05 5.25
C PHE A 23 -8.35 -0.25 4.90
N GLY A 24 -7.62 0.85 4.87
CA GLY A 24 -6.20 0.78 4.63
C GLY A 24 -5.50 0.00 5.73
N LYS A 25 -5.78 0.36 6.98
CA LYS A 25 -5.20 -0.30 8.13
C LYS A 25 -5.42 -1.81 8.08
N GLU A 26 -6.56 -2.20 7.52
CA GLU A 26 -6.87 -3.58 7.26
C GLU A 26 -5.85 -4.20 6.31
N LEU A 27 -5.67 -3.57 5.15
CA LEU A 27 -4.64 -3.96 4.20
C LEU A 27 -3.29 -4.04 4.87
N LEU A 28 -2.86 -2.91 5.42
CA LEU A 28 -1.52 -2.78 5.98
C LEU A 28 -1.30 -3.76 7.13
N ASP A 29 -2.38 -4.19 7.77
CA ASP A 29 -2.31 -5.24 8.79
C ASP A 29 -1.95 -6.57 8.15
N LYS A 30 -2.62 -6.90 7.06
CA LYS A 30 -2.40 -8.17 6.37
C LYS A 30 -1.06 -8.14 5.63
N PHE A 31 -0.66 -6.95 5.24
CA PHE A 31 0.61 -6.75 4.54
C PHE A 31 1.74 -6.50 5.53
N GLN A 32 1.42 -6.45 6.81
CA GLN A 32 2.41 -6.18 7.82
C GLN A 32 3.54 -7.19 7.74
N ASP A 33 3.21 -8.47 7.66
CA ASP A 33 4.21 -9.51 7.52
C ASP A 33 5.00 -9.35 6.21
N ASP A 34 4.32 -8.87 5.18
CA ASP A 34 4.95 -8.67 3.87
C ASP A 34 5.92 -7.51 3.93
N ILE A 35 5.43 -6.40 4.46
CA ILE A 35 6.20 -5.18 4.62
C ILE A 35 7.35 -5.38 5.60
N LYS A 36 7.14 -6.25 6.56
CA LYS A 36 8.15 -6.49 7.59
C LYS A 36 9.15 -7.52 7.10
N ASP A 37 8.71 -8.42 6.25
CA ASP A 37 9.61 -9.34 5.59
C ASP A 37 10.60 -8.56 4.73
N LYS A 38 10.06 -7.68 3.91
CA LYS A 38 10.86 -6.87 3.00
C LYS A 38 11.66 -5.80 3.74
N TYR A 39 10.96 -4.93 4.45
CA TYR A 39 11.59 -3.74 5.02
C TYR A 39 11.74 -3.88 6.53
N GLY A 40 10.76 -4.49 7.17
CA GLY A 40 10.81 -4.65 8.61
C GLY A 40 9.88 -3.68 9.35
N VAL A 41 8.80 -3.31 8.70
CA VAL A 41 7.85 -2.37 9.27
C VAL A 41 6.70 -3.12 9.94
N ASP A 42 6.24 -2.62 11.07
CA ASP A 42 5.23 -3.31 11.86
C ASP A 42 3.86 -2.64 11.71
N THR A 43 3.82 -1.68 10.79
CA THR A 43 2.62 -0.94 10.35
C THR A 43 1.82 -0.23 11.45
N LYS A 44 2.07 -0.56 12.71
CA LYS A 44 1.38 0.07 13.84
C LYS A 44 1.56 1.58 13.86
N ASP A 45 2.75 2.02 13.48
CA ASP A 45 3.12 3.44 13.55
C ASP A 45 2.44 4.24 12.45
N LEU A 46 2.25 3.59 11.33
CA LEU A 46 1.77 4.24 10.12
C LEU A 46 0.40 4.88 10.29
N LYS A 47 0.37 6.20 10.16
CA LYS A 47 -0.88 6.94 10.12
C LYS A 47 -1.30 7.11 8.67
N ILE A 48 -2.35 6.43 8.28
CA ILE A 48 -2.76 6.45 6.88
C ILE A 48 -3.38 7.78 6.49
N LEU A 49 -2.75 8.41 5.52
CA LEU A 49 -3.15 9.73 5.05
C LEU A 49 -4.13 9.60 3.90
N LYS A 50 -3.83 8.67 3.01
CA LYS A 50 -4.60 8.49 1.80
C LYS A 50 -4.46 7.08 1.26
N THR A 51 -5.49 6.29 1.44
CA THR A 51 -5.57 5.00 0.79
C THR A 51 -6.26 5.20 -0.55
N SER A 52 -5.70 4.63 -1.60
CA SER A 52 -6.35 4.64 -2.91
C SER A 52 -5.83 3.49 -3.75
N GLU A 53 -6.44 3.29 -4.91
CA GLU A 53 -6.01 2.23 -5.79
C GLU A 53 -5.85 2.74 -7.22
N ASP A 54 -4.95 2.11 -7.93
CA ASP A 54 -4.69 2.44 -9.31
C ASP A 54 -4.64 1.14 -10.11
N LYS A 55 -4.30 1.21 -11.39
CA LYS A 55 -4.22 0.02 -12.22
C LYS A 55 -3.10 -0.88 -11.76
N ARG A 56 -3.48 -2.06 -11.25
CA ARG A 56 -2.53 -3.11 -10.84
C ARG A 56 -1.86 -2.77 -9.50
N PHE A 57 -1.93 -1.51 -9.08
CA PHE A 57 -1.24 -1.08 -7.87
C PHE A 57 -2.19 -0.46 -6.85
N TYR A 58 -1.87 -0.65 -5.58
CA TYR A 58 -2.53 0.04 -4.49
C TYR A 58 -1.58 1.09 -3.94
N TYR A 59 -2.11 2.17 -3.40
CA TYR A 59 -1.28 3.22 -2.86
C TYR A 59 -1.80 3.67 -1.51
N VAL A 60 -1.09 3.31 -0.45
CA VAL A 60 -1.44 3.73 0.88
C VAL A 60 -0.43 4.75 1.40
N SER A 61 -0.76 6.03 1.26
CA SER A 61 0.10 7.08 1.77
C SER A 61 -0.04 7.18 3.28
N VAL A 62 1.07 7.20 3.98
CA VAL A 62 1.05 7.17 5.44
C VAL A 62 2.09 8.09 6.05
N ASP A 63 1.80 8.57 7.24
CA ASP A 63 2.78 9.28 8.06
C ASP A 63 3.73 8.24 8.66
N ALA A 64 4.93 8.18 8.14
CA ALA A 64 5.86 7.12 8.50
C ALA A 64 6.86 7.56 9.57
N GLY A 65 6.40 8.41 10.47
CA GLY A 65 7.25 8.84 11.55
C GLY A 65 6.67 10.02 12.29
N ASP A 66 7.11 11.21 11.92
CA ASP A 66 6.62 12.43 12.54
C ASP A 66 6.38 13.50 11.48
N GLY A 67 6.73 13.20 10.24
CA GLY A 67 6.62 14.17 9.17
C GLY A 67 6.81 13.57 7.81
N GLU A 68 7.62 12.52 7.73
CA GLU A 68 7.87 11.86 6.46
C GLU A 68 6.63 11.16 5.95
N LYS A 69 6.23 11.54 4.75
CA LYS A 69 5.01 11.05 4.18
C LYS A 69 5.31 9.96 3.16
N CYS A 70 5.01 8.74 3.55
CA CYS A 70 5.32 7.59 2.74
C CYS A 70 4.09 7.14 1.99
N LYS A 71 4.24 6.12 1.18
CA LYS A 71 3.14 5.55 0.44
C LYS A 71 3.48 4.12 0.07
N PHE A 72 2.74 3.19 0.65
CA PHE A 72 2.97 1.78 0.41
C PHE A 72 2.34 1.36 -0.90
N LYS A 73 3.19 0.99 -1.85
CA LYS A 73 2.73 0.58 -3.15
C LYS A 73 2.43 -0.91 -3.14
N ILE A 74 1.21 -1.23 -2.79
CA ILE A 74 0.77 -2.60 -2.74
C ILE A 74 0.40 -3.08 -4.13
N ARG A 75 1.31 -3.81 -4.74
CA ARG A 75 1.04 -4.40 -6.03
C ARG A 75 -0.01 -5.49 -5.84
N LYS A 76 -1.25 -5.14 -6.17
CA LYS A 76 -2.39 -6.02 -5.90
C LYS A 76 -2.10 -7.45 -6.34
N ASP A 77 -2.24 -8.39 -5.38
CA ASP A 77 -1.83 -9.81 -5.50
C ASP A 77 -1.76 -10.29 -6.95
N VAL A 78 -0.64 -9.98 -7.60
CA VAL A 78 -0.52 -10.20 -9.01
C VAL A 78 0.40 -11.37 -9.28
N ASP A 79 -0.21 -12.48 -9.68
CA ASP A 79 0.51 -13.75 -9.91
C ASP A 79 0.93 -14.37 -8.58
N VAL A 80 1.74 -13.63 -7.82
CA VAL A 80 2.22 -14.10 -6.53
C VAL A 80 1.82 -13.11 -5.43
N PRO A 81 1.90 -13.53 -4.16
CA PRO A 81 1.47 -12.72 -3.04
C PRO A 81 2.59 -11.88 -2.43
N LYS A 82 2.58 -10.58 -2.71
CA LYS A 82 3.57 -9.66 -2.17
C LYS A 82 3.33 -8.23 -2.64
N MET A 83 3.94 -7.30 -1.92
CA MET A 83 3.89 -5.89 -2.27
C MET A 83 5.10 -5.54 -3.14
N VAL A 84 4.91 -4.67 -4.13
CA VAL A 84 5.99 -4.34 -5.05
C VAL A 84 7.04 -3.46 -4.39
N GLY A 85 6.61 -2.35 -3.82
CA GLY A 85 7.56 -1.40 -3.30
C GLY A 85 6.98 -0.53 -2.21
N ARG A 86 7.88 0.04 -1.42
CA ARG A 86 7.51 1.01 -0.41
C ARG A 86 8.31 2.27 -0.62
N LYS A 87 7.72 3.23 -1.32
CA LYS A 87 8.43 4.44 -1.67
C LYS A 87 7.81 5.63 -0.97
N CYS A 88 8.54 6.21 -0.04
CA CYS A 88 8.04 7.40 0.64
C CYS A 88 8.29 8.61 -0.22
N ARG A 89 7.33 9.50 -0.29
CA ARG A 89 7.42 10.66 -1.13
C ARG A 89 7.02 11.89 -0.35
N LYS A 90 7.82 12.20 0.65
CA LYS A 90 7.59 13.36 1.49
C LYS A 90 7.70 14.63 0.63
N ASP A 91 8.40 14.49 -0.49
CA ASP A 91 8.56 15.57 -1.44
C ASP A 91 8.09 15.13 -2.82
N ASP A 92 8.91 14.32 -3.50
CA ASP A 92 8.58 13.84 -4.84
C ASP A 92 8.65 12.31 -4.88
N ASP A 93 8.11 11.71 -5.93
CA ASP A 93 8.04 10.26 -6.02
C ASP A 93 8.96 9.72 -7.12
N ASP A 94 8.77 8.45 -7.48
CA ASP A 94 9.67 7.77 -8.41
C ASP A 94 8.98 7.56 -9.76
N ASP A 95 9.62 6.81 -10.64
CA ASP A 95 9.09 6.52 -11.97
C ASP A 95 7.99 5.48 -11.86
N ASP A 96 8.37 4.22 -11.74
CA ASP A 96 7.43 3.13 -11.48
C ASP A 96 8.02 2.18 -10.46
N GLY A 97 9.33 2.18 -10.34
CA GLY A 97 9.99 1.46 -9.27
C GLY A 97 9.66 2.12 -7.93
N TYR A 98 8.45 1.90 -7.48
CA TYR A 98 7.94 2.61 -6.32
C TYR A 98 7.82 1.62 -5.18
N GLY A 1 0.92 -11.56 2.79
CA GLY A 1 0.92 -11.58 1.31
C GLY A 1 -0.27 -10.85 0.73
N SER A 2 -0.26 -10.64 -0.57
CA SER A 2 -1.35 -9.95 -1.24
C SER A 2 -2.43 -10.94 -1.62
N LEU A 3 -3.44 -11.03 -0.78
CA LEU A 3 -4.61 -11.85 -1.08
C LEU A 3 -5.73 -10.93 -1.55
N ILE A 4 -5.33 -9.79 -2.08
CA ILE A 4 -6.23 -8.74 -2.48
C ILE A 4 -7.06 -9.14 -3.71
N LEU A 5 -6.48 -9.96 -4.57
CA LEU A 5 -7.16 -10.43 -5.77
C LEU A 5 -6.99 -11.93 -5.91
N ASP A 6 -7.61 -12.49 -6.94
CA ASP A 6 -7.42 -13.90 -7.27
C ASP A 6 -6.99 -14.02 -8.71
N GLY A 7 -5.75 -13.66 -8.96
CA GLY A 7 -5.24 -13.64 -10.31
C GLY A 7 -5.74 -12.42 -11.06
N ASP A 8 -5.85 -11.30 -10.34
CA ASP A 8 -6.31 -10.02 -10.91
C ASP A 8 -7.79 -10.05 -11.27
N LEU A 9 -8.61 -9.53 -10.37
CA LEU A 9 -10.02 -9.34 -10.63
C LEU A 9 -10.39 -7.89 -10.34
N LEU A 10 -9.92 -7.00 -11.20
CA LEU A 10 -10.12 -5.57 -10.98
C LEU A 10 -11.60 -5.21 -11.03
N LYS A 11 -12.21 -5.45 -12.19
CA LYS A 11 -13.62 -5.13 -12.42
C LYS A 11 -13.91 -3.67 -12.05
N ASP A 12 -14.46 -3.46 -10.87
CA ASP A 12 -14.68 -2.11 -10.38
C ASP A 12 -13.55 -1.71 -9.45
N LYS A 13 -12.51 -1.13 -10.04
CA LYS A 13 -11.35 -0.67 -9.29
C LYS A 13 -11.37 0.84 -9.17
N LEU A 14 -10.55 1.37 -8.27
CA LEU A 14 -10.55 2.79 -7.96
C LEU A 14 -11.93 3.21 -7.46
N LYS A 15 -12.08 3.19 -6.14
CA LYS A 15 -13.36 3.45 -5.51
C LYS A 15 -13.49 4.92 -5.11
N LEU A 16 -14.31 5.17 -4.10
CA LEU A 16 -14.53 6.50 -3.57
C LEU A 16 -13.22 7.18 -3.21
N PRO A 17 -13.16 8.52 -3.33
CA PRO A 17 -11.98 9.31 -2.94
C PRO A 17 -11.54 9.00 -1.51
N VAL A 18 -10.22 8.83 -1.34
CA VAL A 18 -9.61 8.37 -0.09
C VAL A 18 -10.41 7.26 0.59
N ILE A 19 -9.99 6.06 0.28
CA ILE A 19 -10.60 4.84 0.78
C ILE A 19 -10.36 4.73 2.29
N ASP A 20 -11.22 4.00 2.98
CA ASP A 20 -11.19 3.89 4.43
C ASP A 20 -9.79 3.58 4.95
N ASN A 21 -9.40 4.25 6.03
CA ASN A 21 -8.09 4.04 6.65
C ASN A 21 -8.05 2.68 7.34
N LEU A 22 -9.23 2.13 7.62
CA LEU A 22 -9.35 0.79 8.14
C LEU A 22 -9.11 -0.23 7.03
N PHE A 23 -9.74 0.02 5.88
CA PHE A 23 -9.55 -0.84 4.71
C PHE A 23 -8.07 -0.84 4.34
N GLY A 24 -7.46 0.33 4.42
CA GLY A 24 -6.04 0.43 4.22
C GLY A 24 -5.28 -0.35 5.27
N LYS A 25 -5.65 -0.16 6.52
CA LYS A 25 -5.00 -0.85 7.63
C LYS A 25 -5.02 -2.36 7.42
N GLU A 26 -6.14 -2.84 6.89
CA GLU A 26 -6.33 -4.23 6.55
C GLU A 26 -5.28 -4.70 5.55
N LEU A 27 -5.07 -3.91 4.51
CA LEU A 27 -4.04 -4.19 3.52
C LEU A 27 -2.68 -4.27 4.20
N LEU A 28 -2.30 -3.19 4.86
CA LEU A 28 -1.01 -3.07 5.50
C LEU A 28 -0.80 -4.17 6.53
N ASP A 29 -1.87 -4.55 7.18
CA ASP A 29 -1.84 -5.65 8.17
C ASP A 29 -1.43 -6.97 7.52
N LYS A 30 -1.83 -7.17 6.26
CA LYS A 30 -1.46 -8.37 5.52
C LYS A 30 0.01 -8.34 5.12
N PHE A 31 0.56 -7.14 4.98
CA PHE A 31 1.95 -7.00 4.60
C PHE A 31 2.83 -6.58 5.78
N GLN A 32 2.21 -6.50 6.94
CA GLN A 32 2.87 -6.09 8.16
C GLN A 32 4.14 -6.88 8.42
N ASP A 33 4.04 -8.20 8.34
CA ASP A 33 5.19 -9.07 8.56
C ASP A 33 6.31 -8.74 7.58
N ASP A 34 5.96 -8.49 6.33
CA ASP A 34 6.94 -8.17 5.30
C ASP A 34 7.50 -6.76 5.51
N ILE A 35 6.63 -5.85 5.90
CA ILE A 35 7.03 -4.46 6.14
C ILE A 35 7.90 -4.38 7.41
N LYS A 36 7.79 -5.39 8.26
CA LYS A 36 8.59 -5.46 9.47
C LYS A 36 9.89 -6.20 9.18
N ASP A 37 9.80 -7.16 8.28
CA ASP A 37 10.98 -7.85 7.80
C ASP A 37 11.86 -6.90 6.99
N LYS A 38 11.22 -6.14 6.11
CA LYS A 38 11.93 -5.28 5.16
C LYS A 38 12.27 -3.91 5.76
N TYR A 39 11.63 -3.57 6.86
CA TYR A 39 11.93 -2.32 7.55
C TYR A 39 11.92 -2.53 9.05
N GLY A 40 10.80 -3.02 9.56
CA GLY A 40 10.65 -3.23 10.98
C GLY A 40 9.45 -2.49 11.54
N VAL A 41 8.39 -2.42 10.76
CA VAL A 41 7.22 -1.66 11.14
C VAL A 41 6.06 -2.60 11.49
N ASP A 42 5.24 -2.17 12.44
CA ASP A 42 4.07 -2.96 12.86
C ASP A 42 2.82 -2.43 12.18
N THR A 43 3.05 -1.53 11.22
CA THR A 43 2.02 -0.87 10.39
C THR A 43 0.96 -0.07 11.17
N LYS A 44 0.60 -0.51 12.35
CA LYS A 44 -0.41 0.18 13.15
C LYS A 44 0.06 1.58 13.52
N ASP A 45 1.37 1.73 13.64
CA ASP A 45 1.99 2.98 14.00
C ASP A 45 1.98 3.96 12.83
N LEU A 46 1.71 3.45 11.64
CA LEU A 46 1.69 4.26 10.44
C LEU A 46 0.36 4.98 10.31
N LYS A 47 0.42 6.29 10.19
CA LYS A 47 -0.76 7.08 9.99
C LYS A 47 -1.16 7.05 8.53
N ILE A 48 -2.15 6.24 8.21
CA ILE A 48 -2.63 6.14 6.85
C ILE A 48 -3.35 7.42 6.47
N LEU A 49 -2.76 8.13 5.52
CA LEU A 49 -3.22 9.43 5.09
C LEU A 49 -4.31 9.29 4.04
N LYS A 50 -4.13 8.34 3.14
CA LYS A 50 -5.03 8.17 2.01
C LYS A 50 -4.91 6.78 1.41
N THR A 51 -5.87 5.93 1.70
CA THR A 51 -5.94 4.64 1.04
C THR A 51 -6.51 4.83 -0.36
N SER A 52 -5.77 4.42 -1.37
CA SER A 52 -6.24 4.57 -2.74
C SER A 52 -5.54 3.57 -3.66
N GLU A 53 -5.78 3.72 -4.95
CA GLU A 53 -5.05 2.98 -5.96
C GLU A 53 -4.95 3.82 -7.23
N ASP A 54 -4.29 3.30 -8.23
CA ASP A 54 -4.29 3.94 -9.55
C ASP A 54 -5.05 3.04 -10.52
N LYS A 55 -4.34 2.06 -11.06
CA LYS A 55 -4.97 0.97 -11.79
C LYS A 55 -4.25 -0.31 -11.45
N ARG A 56 -4.91 -1.17 -10.67
CA ARG A 56 -4.38 -2.50 -10.34
C ARG A 56 -3.30 -2.41 -9.25
N PHE A 57 -2.74 -1.22 -9.04
CA PHE A 57 -1.75 -1.00 -8.01
C PHE A 57 -2.35 -0.16 -6.89
N TYR A 58 -2.32 -0.68 -5.67
CA TYR A 58 -2.78 0.08 -4.51
C TYR A 58 -1.73 1.08 -4.07
N TYR A 59 -2.19 2.20 -3.54
CA TYR A 59 -1.31 3.22 -3.01
C TYR A 59 -1.81 3.67 -1.65
N VAL A 60 -1.28 3.09 -0.59
CA VAL A 60 -1.68 3.47 0.76
C VAL A 60 -0.80 4.61 1.27
N SER A 61 -1.29 5.83 1.10
CA SER A 61 -0.63 7.01 1.60
C SER A 61 -0.49 6.92 3.11
N VAL A 62 0.73 7.12 3.61
CA VAL A 62 0.99 7.01 5.05
C VAL A 62 2.08 7.97 5.50
N ASP A 63 2.01 8.34 6.76
CA ASP A 63 3.08 9.08 7.41
C ASP A 63 3.87 8.10 8.26
N ALA A 64 5.18 8.10 8.12
CA ALA A 64 5.99 7.11 8.79
C ALA A 64 6.48 7.57 10.16
N GLY A 65 6.02 8.75 10.59
CA GLY A 65 6.25 9.19 11.95
C GLY A 65 7.50 10.02 12.11
N ASP A 66 8.42 9.93 11.15
CA ASP A 66 9.67 10.66 11.23
C ASP A 66 9.64 11.88 10.31
N GLY A 67 8.44 12.29 9.94
CA GLY A 67 8.29 13.38 9.00
C GLY A 67 8.34 12.88 7.57
N GLU A 68 8.96 11.72 7.40
CA GLU A 68 9.06 11.07 6.11
C GLU A 68 7.70 10.55 5.67
N LYS A 69 7.48 10.50 4.37
CA LYS A 69 6.19 10.11 3.85
C LYS A 69 6.34 8.91 2.94
N CYS A 70 5.29 8.12 2.87
CA CYS A 70 5.29 6.92 2.06
C CYS A 70 3.88 6.71 1.52
N LYS A 71 3.77 5.76 0.61
CA LYS A 71 2.50 5.42 0.02
C LYS A 71 2.59 4.01 -0.52
N PHE A 72 2.26 3.06 0.34
CA PHE A 72 2.48 1.64 0.06
C PHE A 72 1.86 1.22 -1.26
N LYS A 73 2.71 0.89 -2.22
CA LYS A 73 2.26 0.44 -3.50
C LYS A 73 1.99 -1.06 -3.45
N ILE A 74 0.83 -1.37 -2.92
CA ILE A 74 0.44 -2.75 -2.75
C ILE A 74 -0.01 -3.32 -4.08
N ARG A 75 0.87 -4.10 -4.67
CA ARG A 75 0.54 -4.76 -5.91
C ARG A 75 -0.46 -5.86 -5.60
N LYS A 76 -1.67 -5.67 -6.08
CA LYS A 76 -2.74 -6.62 -5.85
C LYS A 76 -2.34 -8.00 -6.36
N ASP A 77 -3.01 -9.05 -5.87
CA ASP A 77 -2.75 -10.41 -6.36
C ASP A 77 -3.21 -10.53 -7.82
N VAL A 78 -2.44 -9.95 -8.70
CA VAL A 78 -2.77 -9.93 -10.12
C VAL A 78 -2.01 -11.01 -10.84
N ASP A 79 -1.15 -11.66 -10.09
CA ASP A 79 -0.24 -12.68 -10.59
C ASP A 79 0.66 -13.13 -9.43
N VAL A 80 1.42 -12.18 -8.90
CA VAL A 80 2.22 -12.42 -7.72
C VAL A 80 1.46 -11.92 -6.49
N PRO A 81 1.50 -12.70 -5.41
CA PRO A 81 0.83 -12.36 -4.15
C PRO A 81 1.68 -11.44 -3.28
N LYS A 82 2.31 -10.44 -3.87
CA LYS A 82 3.21 -9.59 -3.11
C LYS A 82 3.04 -8.11 -3.47
N MET A 83 3.12 -7.29 -2.44
CA MET A 83 3.19 -5.85 -2.61
C MET A 83 4.50 -5.50 -3.30
N VAL A 84 4.40 -4.80 -4.43
CA VAL A 84 5.56 -4.53 -5.25
C VAL A 84 6.39 -3.38 -4.70
N GLY A 85 5.72 -2.36 -4.18
CA GLY A 85 6.44 -1.17 -3.83
C GLY A 85 5.90 -0.48 -2.59
N ARG A 86 6.55 0.61 -2.27
CA ARG A 86 6.26 1.39 -1.08
C ARG A 86 6.70 2.80 -1.35
N LYS A 87 5.78 3.64 -1.80
CA LYS A 87 6.12 4.93 -2.37
C LYS A 87 6.54 5.94 -1.30
N CYS A 88 7.59 5.61 -0.59
CA CYS A 88 8.26 6.53 0.30
C CYS A 88 9.54 6.98 -0.36
N ARG A 89 9.60 8.23 -0.76
CA ARG A 89 10.73 8.70 -1.53
C ARG A 89 11.57 9.63 -0.70
N LYS A 90 11.35 9.54 0.61
CA LYS A 90 12.23 10.16 1.59
C LYS A 90 13.50 9.34 1.71
N ASP A 91 13.44 8.16 1.08
CA ASP A 91 14.60 7.28 0.93
C ASP A 91 14.92 7.20 -0.57
N ASP A 92 15.38 6.04 -1.02
CA ASP A 92 15.70 5.84 -2.43
C ASP A 92 14.47 6.11 -3.32
N ASP A 93 14.71 6.67 -4.50
CA ASP A 93 13.65 7.11 -5.38
C ASP A 93 13.67 6.37 -6.73
N ASP A 94 14.31 5.20 -6.76
CA ASP A 94 14.34 4.41 -7.98
C ASP A 94 13.87 2.98 -7.74
N ASP A 95 12.88 2.55 -8.51
CA ASP A 95 12.34 1.20 -8.39
C ASP A 95 11.71 0.79 -9.71
N ASP A 96 11.23 -0.43 -9.82
CA ASP A 96 10.59 -0.88 -11.05
C ASP A 96 9.08 -0.97 -10.85
N GLY A 97 8.66 -0.95 -9.59
CA GLY A 97 7.25 -0.97 -9.29
C GLY A 97 6.71 0.41 -9.06
N TYR A 98 6.84 0.90 -7.84
CA TYR A 98 6.44 2.27 -7.51
C TYR A 98 7.42 3.29 -8.07
N GLY A 1 3.74 -11.25 2.12
CA GLY A 1 2.81 -11.46 0.97
C GLY A 1 1.78 -10.35 0.87
N SER A 2 1.07 -10.32 -0.26
CA SER A 2 -0.02 -9.39 -0.49
C SER A 2 -1.15 -10.11 -1.23
N LEU A 3 -2.16 -10.52 -0.49
CA LEU A 3 -3.22 -11.35 -1.05
C LEU A 3 -4.46 -10.53 -1.40
N ILE A 4 -4.69 -10.38 -2.69
CA ILE A 4 -5.89 -9.75 -3.23
C ILE A 4 -5.91 -9.91 -4.75
N LEU A 5 -6.40 -11.06 -5.20
CA LEU A 5 -6.32 -11.41 -6.61
C LEU A 5 -7.68 -11.66 -7.23
N ASP A 6 -8.25 -12.84 -6.96
CA ASP A 6 -9.53 -13.24 -7.55
C ASP A 6 -9.46 -13.21 -9.07
N GLY A 7 -8.23 -13.23 -9.60
CA GLY A 7 -8.03 -13.16 -11.02
C GLY A 7 -7.38 -11.86 -11.45
N ASP A 8 -6.36 -11.42 -10.70
CA ASP A 8 -5.62 -10.19 -11.02
C ASP A 8 -6.53 -8.96 -11.10
N LEU A 9 -7.67 -8.98 -10.40
CA LEU A 9 -8.68 -7.93 -10.58
C LEU A 9 -9.25 -7.51 -9.24
N LEU A 10 -9.95 -6.37 -9.25
CA LEU A 10 -10.58 -5.83 -8.05
C LEU A 10 -11.33 -4.55 -8.40
N LYS A 11 -10.65 -3.40 -8.22
CA LYS A 11 -11.15 -2.11 -8.68
C LYS A 11 -12.54 -1.80 -8.11
N ASP A 12 -12.79 -2.27 -6.89
CA ASP A 12 -14.12 -2.14 -6.29
C ASP A 12 -14.35 -0.72 -5.83
N LYS A 13 -13.49 -0.25 -4.92
CA LYS A 13 -13.61 1.10 -4.39
C LYS A 13 -12.71 2.05 -5.18
N LEU A 14 -12.62 1.78 -6.48
CA LEU A 14 -11.84 2.60 -7.38
C LEU A 14 -12.55 3.95 -7.60
N LYS A 15 -11.85 4.87 -8.25
CA LYS A 15 -12.40 6.20 -8.60
C LYS A 15 -12.58 7.07 -7.37
N LEU A 16 -11.96 6.66 -6.28
CA LEU A 16 -12.00 7.42 -5.05
C LEU A 16 -10.67 8.15 -4.86
N PRO A 17 -10.71 9.41 -4.38
CA PRO A 17 -9.51 10.17 -4.04
C PRO A 17 -8.78 9.48 -2.90
N VAL A 18 -9.51 9.30 -1.85
CA VAL A 18 -9.06 8.52 -0.71
C VAL A 18 -10.13 7.49 -0.34
N ILE A 19 -9.68 6.26 -0.24
CA ILE A 19 -10.53 5.14 0.13
C ILE A 19 -10.51 4.99 1.65
N ASP A 20 -11.27 4.05 2.19
CA ASP A 20 -11.29 3.81 3.63
C ASP A 20 -9.88 3.66 4.16
N ASN A 21 -9.50 4.53 5.10
CA ASN A 21 -8.19 4.45 5.71
C ASN A 21 -8.11 3.21 6.59
N LEU A 22 -9.27 2.72 7.01
CA LEU A 22 -9.38 1.46 7.72
C LEU A 22 -9.15 0.31 6.76
N PHE A 23 -9.64 0.45 5.53
CA PHE A 23 -9.41 -0.56 4.51
C PHE A 23 -7.92 -0.65 4.23
N GLY A 24 -7.28 0.51 4.12
CA GLY A 24 -5.85 0.55 4.00
C GLY A 24 -5.19 -0.04 5.21
N LYS A 25 -5.66 0.35 6.38
CA LYS A 25 -5.15 -0.17 7.65
C LYS A 25 -5.15 -1.68 7.64
N GLU A 26 -6.25 -2.23 7.14
CA GLU A 26 -6.45 -3.65 7.01
C GLU A 26 -5.43 -4.31 6.09
N LEU A 27 -5.11 -3.63 4.99
CA LEU A 27 -4.05 -4.11 4.10
C LEU A 27 -2.75 -4.18 4.86
N LEU A 28 -2.33 -3.03 5.36
CA LEU A 28 -1.06 -2.89 6.06
C LEU A 28 -0.99 -3.79 7.27
N ASP A 29 -2.14 -3.99 7.90
CA ASP A 29 -2.26 -4.88 9.05
C ASP A 29 -1.86 -6.31 8.69
N LYS A 30 -2.42 -6.81 7.59
CA LYS A 30 -2.08 -8.13 7.10
C LYS A 30 -0.64 -8.17 6.61
N PHE A 31 -0.31 -7.20 5.77
CA PHE A 31 0.98 -7.17 5.10
C PHE A 31 2.03 -6.54 6.01
N GLN A 32 1.69 -6.40 7.28
CA GLN A 32 2.64 -5.98 8.27
C GLN A 32 3.76 -7.01 8.35
N ASP A 33 3.39 -8.27 8.19
CA ASP A 33 4.35 -9.36 8.12
C ASP A 33 5.27 -9.16 6.93
N ASP A 34 4.73 -8.62 5.83
CA ASP A 34 5.50 -8.43 4.62
C ASP A 34 6.47 -7.26 4.78
N ILE A 35 5.97 -6.17 5.35
CA ILE A 35 6.81 -4.99 5.59
C ILE A 35 7.84 -5.26 6.68
N LYS A 36 7.51 -6.18 7.56
CA LYS A 36 8.41 -6.57 8.63
C LYS A 36 9.40 -7.59 8.10
N ASP A 37 8.95 -8.35 7.11
CA ASP A 37 9.82 -9.24 6.35
C ASP A 37 10.78 -8.40 5.49
N LYS A 38 10.24 -7.36 4.87
CA LYS A 38 11.03 -6.47 4.05
C LYS A 38 12.00 -5.65 4.90
N TYR A 39 11.48 -5.08 5.98
CA TYR A 39 12.26 -4.17 6.81
C TYR A 39 12.20 -4.58 8.27
N GLY A 40 10.98 -4.66 8.78
CA GLY A 40 10.77 -4.84 10.20
C GLY A 40 10.01 -3.67 10.78
N VAL A 41 8.80 -3.46 10.30
CA VAL A 41 8.03 -2.29 10.64
C VAL A 41 6.67 -2.66 11.23
N ASP A 42 6.12 -1.75 12.03
CA ASP A 42 4.78 -1.91 12.57
C ASP A 42 3.83 -0.98 11.82
N THR A 43 2.79 -1.55 11.24
CA THR A 43 1.87 -0.78 10.42
C THR A 43 0.74 -0.18 11.26
N LYS A 44 0.60 -0.67 12.48
CA LYS A 44 -0.42 -0.19 13.38
C LYS A 44 0.02 1.12 14.02
N ASP A 45 1.27 1.48 13.76
CA ASP A 45 1.83 2.74 14.26
C ASP A 45 1.81 3.78 13.14
N LEU A 46 1.74 3.30 11.91
CA LEU A 46 1.71 4.15 10.73
C LEU A 46 0.35 4.82 10.59
N LYS A 47 0.35 6.15 10.53
CA LYS A 47 -0.88 6.90 10.34
C LYS A 47 -1.21 6.96 8.86
N ILE A 48 -2.28 6.32 8.46
CA ILE A 48 -2.64 6.27 7.06
C ILE A 48 -3.32 7.56 6.61
N LEU A 49 -2.66 8.25 5.71
CA LEU A 49 -3.11 9.53 5.21
C LEU A 49 -4.10 9.35 4.07
N LYS A 50 -3.71 8.53 3.10
CA LYS A 50 -4.48 8.35 1.89
C LYS A 50 -4.36 6.93 1.37
N THR A 51 -5.45 6.17 1.46
CA THR A 51 -5.51 4.86 0.84
C THR A 51 -6.19 4.99 -0.51
N SER A 52 -5.57 4.48 -1.55
CA SER A 52 -6.15 4.52 -2.88
C SER A 52 -5.75 3.27 -3.66
N GLU A 53 -6.45 2.98 -4.74
CA GLU A 53 -6.03 1.90 -5.61
C GLU A 53 -6.06 2.36 -7.06
N ASP A 54 -5.36 1.63 -7.89
CA ASP A 54 -5.30 1.91 -9.31
C ASP A 54 -5.34 0.59 -10.06
N LYS A 55 -4.87 0.57 -11.29
CA LYS A 55 -4.83 -0.64 -12.07
C LYS A 55 -3.74 -1.57 -11.54
N ARG A 56 -4.17 -2.60 -10.81
CA ARG A 56 -3.26 -3.61 -10.22
C ARG A 56 -2.50 -3.07 -9.00
N PHE A 57 -2.49 -1.76 -8.81
CA PHE A 57 -1.71 -1.17 -7.72
C PHE A 57 -2.60 -0.63 -6.61
N TYR A 58 -2.09 -0.67 -5.38
CA TYR A 58 -2.67 0.06 -4.27
C TYR A 58 -1.69 1.11 -3.77
N TYR A 59 -2.20 2.20 -3.23
CA TYR A 59 -1.37 3.28 -2.75
C TYR A 59 -1.77 3.65 -1.33
N VAL A 60 -0.97 3.23 -0.35
CA VAL A 60 -1.23 3.60 1.03
C VAL A 60 -0.24 4.65 1.51
N SER A 61 -0.63 5.91 1.41
CA SER A 61 0.21 7.00 1.84
C SER A 61 0.08 7.14 3.35
N VAL A 62 1.19 6.98 4.07
CA VAL A 62 1.16 6.99 5.52
C VAL A 62 2.22 7.93 6.09
N ASP A 63 1.97 8.39 7.30
CA ASP A 63 2.95 9.15 8.05
C ASP A 63 3.82 8.17 8.81
N ALA A 64 5.03 7.96 8.31
CA ALA A 64 5.95 6.97 8.85
C ALA A 64 6.37 7.31 10.28
N GLY A 65 6.36 8.60 10.61
CA GLY A 65 6.73 9.04 11.95
C GLY A 65 8.01 9.84 11.93
N ASP A 66 8.82 9.63 10.90
CA ASP A 66 10.08 10.34 10.75
C ASP A 66 9.83 11.71 10.13
N GLY A 67 8.72 11.83 9.44
CA GLY A 67 8.41 13.03 8.70
C GLY A 67 8.07 12.69 7.27
N GLU A 68 8.71 11.64 6.79
CA GLU A 68 8.49 11.12 5.44
C GLU A 68 7.07 10.62 5.26
N LYS A 69 6.49 10.96 4.12
CA LYS A 69 5.17 10.48 3.77
C LYS A 69 5.30 9.32 2.80
N CYS A 70 5.33 8.11 3.33
CA CYS A 70 5.60 6.94 2.51
C CYS A 70 4.31 6.38 1.96
N LYS A 71 4.31 6.10 0.68
CA LYS A 71 3.14 5.59 0.03
C LYS A 71 3.36 4.13 -0.33
N PHE A 72 2.91 3.25 0.55
CA PHE A 72 3.05 1.82 0.33
C PHE A 72 2.26 1.41 -0.89
N LYS A 73 2.95 1.26 -2.00
CA LYS A 73 2.32 0.84 -3.23
C LYS A 73 2.14 -0.66 -3.20
N ILE A 74 1.07 -1.07 -2.58
CA ILE A 74 0.77 -2.46 -2.42
C ILE A 74 0.20 -3.00 -3.70
N ARG A 75 1.07 -3.54 -4.53
CA ARG A 75 0.64 -4.17 -5.75
C ARG A 75 -0.24 -5.34 -5.39
N LYS A 76 -1.44 -5.34 -5.91
CA LYS A 76 -2.40 -6.40 -5.62
C LYS A 76 -1.83 -7.73 -6.08
N ASP A 77 -2.46 -8.82 -5.70
CA ASP A 77 -2.01 -10.13 -6.13
C ASP A 77 -2.31 -10.30 -7.60
N VAL A 78 -1.49 -9.70 -8.40
CA VAL A 78 -1.56 -9.85 -9.81
C VAL A 78 -0.41 -10.73 -10.26
N ASP A 79 -0.68 -12.03 -10.24
CA ASP A 79 0.32 -13.07 -10.54
C ASP A 79 1.13 -13.42 -9.29
N VAL A 80 1.60 -12.41 -8.57
CA VAL A 80 2.35 -12.62 -7.34
C VAL A 80 1.80 -11.76 -6.20
N PRO A 81 1.85 -12.29 -4.98
CA PRO A 81 1.39 -11.59 -3.79
C PRO A 81 2.49 -10.79 -3.07
N LYS A 82 2.72 -9.55 -3.47
CA LYS A 82 3.64 -8.67 -2.75
C LYS A 82 3.47 -7.23 -3.16
N MET A 83 3.96 -6.32 -2.34
CA MET A 83 3.81 -4.91 -2.63
C MET A 83 5.00 -4.45 -3.48
N VAL A 84 4.70 -3.97 -4.69
CA VAL A 84 5.73 -3.60 -5.65
C VAL A 84 6.64 -2.50 -5.12
N GLY A 85 6.06 -1.55 -4.40
CA GLY A 85 6.83 -0.44 -3.89
C GLY A 85 6.24 0.14 -2.63
N ARG A 86 6.85 1.18 -2.13
CA ARG A 86 6.38 1.88 -0.94
C ARG A 86 7.08 3.24 -0.87
N LYS A 87 7.15 3.86 -2.04
CA LYS A 87 7.89 5.09 -2.25
C LYS A 87 7.37 6.22 -1.37
N CYS A 88 8.24 6.78 -0.54
CA CYS A 88 7.85 7.92 0.26
C CYS A 88 8.00 9.19 -0.55
N ARG A 89 6.87 9.79 -0.83
CA ARG A 89 6.84 11.04 -1.56
C ARG A 89 6.25 12.09 -0.66
N LYS A 90 7.12 12.68 0.13
CA LYS A 90 6.73 13.56 1.20
C LYS A 90 6.42 14.94 0.66
N ASP A 91 5.13 15.28 0.69
CA ASP A 91 4.64 16.57 0.21
C ASP A 91 4.82 16.66 -1.32
N ASP A 92 4.89 17.88 -1.85
CA ASP A 92 4.96 18.10 -3.29
C ASP A 92 3.71 17.58 -3.98
N ASP A 93 3.78 16.35 -4.48
CA ASP A 93 2.68 15.70 -5.17
C ASP A 93 3.02 14.24 -5.39
N ASP A 94 2.00 13.39 -5.41
CA ASP A 94 2.23 11.96 -5.57
C ASP A 94 1.76 11.46 -6.93
N ASP A 95 2.65 10.75 -7.61
CA ASP A 95 2.38 10.21 -8.94
C ASP A 95 2.09 8.72 -8.87
N ASP A 96 2.34 8.05 -9.98
CA ASP A 96 2.21 6.60 -10.07
C ASP A 96 3.57 6.00 -10.42
N GLY A 97 3.67 4.68 -10.37
CA GLY A 97 4.92 4.03 -10.71
C GLY A 97 5.88 3.94 -9.54
N TYR A 98 5.54 3.11 -8.56
CA TYR A 98 6.37 2.94 -7.39
C TYR A 98 6.84 1.50 -7.37
N GLY A 1 2.24 -11.56 1.90
CA GLY A 1 1.45 -11.78 0.66
C GLY A 1 0.57 -10.59 0.34
N SER A 2 -0.46 -10.81 -0.48
CA SER A 2 -1.43 -9.76 -0.79
C SER A 2 -2.81 -10.37 -1.07
N LEU A 3 -2.80 -11.58 -1.65
CA LEU A 3 -4.01 -12.38 -1.93
C LEU A 3 -5.15 -11.57 -2.56
N ILE A 4 -4.81 -10.48 -3.21
CA ILE A 4 -5.81 -9.55 -3.70
C ILE A 4 -5.77 -9.47 -5.23
N LEU A 5 -5.57 -10.62 -5.86
CA LEU A 5 -5.44 -10.68 -7.31
C LEU A 5 -6.78 -10.97 -7.97
N ASP A 6 -7.56 -11.87 -7.36
CA ASP A 6 -8.77 -12.42 -7.97
C ASP A 6 -8.40 -13.28 -9.17
N GLY A 7 -7.77 -12.66 -10.17
CA GLY A 7 -7.32 -13.38 -11.33
C GLY A 7 -6.36 -12.57 -12.18
N ASP A 8 -5.29 -12.08 -11.56
CA ASP A 8 -4.29 -11.23 -12.23
C ASP A 8 -4.96 -10.08 -12.97
N LEU A 9 -6.04 -9.56 -12.43
CA LEU A 9 -6.81 -8.54 -13.09
C LEU A 9 -7.32 -7.50 -12.09
N LEU A 10 -7.98 -6.47 -12.61
CA LEU A 10 -8.54 -5.41 -11.78
C LEU A 10 -9.77 -5.91 -11.05
N LYS A 11 -10.75 -6.34 -11.83
CA LYS A 11 -12.05 -6.78 -11.32
C LYS A 11 -12.80 -5.62 -10.64
N ASP A 12 -12.42 -5.32 -9.41
CA ASP A 12 -13.04 -4.21 -8.70
C ASP A 12 -11.98 -3.25 -8.19
N LYS A 13 -11.91 -2.11 -8.84
CA LYS A 13 -10.95 -1.08 -8.49
C LYS A 13 -11.67 0.19 -8.06
N LEU A 14 -10.93 1.32 -8.03
CA LEU A 14 -11.48 2.62 -7.62
C LEU A 14 -12.87 2.88 -8.17
N LYS A 15 -13.83 2.98 -7.26
CA LYS A 15 -15.18 3.42 -7.59
C LYS A 15 -15.58 4.51 -6.62
N LEU A 16 -14.57 5.13 -6.04
CA LEU A 16 -14.74 6.09 -4.97
C LEU A 16 -13.53 7.01 -4.88
N PRO A 17 -13.65 8.10 -4.10
CA PRO A 17 -12.52 8.95 -3.69
C PRO A 17 -11.62 8.23 -2.70
N VAL A 18 -10.93 9.00 -1.87
CA VAL A 18 -10.08 8.45 -0.81
C VAL A 18 -10.84 7.42 0.03
N ILE A 19 -10.27 6.24 0.08
CA ILE A 19 -10.83 5.13 0.84
C ILE A 19 -10.48 5.32 2.32
N ASP A 20 -11.32 4.81 3.20
CA ASP A 20 -11.14 5.02 4.64
C ASP A 20 -9.83 4.43 5.14
N ASN A 21 -9.29 5.02 6.20
CA ASN A 21 -8.02 4.57 6.76
C ASN A 21 -8.13 3.14 7.29
N LEU A 22 -9.34 2.74 7.66
CA LEU A 22 -9.59 1.39 8.13
C LEU A 22 -9.28 0.37 7.04
N PHE A 23 -9.76 0.64 5.83
CA PHE A 23 -9.49 -0.25 4.70
C PHE A 23 -7.99 -0.36 4.48
N GLY A 24 -7.32 0.77 4.64
CA GLY A 24 -5.87 0.78 4.57
C GLY A 24 -5.27 -0.03 5.70
N LYS A 25 -5.71 0.25 6.92
CA LYS A 25 -5.22 -0.44 8.10
C LYS A 25 -5.43 -1.95 7.98
N GLU A 26 -6.45 -2.34 7.23
CA GLU A 26 -6.69 -3.72 6.90
C GLU A 26 -5.61 -4.24 5.96
N LEU A 27 -5.39 -3.53 4.85
CA LEU A 27 -4.33 -3.86 3.91
C LEU A 27 -3.00 -3.95 4.64
N LEU A 28 -2.60 -2.82 5.22
CA LEU A 28 -1.30 -2.68 5.83
C LEU A 28 -1.09 -3.68 6.95
N ASP A 29 -2.16 -4.10 7.59
CA ASP A 29 -2.06 -5.12 8.64
C ASP A 29 -1.83 -6.50 8.04
N LYS A 30 -2.63 -6.85 7.02
CA LYS A 30 -2.49 -8.15 6.35
C LYS A 30 -1.07 -8.32 5.81
N PHE A 31 -0.50 -7.23 5.35
CA PHE A 31 0.81 -7.27 4.71
C PHE A 31 1.86 -6.69 5.64
N GLN A 32 1.48 -6.49 6.91
CA GLN A 32 2.37 -5.93 7.92
C GLN A 32 3.60 -6.81 8.10
N ASP A 33 3.39 -8.11 8.10
CA ASP A 33 4.48 -9.06 8.24
C ASP A 33 5.45 -8.95 7.07
N ASP A 34 4.94 -8.61 5.89
CA ASP A 34 5.78 -8.41 4.72
C ASP A 34 6.54 -7.10 4.83
N ILE A 35 5.82 -6.05 5.18
CA ILE A 35 6.39 -4.72 5.35
C ILE A 35 7.48 -4.74 6.43
N LYS A 36 7.19 -5.44 7.50
CA LYS A 36 8.05 -5.49 8.65
C LYS A 36 9.21 -6.45 8.41
N ASP A 37 8.94 -7.46 7.60
CA ASP A 37 9.98 -8.38 7.15
C ASP A 37 11.01 -7.66 6.30
N LYS A 38 10.51 -6.93 5.31
CA LYS A 38 11.37 -6.25 4.35
C LYS A 38 12.00 -4.98 4.92
N TYR A 39 11.15 -4.07 5.38
CA TYR A 39 11.62 -2.73 5.74
C TYR A 39 11.74 -2.59 7.27
N GLY A 40 10.94 -3.36 7.99
CA GLY A 40 10.95 -3.27 9.44
C GLY A 40 10.04 -2.15 9.93
N VAL A 41 8.80 -2.18 9.47
CA VAL A 41 7.85 -1.13 9.79
C VAL A 41 6.67 -1.70 10.56
N ASP A 42 6.09 -0.89 11.42
CA ASP A 42 4.88 -1.27 12.13
C ASP A 42 3.71 -0.42 11.66
N THR A 43 2.83 -1.02 10.87
CA THR A 43 1.74 -0.29 10.23
C THR A 43 0.74 0.26 11.24
N LYS A 44 0.79 -0.26 12.45
CA LYS A 44 -0.05 0.21 13.54
C LYS A 44 0.41 1.59 14.01
N ASP A 45 1.67 1.90 13.76
CA ASP A 45 2.24 3.17 14.15
C ASP A 45 2.15 4.16 12.99
N LEU A 46 1.71 3.65 11.85
CA LEU A 46 1.57 4.44 10.64
C LEU A 46 0.27 5.21 10.63
N LYS A 47 0.33 6.46 10.20
CA LYS A 47 -0.84 7.27 10.02
C LYS A 47 -1.25 7.27 8.55
N ILE A 48 -2.36 6.62 8.25
CA ILE A 48 -2.82 6.53 6.88
C ILE A 48 -3.52 7.81 6.46
N LEU A 49 -2.94 8.47 5.47
CA LEU A 49 -3.42 9.76 5.01
C LEU A 49 -4.52 9.56 3.97
N LYS A 50 -4.23 8.68 3.03
CA LYS A 50 -5.12 8.46 1.91
C LYS A 50 -5.02 7.02 1.43
N THR A 51 -6.06 6.24 1.69
CA THR A 51 -6.14 4.90 1.16
C THR A 51 -6.73 4.97 -0.24
N SER A 52 -6.03 4.41 -1.21
CA SER A 52 -6.55 4.34 -2.56
C SER A 52 -5.88 3.20 -3.31
N GLU A 53 -6.13 3.14 -4.61
CA GLU A 53 -5.52 2.14 -5.45
C GLU A 53 -5.50 2.66 -6.89
N ASP A 54 -5.04 1.84 -7.81
CA ASP A 54 -5.11 2.16 -9.22
C ASP A 54 -4.84 0.91 -10.03
N LYS A 55 -5.92 0.23 -10.40
CA LYS A 55 -5.88 -0.95 -11.26
C LYS A 55 -5.20 -2.11 -10.54
N ARG A 56 -3.97 -2.45 -10.93
CA ARG A 56 -3.28 -3.59 -10.35
C ARG A 56 -2.44 -3.19 -9.15
N PHE A 57 -2.75 -2.04 -8.58
CA PHE A 57 -1.93 -1.47 -7.53
C PHE A 57 -2.79 -0.88 -6.42
N TYR A 58 -2.36 -1.07 -5.18
CA TYR A 58 -2.92 -0.32 -4.06
C TYR A 58 -1.96 0.81 -3.70
N TYR A 59 -2.53 1.93 -3.30
CA TYR A 59 -1.75 3.11 -2.95
C TYR A 59 -2.16 3.66 -1.60
N VAL A 60 -1.43 3.27 -0.57
CA VAL A 60 -1.73 3.73 0.77
C VAL A 60 -0.74 4.80 1.20
N SER A 61 -1.12 6.05 1.03
CA SER A 61 -0.27 7.16 1.44
C SER A 61 -0.31 7.29 2.96
N VAL A 62 0.82 7.05 3.60
CA VAL A 62 0.87 7.08 5.05
C VAL A 62 2.06 7.89 5.55
N ASP A 63 2.02 8.25 6.82
CA ASP A 63 3.15 8.83 7.49
C ASP A 63 3.79 7.75 8.35
N ALA A 64 5.09 7.54 8.18
CA ALA A 64 5.77 6.43 8.84
C ALA A 64 6.08 6.73 10.30
N GLY A 65 5.71 7.92 10.76
CA GLY A 65 5.94 8.30 12.14
C GLY A 65 7.28 8.96 12.32
N ASP A 66 8.30 8.35 11.73
CA ASP A 66 9.65 8.90 11.73
C ASP A 66 9.66 10.32 11.17
N GLY A 67 8.85 10.52 10.15
CA GLY A 67 8.82 11.79 9.46
C GLY A 67 8.64 11.61 7.98
N GLU A 68 8.99 10.43 7.48
CA GLU A 68 8.86 10.13 6.07
C GLU A 68 7.42 9.79 5.73
N LYS A 69 7.01 10.16 4.53
CA LYS A 69 5.68 9.88 4.06
C LYS A 69 5.76 8.92 2.89
N CYS A 70 5.19 7.74 3.09
CA CYS A 70 5.34 6.67 2.15
C CYS A 70 4.00 6.27 1.57
N LYS A 71 3.91 6.28 0.27
CA LYS A 71 2.78 5.72 -0.41
C LYS A 71 3.03 4.23 -0.58
N PHE A 72 2.50 3.43 0.33
CA PHE A 72 2.70 2.00 0.28
C PHE A 72 2.04 1.43 -0.96
N LYS A 73 2.88 0.93 -1.85
CA LYS A 73 2.43 0.46 -3.13
C LYS A 73 2.15 -1.03 -3.05
N ILE A 74 0.98 -1.34 -2.53
CA ILE A 74 0.57 -2.72 -2.43
C ILE A 74 0.10 -3.18 -3.79
N ARG A 75 1.06 -3.44 -4.66
CA ARG A 75 0.76 -4.05 -5.93
C ARG A 75 -0.04 -5.29 -5.65
N LYS A 76 -1.20 -5.39 -6.26
CA LYS A 76 -2.10 -6.49 -5.98
C LYS A 76 -1.43 -7.81 -6.29
N ASP A 77 -2.06 -8.92 -5.91
CA ASP A 77 -1.47 -10.25 -6.03
C ASP A 77 -1.42 -10.69 -7.50
N VAL A 78 -1.38 -9.72 -8.38
CA VAL A 78 -1.34 -9.96 -9.81
C VAL A 78 0.08 -10.34 -10.21
N ASP A 79 0.21 -11.51 -10.83
CA ASP A 79 1.52 -12.06 -11.22
C ASP A 79 2.33 -12.50 -10.00
N VAL A 80 2.71 -11.54 -9.18
CA VAL A 80 3.46 -11.79 -7.97
C VAL A 80 2.54 -11.68 -6.77
N PRO A 81 2.86 -12.37 -5.69
CA PRO A 81 2.27 -12.10 -4.39
C PRO A 81 2.85 -10.84 -3.76
N LYS A 82 2.02 -10.15 -2.99
CA LYS A 82 2.44 -9.07 -2.09
C LYS A 82 2.83 -7.78 -2.83
N MET A 83 3.36 -6.85 -2.05
CA MET A 83 3.62 -5.50 -2.52
C MET A 83 4.87 -5.48 -3.38
N VAL A 84 4.75 -4.94 -4.57
CA VAL A 84 5.91 -4.73 -5.42
C VAL A 84 6.92 -3.82 -4.73
N GLY A 85 6.42 -2.95 -3.85
CA GLY A 85 7.31 -2.06 -3.14
C GLY A 85 6.58 -0.94 -2.44
N ARG A 86 7.33 0.07 -2.10
CA ARG A 86 6.84 1.24 -1.42
C ARG A 86 7.80 2.37 -1.72
N LYS A 87 7.32 3.60 -1.73
CA LYS A 87 8.22 4.69 -1.99
C LYS A 87 7.81 5.91 -1.20
N CYS A 88 8.60 6.19 -0.18
CA CYS A 88 8.45 7.44 0.55
C CYS A 88 9.09 8.54 -0.29
N ARG A 89 8.27 9.42 -0.81
CA ARG A 89 8.74 10.37 -1.81
C ARG A 89 9.15 11.68 -1.16
N LYS A 90 9.62 11.58 0.09
CA LYS A 90 10.03 12.75 0.84
C LYS A 90 11.40 13.24 0.38
N ASP A 91 12.24 12.31 -0.08
CA ASP A 91 13.57 12.67 -0.56
C ASP A 91 13.85 12.04 -1.93
N ASP A 92 13.71 10.73 -2.02
CA ASP A 92 13.98 10.01 -3.25
C ASP A 92 12.73 9.34 -3.80
N ASP A 93 12.43 9.62 -5.06
CA ASP A 93 11.31 8.98 -5.73
C ASP A 93 11.73 8.44 -7.09
N ASP A 94 12.25 7.23 -7.09
CA ASP A 94 12.58 6.52 -8.32
C ASP A 94 12.77 5.04 -8.03
N ASP A 95 11.98 4.20 -8.69
CA ASP A 95 12.01 2.77 -8.45
C ASP A 95 11.48 2.04 -9.67
N ASP A 96 11.90 0.80 -9.85
CA ASP A 96 11.37 -0.03 -10.94
C ASP A 96 10.25 -0.90 -10.41
N GLY A 97 9.02 -0.47 -10.66
CA GLY A 97 7.85 -1.15 -10.13
C GLY A 97 6.94 -0.17 -9.45
N TYR A 98 7.53 0.67 -8.61
CA TYR A 98 6.83 1.81 -8.05
C TYR A 98 6.63 2.89 -9.12
N GLY A 1 -3.07 -14.33 -6.11
CA GLY A 1 -1.75 -13.83 -5.65
C GLY A 1 -1.86 -13.00 -4.39
N SER A 2 -1.72 -11.68 -4.53
CA SER A 2 -1.67 -10.77 -3.40
C SER A 2 -2.96 -10.83 -2.59
N LEU A 3 -2.95 -10.30 -1.36
CA LEU A 3 -4.04 -10.52 -0.42
C LEU A 3 -5.20 -9.55 -0.64
N ILE A 4 -5.76 -9.65 -1.82
CA ILE A 4 -7.00 -8.99 -2.20
C ILE A 4 -7.48 -9.76 -3.42
N LEU A 5 -7.09 -11.03 -3.39
CA LEU A 5 -7.11 -11.89 -4.55
C LEU A 5 -8.51 -12.30 -4.97
N ASP A 6 -8.72 -12.22 -6.27
CA ASP A 6 -9.86 -12.85 -6.91
C ASP A 6 -9.36 -14.13 -7.56
N GLY A 7 -8.04 -14.16 -7.73
CA GLY A 7 -7.38 -15.28 -8.35
C GLY A 7 -6.36 -14.80 -9.38
N ASP A 8 -5.46 -13.92 -8.94
CA ASP A 8 -4.49 -13.27 -9.83
C ASP A 8 -5.23 -12.31 -10.75
N LEU A 9 -6.41 -11.90 -10.31
CA LEU A 9 -7.31 -11.09 -11.12
C LEU A 9 -8.01 -10.07 -10.25
N LEU A 10 -8.53 -9.03 -10.87
CA LEU A 10 -9.26 -8.01 -10.14
C LEU A 10 -10.71 -7.94 -10.60
N LYS A 11 -10.89 -7.54 -11.86
CA LYS A 11 -12.22 -7.20 -12.38
C LYS A 11 -12.74 -5.97 -11.66
N ASP A 12 -11.81 -5.28 -11.02
CA ASP A 12 -12.09 -4.07 -10.28
C ASP A 12 -10.84 -3.20 -10.28
N LYS A 13 -10.54 -2.68 -11.47
CA LYS A 13 -9.33 -1.90 -11.71
C LYS A 13 -9.13 -0.80 -10.67
N LEU A 14 -10.16 -0.02 -10.43
CA LEU A 14 -10.06 1.21 -9.64
C LEU A 14 -11.39 1.51 -8.98
N LYS A 15 -11.41 1.54 -7.67
CA LYS A 15 -12.65 1.75 -6.95
C LYS A 15 -12.96 3.23 -6.79
N LEU A 16 -12.28 3.85 -5.88
CA LEU A 16 -12.55 5.24 -5.51
C LEU A 16 -11.25 6.02 -5.36
N PRO A 17 -11.34 7.33 -5.09
CA PRO A 17 -10.21 8.18 -4.68
C PRO A 17 -9.62 7.73 -3.35
N VAL A 18 -9.11 8.67 -2.57
CA VAL A 18 -8.65 8.35 -1.23
C VAL A 18 -9.76 7.66 -0.43
N ILE A 19 -9.46 6.47 0.03
CA ILE A 19 -10.43 5.60 0.66
C ILE A 19 -10.22 5.50 2.16
N ASP A 20 -11.00 4.61 2.77
CA ASP A 20 -10.93 4.38 4.22
C ASP A 20 -9.50 4.09 4.66
N ASN A 21 -9.08 4.72 5.74
CA ASN A 21 -7.76 4.45 6.29
C ASN A 21 -7.75 3.09 6.96
N LEU A 22 -8.94 2.61 7.32
CA LEU A 22 -9.11 1.29 7.87
C LEU A 22 -9.00 0.23 6.78
N PHE A 23 -9.57 0.53 5.62
CA PHE A 23 -9.48 -0.36 4.47
C PHE A 23 -8.01 -0.51 4.08
N GLY A 24 -7.31 0.61 4.01
CA GLY A 24 -5.90 0.58 3.75
C GLY A 24 -5.16 -0.12 4.87
N LYS A 25 -5.54 0.19 6.10
CA LYS A 25 -4.93 -0.40 7.27
C LYS A 25 -5.02 -1.92 7.21
N GLU A 26 -6.14 -2.42 6.70
CA GLU A 26 -6.32 -3.82 6.43
C GLU A 26 -5.21 -4.36 5.52
N LEU A 27 -5.03 -3.70 4.38
CA LEU A 27 -3.95 -4.02 3.45
C LEU A 27 -2.60 -4.10 4.17
N LEU A 28 -2.22 -2.99 4.80
CA LEU A 28 -0.94 -2.88 5.45
C LEU A 28 -0.77 -3.93 6.53
N ASP A 29 -1.83 -4.13 7.29
CA ASP A 29 -1.85 -5.13 8.36
C ASP A 29 -1.65 -6.54 7.78
N LYS A 30 -2.16 -6.76 6.58
CA LYS A 30 -2.01 -8.04 5.90
C LYS A 30 -0.55 -8.34 5.57
N PHE A 31 0.12 -7.37 4.97
CA PHE A 31 1.48 -7.58 4.48
C PHE A 31 2.49 -7.02 5.48
N GLN A 32 2.01 -6.72 6.68
CA GLN A 32 2.83 -6.06 7.67
C GLN A 32 4.05 -6.89 8.04
N ASP A 33 3.92 -8.20 7.98
CA ASP A 33 5.02 -9.09 8.32
C ASP A 33 6.08 -9.04 7.23
N ASP A 34 5.62 -8.88 5.99
CA ASP A 34 6.52 -8.73 4.85
C ASP A 34 7.16 -7.34 4.91
N ILE A 35 6.35 -6.38 5.29
CA ILE A 35 6.78 -5.00 5.50
C ILE A 35 7.84 -4.90 6.59
N LYS A 36 7.60 -5.61 7.67
CA LYS A 36 8.46 -5.53 8.84
C LYS A 36 9.68 -6.40 8.68
N ASP A 37 9.52 -7.48 7.93
CA ASP A 37 10.64 -8.34 7.59
C ASP A 37 11.63 -7.61 6.69
N LYS A 38 11.12 -7.10 5.58
CA LYS A 38 11.96 -6.48 4.56
C LYS A 38 12.36 -5.05 4.91
N TYR A 39 11.41 -4.26 5.41
CA TYR A 39 11.64 -2.84 5.59
C TYR A 39 11.72 -2.48 7.08
N GLY A 40 11.36 -3.43 7.93
CA GLY A 40 11.45 -3.21 9.36
C GLY A 40 10.45 -2.20 9.87
N VAL A 41 9.24 -2.27 9.35
CA VAL A 41 8.20 -1.33 9.72
C VAL A 41 7.02 -2.04 10.37
N ASP A 42 6.51 -1.44 11.41
CA ASP A 42 5.33 -1.95 12.09
C ASP A 42 4.13 -1.10 11.70
N THR A 43 3.16 -1.72 11.04
CA THR A 43 2.06 -0.99 10.42
C THR A 43 1.09 -0.42 11.46
N LYS A 44 1.25 -0.83 12.70
CA LYS A 44 0.40 -0.35 13.77
C LYS A 44 0.72 1.11 14.10
N ASP A 45 1.94 1.53 13.75
CA ASP A 45 2.42 2.87 14.09
C ASP A 45 2.13 3.82 12.95
N LEU A 46 2.15 3.27 11.75
CA LEU A 46 1.95 4.03 10.53
C LEU A 46 0.60 4.75 10.53
N LYS A 47 0.64 6.04 10.29
CA LYS A 47 -0.56 6.83 10.14
C LYS A 47 -0.95 6.91 8.69
N ILE A 48 -2.00 6.18 8.31
CA ILE A 48 -2.42 6.17 6.92
C ILE A 48 -3.08 7.49 6.55
N LEU A 49 -2.36 8.26 5.77
CA LEU A 49 -2.78 9.60 5.38
C LEU A 49 -3.77 9.50 4.24
N LYS A 50 -3.39 8.74 3.23
CA LYS A 50 -4.14 8.66 2.01
C LYS A 50 -4.07 7.26 1.44
N THR A 51 -5.14 6.51 1.65
CA THR A 51 -5.28 5.23 0.99
C THR A 51 -5.84 5.50 -0.41
N SER A 52 -5.17 5.03 -1.42
CA SER A 52 -5.66 5.21 -2.77
C SER A 52 -5.30 4.00 -3.62
N GLU A 53 -5.68 4.05 -4.88
CA GLU A 53 -5.42 2.95 -5.79
C GLU A 53 -5.40 3.45 -7.22
N ASP A 54 -5.05 2.56 -8.12
CA ASP A 54 -5.04 2.84 -9.54
C ASP A 54 -5.30 1.54 -10.27
N LYS A 55 -5.14 1.52 -11.59
CA LYS A 55 -5.38 0.32 -12.36
C LYS A 55 -4.44 -0.78 -11.89
N ARG A 56 -5.00 -1.75 -11.15
CA ARG A 56 -4.28 -2.95 -10.74
C ARG A 56 -3.33 -2.70 -9.57
N PHE A 57 -3.13 -1.45 -9.19
CA PHE A 57 -2.27 -1.13 -8.03
C PHE A 57 -3.06 -0.51 -6.89
N TYR A 58 -2.59 -0.73 -5.68
CA TYR A 58 -3.01 0.04 -4.51
C TYR A 58 -1.86 0.88 -4.01
N TYR A 59 -2.17 2.07 -3.54
CA TYR A 59 -1.16 3.00 -3.06
C TYR A 59 -1.55 3.57 -1.70
N VAL A 60 -0.82 3.19 -0.66
CA VAL A 60 -1.12 3.66 0.68
C VAL A 60 -0.06 4.63 1.18
N SER A 61 -0.40 5.90 1.26
CA SER A 61 0.53 6.91 1.76
C SER A 61 0.34 7.08 3.27
N VAL A 62 1.41 6.83 4.02
CA VAL A 62 1.36 6.87 5.47
C VAL A 62 2.46 7.76 6.03
N ASP A 63 2.23 8.29 7.21
CA ASP A 63 3.26 8.96 7.96
C ASP A 63 3.93 7.92 8.85
N ALA A 64 5.19 7.65 8.59
CA ALA A 64 5.91 6.62 9.33
C ALA A 64 6.24 7.08 10.75
N GLY A 65 6.09 8.37 11.00
CA GLY A 65 6.33 8.91 12.31
C GLY A 65 5.52 10.16 12.55
N ASP A 66 6.21 11.29 12.67
CA ASP A 66 5.55 12.57 12.75
C ASP A 66 6.23 13.55 11.80
N GLY A 67 5.94 13.39 10.53
CA GLY A 67 6.52 14.25 9.52
C GLY A 67 6.94 13.46 8.30
N GLU A 68 6.90 12.13 8.42
CA GLU A 68 7.27 11.25 7.34
C GLU A 68 6.11 11.07 6.37
N LYS A 69 6.41 10.45 5.24
CA LYS A 69 5.42 10.14 4.23
C LYS A 69 5.92 9.04 3.32
N CYS A 70 5.36 7.86 3.46
CA CYS A 70 5.77 6.74 2.66
C CYS A 70 4.56 6.09 2.04
N LYS A 71 4.68 5.71 0.80
CA LYS A 71 3.57 5.14 0.07
C LYS A 71 3.83 3.67 -0.23
N PHE A 72 3.04 2.80 0.36
CA PHE A 72 3.15 1.38 0.12
C PHE A 72 2.55 1.04 -1.24
N LYS A 73 3.38 0.48 -2.09
CA LYS A 73 2.98 0.16 -3.44
C LYS A 73 2.50 -1.27 -3.50
N ILE A 74 1.21 -1.46 -3.38
CA ILE A 74 0.66 -2.80 -3.28
C ILE A 74 -0.24 -3.08 -4.47
N ARG A 75 0.38 -3.60 -5.51
CA ARG A 75 -0.32 -3.94 -6.72
C ARG A 75 -1.35 -5.03 -6.42
N LYS A 76 -2.59 -4.59 -6.24
CA LYS A 76 -3.67 -5.47 -5.80
C LYS A 76 -3.72 -6.80 -6.58
N ASP A 77 -3.43 -7.88 -5.85
CA ASP A 77 -3.46 -9.26 -6.36
C ASP A 77 -2.98 -9.38 -7.80
N VAL A 78 -1.67 -9.43 -7.95
CA VAL A 78 -1.08 -9.61 -9.26
C VAL A 78 -0.10 -10.78 -9.28
N ASP A 79 -0.63 -11.98 -9.45
CA ASP A 79 0.18 -13.19 -9.62
C ASP A 79 0.80 -13.63 -8.30
N VAL A 80 1.74 -12.84 -7.80
CA VAL A 80 2.44 -13.15 -6.56
C VAL A 80 1.66 -12.60 -5.37
N PRO A 81 1.63 -13.35 -4.26
CA PRO A 81 1.00 -12.92 -3.02
C PRO A 81 1.88 -11.97 -2.22
N LYS A 82 1.78 -10.69 -2.51
CA LYS A 82 2.65 -9.69 -1.88
C LYS A 82 2.38 -8.29 -2.40
N MET A 83 3.19 -7.36 -1.93
CA MET A 83 3.19 -6.01 -2.45
C MET A 83 4.07 -5.96 -3.69
N VAL A 84 3.83 -5.02 -4.57
CA VAL A 84 4.67 -4.89 -5.77
C VAL A 84 5.92 -4.10 -5.44
N GLY A 85 5.83 -3.25 -4.42
CA GLY A 85 6.98 -2.47 -4.01
C GLY A 85 6.66 -1.57 -2.83
N ARG A 86 7.61 -0.72 -2.50
CA ARG A 86 7.44 0.24 -1.43
C ARG A 86 8.39 1.40 -1.65
N LYS A 87 7.85 2.60 -1.66
CA LYS A 87 8.66 3.77 -1.89
C LYS A 87 8.02 4.95 -1.15
N CYS A 88 8.82 5.73 -0.47
CA CYS A 88 8.28 6.76 0.39
C CYS A 88 8.26 8.11 -0.31
N ARG A 89 7.07 8.61 -0.53
CA ARG A 89 6.86 9.83 -1.28
C ARG A 89 6.60 10.97 -0.32
N LYS A 90 7.68 11.44 0.27
CA LYS A 90 7.60 12.42 1.33
C LYS A 90 7.63 13.84 0.76
N ASP A 91 8.54 14.07 -0.17
CA ASP A 91 8.63 15.37 -0.84
C ASP A 91 8.43 15.21 -2.33
N ASP A 92 9.48 14.78 -3.03
CA ASP A 92 9.39 14.53 -4.46
C ASP A 92 10.00 13.19 -4.80
N ASP A 93 9.25 12.14 -4.55
CA ASP A 93 9.69 10.78 -4.87
C ASP A 93 8.84 10.25 -5.99
N ASP A 94 9.28 10.51 -7.21
CA ASP A 94 8.46 10.27 -8.39
C ASP A 94 8.91 9.04 -9.15
N ASP A 95 7.97 8.45 -9.88
CA ASP A 95 8.22 7.24 -10.65
C ASP A 95 7.10 7.07 -11.67
N ASP A 96 7.17 6.04 -12.50
CA ASP A 96 6.11 5.80 -13.48
C ASP A 96 4.91 5.19 -12.78
N GLY A 97 5.06 3.94 -12.37
CA GLY A 97 4.10 3.34 -11.48
C GLY A 97 4.38 3.78 -10.07
N TYR A 98 3.58 3.32 -9.10
CA TYR A 98 3.74 3.75 -7.72
C TYR A 98 3.32 5.22 -7.54
N GLY A 1 -0.67 -12.30 2.04
CA GLY A 1 -0.83 -10.83 1.90
C GLY A 1 -1.91 -10.45 0.92
N SER A 2 -1.55 -10.33 -0.36
CA SER A 2 -2.49 -9.86 -1.38
C SER A 2 -3.38 -11.00 -1.83
N LEU A 3 -4.69 -10.74 -1.88
CA LEU A 3 -5.67 -11.74 -2.21
C LEU A 3 -6.66 -11.21 -3.23
N ILE A 4 -6.34 -10.09 -3.82
CA ILE A 4 -7.34 -9.35 -4.58
C ILE A 4 -7.00 -9.28 -6.08
N LEU A 5 -7.90 -9.81 -6.91
CA LEU A 5 -7.72 -9.89 -8.37
C LEU A 5 -6.58 -10.80 -8.76
N ASP A 6 -6.69 -12.07 -8.34
CA ASP A 6 -5.66 -13.08 -8.60
C ASP A 6 -5.45 -13.30 -10.09
N GLY A 7 -6.49 -13.05 -10.88
CA GLY A 7 -6.42 -13.33 -12.29
C GLY A 7 -6.03 -12.14 -13.13
N ASP A 8 -5.41 -11.13 -12.49
CA ASP A 8 -5.04 -9.90 -13.19
C ASP A 8 -6.27 -9.21 -13.73
N LEU A 9 -7.01 -8.59 -12.83
CA LEU A 9 -8.22 -7.86 -13.19
C LEU A 9 -8.19 -6.48 -12.56
N LEU A 10 -8.94 -5.56 -13.11
CA LEU A 10 -9.04 -4.24 -12.52
C LEU A 10 -10.42 -4.02 -11.93
N LYS A 11 -11.46 -4.37 -12.71
CA LYS A 11 -12.85 -4.14 -12.32
C LYS A 11 -13.14 -2.66 -12.20
N ASP A 12 -12.70 -2.08 -11.11
CA ASP A 12 -12.83 -0.64 -10.87
C ASP A 12 -11.48 -0.10 -10.43
N LYS A 13 -10.88 0.75 -11.27
CA LYS A 13 -9.51 1.20 -11.05
C LYS A 13 -9.40 2.03 -9.78
N LEU A 14 -10.30 2.98 -9.61
CA LEU A 14 -10.28 3.87 -8.47
C LEU A 14 -11.71 4.23 -8.09
N LYS A 15 -12.12 3.84 -6.90
CA LYS A 15 -13.49 4.04 -6.46
C LYS A 15 -13.68 5.40 -5.79
N LEU A 16 -13.21 5.49 -4.57
CA LEU A 16 -13.39 6.66 -3.77
C LEU A 16 -12.10 7.46 -3.63
N PRO A 17 -12.22 8.79 -3.50
CA PRO A 17 -11.09 9.64 -3.16
C PRO A 17 -10.68 9.43 -1.72
N VAL A 18 -9.43 9.01 -1.54
CA VAL A 18 -8.91 8.50 -0.26
C VAL A 18 -9.90 7.60 0.47
N ILE A 19 -9.72 6.33 0.23
CA ILE A 19 -10.51 5.27 0.84
C ILE A 19 -10.26 5.27 2.35
N ASP A 20 -11.16 4.65 3.11
CA ASP A 20 -11.06 4.68 4.57
C ASP A 20 -9.76 4.05 5.03
N ASN A 21 -9.18 4.62 6.08
CA ASN A 21 -7.90 4.14 6.58
C ASN A 21 -8.02 2.73 7.14
N LEU A 22 -9.24 2.31 7.46
CA LEU A 22 -9.53 0.95 7.87
C LEU A 22 -9.16 -0.01 6.74
N PHE A 23 -9.64 0.31 5.54
CA PHE A 23 -9.38 -0.50 4.36
C PHE A 23 -7.88 -0.56 4.09
N GLY A 24 -7.21 0.57 4.31
CA GLY A 24 -5.78 0.61 4.22
C GLY A 24 -5.15 -0.26 5.28
N LYS A 25 -5.56 -0.06 6.53
CA LYS A 25 -5.06 -0.83 7.65
C LYS A 25 -5.18 -2.33 7.39
N GLU A 26 -6.28 -2.72 6.76
CA GLU A 26 -6.49 -4.09 6.35
C GLU A 26 -5.35 -4.58 5.46
N LEU A 27 -5.10 -3.85 4.39
CA LEU A 27 -4.00 -4.15 3.49
C LEU A 27 -2.70 -4.29 4.27
N LEU A 28 -2.31 -3.20 4.92
CA LEU A 28 -1.02 -3.09 5.58
C LEU A 28 -0.87 -4.11 6.70
N ASP A 29 -1.97 -4.45 7.35
CA ASP A 29 -1.96 -5.44 8.42
C ASP A 29 -1.64 -6.83 7.88
N LYS A 30 -2.09 -7.12 6.66
CA LYS A 30 -1.87 -8.42 6.06
C LYS A 30 -0.43 -8.53 5.54
N PHE A 31 0.17 -7.38 5.25
CA PHE A 31 1.56 -7.35 4.79
C PHE A 31 2.49 -6.91 5.90
N GLN A 32 1.94 -6.73 7.10
CA GLN A 32 2.65 -6.19 8.23
C GLN A 32 4.00 -6.86 8.44
N ASP A 33 4.01 -8.19 8.43
CA ASP A 33 5.22 -8.94 8.67
C ASP A 33 6.28 -8.65 7.61
N ASP A 34 5.83 -8.52 6.36
CA ASP A 34 6.74 -8.27 5.25
C ASP A 34 7.22 -6.83 5.28
N ILE A 35 6.29 -5.95 5.60
CA ILE A 35 6.59 -4.52 5.73
C ILE A 35 7.61 -4.31 6.85
N LYS A 36 7.48 -5.10 7.90
CA LYS A 36 8.34 -4.97 9.05
C LYS A 36 9.64 -5.74 8.84
N ASP A 37 9.55 -6.80 8.08
CA ASP A 37 10.73 -7.57 7.70
C ASP A 37 11.63 -6.76 6.76
N LYS A 38 11.00 -6.10 5.79
CA LYS A 38 11.73 -5.34 4.79
C LYS A 38 12.06 -3.92 5.25
N TYR A 39 11.08 -3.22 5.78
CA TYR A 39 11.23 -1.79 6.08
C TYR A 39 11.24 -1.53 7.59
N GLY A 40 10.87 -2.54 8.37
CA GLY A 40 10.89 -2.41 9.82
C GLY A 40 9.81 -1.49 10.34
N VAL A 41 8.60 -1.63 9.82
CA VAL A 41 7.50 -0.77 10.17
C VAL A 41 6.40 -1.53 10.91
N ASP A 42 5.75 -0.85 11.82
CA ASP A 42 4.55 -1.38 12.47
C ASP A 42 3.33 -0.69 11.84
N THR A 43 2.54 -1.46 11.13
CA THR A 43 1.50 -0.89 10.30
C THR A 43 0.31 -0.36 11.10
N LYS A 44 0.22 -0.75 12.36
CA LYS A 44 -0.85 -0.28 13.22
C LYS A 44 -0.52 1.10 13.75
N ASP A 45 0.72 1.26 14.17
CA ASP A 45 1.21 2.55 14.63
C ASP A 45 1.41 3.49 13.44
N LEU A 46 1.55 2.88 12.27
CA LEU A 46 1.68 3.63 11.02
C LEU A 46 0.45 4.49 10.78
N LYS A 47 0.66 5.74 10.42
CA LYS A 47 -0.43 6.67 10.22
C LYS A 47 -0.78 6.71 8.74
N ILE A 48 -1.90 6.09 8.38
CA ILE A 48 -2.32 6.06 7.00
C ILE A 48 -3.00 7.37 6.61
N LEU A 49 -2.43 8.01 5.61
CA LEU A 49 -2.88 9.33 5.17
C LEU A 49 -3.92 9.17 4.06
N LYS A 50 -3.56 8.39 3.05
CA LYS A 50 -4.42 8.24 1.91
C LYS A 50 -4.37 6.82 1.38
N THR A 51 -5.49 6.12 1.47
CA THR A 51 -5.63 4.80 0.90
C THR A 51 -6.33 4.90 -0.44
N SER A 52 -5.77 4.30 -1.47
CA SER A 52 -6.42 4.27 -2.76
C SER A 52 -5.80 3.20 -3.65
N GLU A 53 -6.29 3.11 -4.88
CA GLU A 53 -5.78 2.15 -5.82
C GLU A 53 -5.68 2.75 -7.21
N ASP A 54 -4.87 2.12 -8.05
CA ASP A 54 -4.59 2.63 -9.38
C ASP A 54 -4.57 1.45 -10.35
N LYS A 55 -3.76 1.53 -11.40
CA LYS A 55 -3.63 0.46 -12.38
C LYS A 55 -3.02 -0.78 -11.74
N ARG A 56 -3.87 -1.68 -11.23
CA ARG A 56 -3.45 -2.96 -10.65
C ARG A 56 -2.74 -2.79 -9.31
N PHE A 57 -2.39 -1.57 -8.96
CA PHE A 57 -1.65 -1.32 -7.73
C PHE A 57 -2.54 -0.65 -6.68
N TYR A 58 -2.29 -0.97 -5.42
CA TYR A 58 -2.84 -0.20 -4.32
C TYR A 58 -1.78 0.77 -3.82
N TYR A 59 -2.20 1.96 -3.44
CA TYR A 59 -1.28 2.97 -2.97
C TYR A 59 -1.72 3.50 -1.61
N VAL A 60 -0.98 3.13 -0.59
CA VAL A 60 -1.28 3.57 0.77
C VAL A 60 -0.22 4.56 1.24
N SER A 61 -0.54 5.84 1.17
CA SER A 61 0.36 6.87 1.65
C SER A 61 0.28 6.91 3.17
N VAL A 62 1.42 6.73 3.83
CA VAL A 62 1.46 6.70 5.27
C VAL A 62 2.54 7.61 5.81
N ASP A 63 2.36 8.05 7.03
CA ASP A 63 3.38 8.81 7.75
C ASP A 63 4.10 7.86 8.69
N ALA A 64 5.41 7.75 8.53
CA ALA A 64 6.19 6.77 9.28
C ALA A 64 6.41 7.20 10.73
N GLY A 65 5.91 8.37 11.09
CA GLY A 65 6.07 8.86 12.44
C GLY A 65 7.32 9.69 12.58
N ASP A 66 8.37 9.25 11.92
CA ASP A 66 9.65 9.96 11.91
C ASP A 66 9.54 11.22 11.04
N GLY A 67 8.50 11.27 10.23
CA GLY A 67 8.26 12.45 9.42
C GLY A 67 8.11 12.13 7.95
N GLU A 68 8.67 11.01 7.53
CA GLU A 68 8.64 10.61 6.14
C GLU A 68 7.25 10.10 5.75
N LYS A 69 6.92 10.24 4.47
CA LYS A 69 5.64 9.80 3.98
C LYS A 69 5.81 8.84 2.82
N CYS A 70 5.53 7.57 3.07
CA CYS A 70 5.75 6.52 2.10
C CYS A 70 4.43 6.03 1.54
N LYS A 71 4.38 5.91 0.23
CA LYS A 71 3.21 5.42 -0.45
C LYS A 71 3.40 3.93 -0.73
N PHE A 72 2.75 3.10 0.07
CA PHE A 72 2.86 1.66 -0.07
C PHE A 72 2.22 1.19 -1.37
N LYS A 73 3.03 0.61 -2.23
CA LYS A 73 2.54 0.13 -3.50
C LYS A 73 2.18 -1.34 -3.38
N ILE A 74 1.09 -1.57 -2.68
CA ILE A 74 0.58 -2.91 -2.49
C ILE A 74 -0.07 -3.38 -3.77
N ARG A 75 0.71 -4.02 -4.61
CA ARG A 75 0.19 -4.54 -5.86
C ARG A 75 -0.86 -5.58 -5.56
N LYS A 76 -1.95 -5.50 -6.28
CA LYS A 76 -3.02 -6.48 -6.13
C LYS A 76 -2.48 -7.88 -6.43
N ASP A 77 -3.29 -8.89 -6.18
CA ASP A 77 -2.93 -10.28 -6.47
C ASP A 77 -3.01 -10.52 -7.98
N VAL A 78 -2.78 -9.42 -8.68
CA VAL A 78 -2.90 -9.30 -10.12
C VAL A 78 -1.70 -9.98 -10.79
N ASP A 79 -0.94 -10.68 -9.96
CA ASP A 79 0.37 -11.21 -10.30
C ASP A 79 1.05 -11.67 -9.03
N VAL A 80 0.92 -10.85 -8.00
CA VAL A 80 1.66 -11.04 -6.77
C VAL A 80 0.78 -11.13 -5.56
N PRO A 81 1.15 -12.00 -4.62
CA PRO A 81 0.50 -12.05 -3.34
C PRO A 81 1.17 -11.12 -2.33
N LYS A 82 1.97 -10.19 -2.83
CA LYS A 82 2.68 -9.25 -1.99
C LYS A 82 2.77 -7.88 -2.64
N MET A 83 3.42 -6.96 -1.95
CA MET A 83 3.58 -5.60 -2.42
C MET A 83 4.73 -5.54 -3.40
N VAL A 84 4.42 -5.19 -4.64
CA VAL A 84 5.45 -5.02 -5.66
C VAL A 84 6.50 -3.98 -5.24
N GLY A 85 6.07 -2.98 -4.48
CA GLY A 85 6.98 -1.94 -4.08
C GLY A 85 6.44 -1.09 -2.96
N ARG A 86 7.17 -0.04 -2.65
CA ARG A 86 6.80 0.86 -1.57
C ARG A 86 7.74 2.06 -1.58
N LYS A 87 7.34 3.09 -2.29
CA LYS A 87 8.18 4.24 -2.48
C LYS A 87 7.65 5.41 -1.67
N CYS A 88 8.52 6.07 -0.93
CA CYS A 88 8.10 7.24 -0.17
C CYS A 88 8.17 8.46 -1.07
N ARG A 89 7.11 9.21 -1.08
CA ARG A 89 7.02 10.40 -1.89
C ARG A 89 6.49 11.53 -1.04
N LYS A 90 7.40 12.15 -0.33
CA LYS A 90 7.07 13.18 0.63
C LYS A 90 7.09 14.54 -0.06
N ASP A 91 7.09 14.49 -1.39
CA ASP A 91 7.18 15.68 -2.22
C ASP A 91 6.26 15.55 -3.44
N ASP A 92 5.64 14.38 -3.58
CA ASP A 92 4.87 14.07 -4.78
C ASP A 92 3.77 13.07 -4.42
N ASP A 93 2.68 13.07 -5.18
CA ASP A 93 1.60 12.14 -4.93
C ASP A 93 1.30 11.27 -6.15
N ASP A 94 0.98 11.91 -7.27
CA ASP A 94 0.63 11.17 -8.49
C ASP A 94 1.83 10.39 -9.00
N ASP A 95 1.75 9.09 -8.84
CA ASP A 95 2.86 8.20 -9.15
C ASP A 95 2.61 7.40 -10.42
N ASP A 96 3.60 6.63 -10.81
CA ASP A 96 3.52 5.78 -11.98
C ASP A 96 3.77 4.34 -11.58
N GLY A 97 4.98 4.06 -11.11
CA GLY A 97 5.33 2.74 -10.67
C GLY A 97 6.43 2.75 -9.63
N TYR A 98 6.26 1.95 -8.59
CA TYR A 98 7.27 1.80 -7.56
C TYR A 98 7.84 0.40 -7.64
N GLY A 1 1.90 -11.83 2.74
CA GLY A 1 1.92 -10.90 1.59
C GLY A 1 0.54 -10.64 1.05
N SER A 2 0.47 -9.90 -0.06
CA SER A 2 -0.80 -9.51 -0.64
C SER A 2 -1.63 -10.74 -1.00
N LEU A 3 -2.88 -10.76 -0.55
CA LEU A 3 -3.79 -11.85 -0.87
C LEU A 3 -5.11 -11.29 -1.37
N ILE A 4 -5.12 -10.01 -1.66
CA ILE A 4 -6.36 -9.31 -1.97
C ILE A 4 -6.83 -9.65 -3.39
N LEU A 5 -5.93 -10.24 -4.16
CA LEU A 5 -6.22 -10.82 -5.47
C LEU A 5 -5.75 -12.28 -5.44
N ASP A 6 -5.90 -12.99 -6.53
CA ASP A 6 -5.30 -14.31 -6.67
C ASP A 6 -4.77 -14.49 -8.08
N GLY A 7 -3.89 -13.57 -8.46
CA GLY A 7 -3.38 -13.53 -9.82
C GLY A 7 -4.36 -12.87 -10.75
N ASP A 8 -5.18 -11.98 -10.22
CA ASP A 8 -6.26 -11.39 -11.02
C ASP A 8 -6.25 -9.86 -10.92
N LEU A 9 -7.35 -9.25 -10.44
CA LEU A 9 -7.48 -7.80 -10.46
C LEU A 9 -8.86 -7.38 -9.95
N LEU A 10 -8.94 -6.99 -8.68
CA LEU A 10 -10.18 -6.46 -8.12
C LEU A 10 -10.60 -5.21 -8.88
N LYS A 11 -11.87 -5.18 -9.26
CA LYS A 11 -12.42 -4.05 -9.97
C LYS A 11 -13.62 -3.50 -9.22
N ASP A 12 -14.05 -4.23 -8.18
CA ASP A 12 -15.11 -3.74 -7.31
C ASP A 12 -14.67 -2.45 -6.65
N LYS A 13 -13.43 -2.47 -6.15
CA LYS A 13 -12.76 -1.25 -5.76
C LYS A 13 -11.78 -0.87 -6.86
N LEU A 14 -12.04 0.27 -7.48
CA LEU A 14 -11.26 0.74 -8.61
C LEU A 14 -11.78 2.09 -9.06
N LYS A 15 -10.86 2.98 -9.45
CA LYS A 15 -11.23 4.30 -9.99
C LYS A 15 -11.96 5.13 -8.94
N LEU A 16 -11.69 4.85 -7.68
CA LEU A 16 -12.38 5.47 -6.58
C LEU A 16 -11.56 6.61 -5.98
N PRO A 17 -12.22 7.49 -5.20
CA PRO A 17 -11.55 8.51 -4.37
C PRO A 17 -10.69 7.88 -3.28
N VAL A 18 -10.41 8.65 -2.23
CA VAL A 18 -9.69 8.12 -1.08
C VAL A 18 -10.46 6.97 -0.45
N ILE A 19 -9.82 5.81 -0.50
CA ILE A 19 -10.39 4.57 0.00
C ILE A 19 -10.43 4.60 1.52
N ASP A 20 -11.25 3.74 2.12
CA ASP A 20 -11.36 3.62 3.57
C ASP A 20 -9.96 3.51 4.21
N ASN A 21 -9.71 4.34 5.21
CA ASN A 21 -8.46 4.27 5.95
C ASN A 21 -8.32 2.90 6.59
N LEU A 22 -9.45 2.34 7.01
CA LEU A 22 -9.50 0.98 7.51
C LEU A 22 -9.00 0.00 6.49
N PHE A 23 -9.44 0.16 5.24
CA PHE A 23 -9.05 -0.76 4.18
C PHE A 23 -7.54 -0.70 3.95
N GLY A 24 -7.00 0.51 3.97
CA GLY A 24 -5.57 0.68 3.79
C GLY A 24 -4.80 0.12 4.97
N LYS A 25 -5.28 0.43 6.17
CA LYS A 25 -4.67 -0.08 7.40
C LYS A 25 -4.79 -1.60 7.44
N GLU A 26 -5.91 -2.10 6.97
CA GLU A 26 -6.18 -3.52 6.88
C GLU A 26 -5.07 -4.24 6.12
N LEU A 27 -4.85 -3.83 4.88
CA LEU A 27 -3.80 -4.42 4.04
C LEU A 27 -2.48 -4.41 4.79
N LEU A 28 -2.08 -3.23 5.24
CA LEU A 28 -0.87 -3.06 6.04
C LEU A 28 -0.82 -4.02 7.22
N ASP A 29 -1.90 -4.09 7.99
CA ASP A 29 -1.94 -4.95 9.17
C ASP A 29 -1.79 -6.42 8.77
N LYS A 30 -2.44 -6.79 7.66
CA LYS A 30 -2.33 -8.13 7.09
C LYS A 30 -0.87 -8.49 6.79
N PHE A 31 -0.20 -7.60 6.08
CA PHE A 31 1.13 -7.90 5.56
C PHE A 31 2.21 -7.32 6.47
N GLN A 32 1.82 -6.91 7.67
CA GLN A 32 2.74 -6.22 8.57
C GLN A 32 3.96 -7.08 8.89
N ASP A 33 3.77 -8.39 8.92
CA ASP A 33 4.86 -9.31 9.23
C ASP A 33 5.86 -9.36 8.09
N ASP A 34 5.37 -9.16 6.87
CA ASP A 34 6.22 -9.09 5.69
C ASP A 34 6.87 -7.71 5.62
N ILE A 35 6.06 -6.70 5.87
CA ILE A 35 6.52 -5.32 5.87
C ILE A 35 7.60 -5.11 6.94
N LYS A 36 7.47 -5.82 8.04
CA LYS A 36 8.43 -5.72 9.13
C LYS A 36 9.65 -6.56 8.82
N ASP A 37 9.41 -7.73 8.27
CA ASP A 37 10.47 -8.63 7.84
C ASP A 37 11.42 -7.92 6.88
N LYS A 38 10.84 -7.23 5.90
CA LYS A 38 11.61 -6.57 4.86
C LYS A 38 12.14 -5.22 5.31
N TYR A 39 11.26 -4.35 5.77
CA TYR A 39 11.61 -2.96 6.03
C TYR A 39 11.74 -2.70 7.54
N GLY A 40 10.97 -3.43 8.33
CA GLY A 40 10.98 -3.23 9.75
C GLY A 40 10.01 -2.16 10.19
N VAL A 41 8.74 -2.35 9.84
CA VAL A 41 7.72 -1.36 10.09
C VAL A 41 6.56 -1.95 10.88
N ASP A 42 5.94 -1.12 11.70
CA ASP A 42 4.70 -1.47 12.37
C ASP A 42 3.55 -0.73 11.72
N THR A 43 2.69 -1.47 11.05
CA THR A 43 1.61 -0.88 10.28
C THR A 43 0.50 -0.34 11.16
N LYS A 44 0.50 -0.76 12.42
CA LYS A 44 -0.48 -0.29 13.38
C LYS A 44 -0.17 1.15 13.78
N ASP A 45 1.09 1.52 13.65
CA ASP A 45 1.56 2.86 13.99
C ASP A 45 1.38 3.80 12.81
N LEU A 46 1.33 3.19 11.63
CA LEU A 46 1.20 3.93 10.38
C LEU A 46 -0.15 4.63 10.27
N LYS A 47 -0.12 5.96 10.36
CA LYS A 47 -1.30 6.77 10.17
C LYS A 47 -1.71 6.76 8.71
N ILE A 48 -2.86 6.18 8.41
CA ILE A 48 -3.38 6.16 7.06
C ILE A 48 -3.84 7.56 6.67
N LEU A 49 -3.08 8.19 5.80
CA LEU A 49 -3.38 9.53 5.34
C LEU A 49 -4.46 9.47 4.29
N LYS A 50 -4.17 8.71 3.24
CA LYS A 50 -5.04 8.60 2.10
C LYS A 50 -4.90 7.21 1.51
N THR A 51 -5.91 6.40 1.64
CA THR A 51 -5.93 5.15 0.95
C THR A 51 -6.38 5.40 -0.47
N SER A 52 -5.75 4.77 -1.43
CA SER A 52 -6.15 4.91 -2.81
C SER A 52 -5.61 3.76 -3.62
N GLU A 53 -5.83 3.79 -4.91
CA GLU A 53 -5.35 2.73 -5.76
C GLU A 53 -5.38 3.13 -7.22
N ASP A 54 -4.71 2.34 -8.02
CA ASP A 54 -4.75 2.45 -9.46
C ASP A 54 -5.41 1.18 -9.97
N LYS A 55 -5.20 0.82 -11.21
CA LYS A 55 -5.73 -0.42 -11.71
C LYS A 55 -5.03 -1.60 -11.04
N ARG A 56 -3.78 -1.82 -11.40
CA ARG A 56 -3.06 -2.99 -10.94
C ARG A 56 -2.31 -2.69 -9.64
N PHE A 57 -2.68 -1.62 -8.95
CA PHE A 57 -1.89 -1.14 -7.82
C PHE A 57 -2.77 -0.53 -6.72
N TYR A 58 -2.31 -0.68 -5.48
CA TYR A 58 -2.88 0.03 -4.34
C TYR A 58 -1.90 1.08 -3.85
N TYR A 59 -2.42 2.22 -3.41
CA TYR A 59 -1.58 3.30 -2.93
C TYR A 59 -2.05 3.77 -1.56
N VAL A 60 -1.48 3.19 -0.52
CA VAL A 60 -1.85 3.56 0.84
C VAL A 60 -0.87 4.57 1.40
N SER A 61 -1.23 5.84 1.36
CA SER A 61 -0.37 6.88 1.88
C SER A 61 -0.44 6.92 3.39
N VAL A 62 0.71 6.80 4.03
CA VAL A 62 0.80 6.77 5.48
C VAL A 62 1.98 7.60 5.96
N ASP A 63 1.82 8.27 7.09
CA ASP A 63 2.94 8.97 7.69
C ASP A 63 3.77 7.94 8.44
N ALA A 64 4.82 7.47 7.80
CA ALA A 64 5.60 6.36 8.32
C ALA A 64 6.37 6.75 9.58
N GLY A 65 6.58 8.05 9.77
CA GLY A 65 7.29 8.52 10.94
C GLY A 65 8.79 8.45 10.78
N ASP A 66 9.22 7.77 9.72
CA ASP A 66 10.64 7.64 9.43
C ASP A 66 11.21 8.98 8.99
N GLY A 67 10.39 9.77 8.33
CA GLY A 67 10.81 11.08 7.87
C GLY A 67 9.85 11.68 6.88
N GLU A 68 9.35 10.84 5.97
CA GLU A 68 8.44 11.29 4.94
C GLU A 68 7.06 10.67 5.09
N LYS A 69 6.11 11.23 4.38
CA LYS A 69 4.82 10.61 4.20
C LYS A 69 4.92 9.60 3.07
N CYS A 70 4.74 8.35 3.43
CA CYS A 70 5.01 7.24 2.55
C CYS A 70 3.75 6.80 1.84
N LYS A 71 3.91 6.02 0.81
CA LYS A 71 2.78 5.49 0.08
C LYS A 71 3.02 4.01 -0.19
N PHE A 72 2.36 3.17 0.58
CA PHE A 72 2.49 1.73 0.40
C PHE A 72 1.86 1.31 -0.89
N LYS A 73 2.71 1.00 -1.84
CA LYS A 73 2.29 0.67 -3.17
C LYS A 73 2.16 -0.84 -3.31
N ILE A 74 1.04 -1.35 -2.87
CA ILE A 74 0.78 -2.77 -2.96
C ILE A 74 0.37 -3.10 -4.37
N ARG A 75 1.12 -3.97 -5.03
CA ARG A 75 0.85 -4.27 -6.44
C ARG A 75 -0.31 -5.26 -6.54
N LYS A 76 -1.15 -5.24 -5.50
CA LYS A 76 -2.22 -6.21 -5.35
C LYS A 76 -1.66 -7.63 -5.49
N ASP A 77 -2.51 -8.60 -5.67
CA ASP A 77 -2.03 -9.93 -6.07
C ASP A 77 -2.32 -10.08 -7.56
N VAL A 78 -1.97 -9.04 -8.31
CA VAL A 78 -2.28 -8.95 -9.73
C VAL A 78 -1.32 -9.82 -10.52
N ASP A 79 -0.39 -10.42 -9.79
CA ASP A 79 0.77 -11.10 -10.36
C ASP A 79 1.70 -11.50 -9.23
N VAL A 80 2.07 -10.53 -8.41
CA VAL A 80 2.88 -10.77 -7.23
C VAL A 80 1.98 -11.01 -6.02
N PRO A 81 2.48 -11.79 -5.06
CA PRO A 81 1.81 -12.02 -3.80
C PRO A 81 2.25 -11.05 -2.71
N LYS A 82 2.59 -9.83 -3.10
CA LYS A 82 3.11 -8.87 -2.14
C LYS A 82 2.94 -7.45 -2.66
N MET A 83 3.75 -6.54 -2.14
CA MET A 83 3.69 -5.13 -2.48
C MET A 83 4.87 -4.79 -3.35
N VAL A 84 4.62 -4.10 -4.45
CA VAL A 84 5.71 -3.72 -5.34
C VAL A 84 6.46 -2.51 -4.77
N GLY A 85 5.72 -1.61 -4.16
CA GLY A 85 6.29 -0.38 -3.69
C GLY A 85 6.01 -0.13 -2.23
N ARG A 86 6.75 0.80 -1.68
CA ARG A 86 6.69 1.13 -0.26
C ARG A 86 7.39 2.46 -0.06
N LYS A 87 7.39 3.22 -1.14
CA LYS A 87 8.22 4.40 -1.24
C LYS A 87 7.53 5.65 -0.70
N CYS A 88 8.25 6.38 0.12
CA CYS A 88 7.77 7.66 0.61
C CYS A 88 8.09 8.71 -0.43
N ARG A 89 7.16 9.59 -0.71
CA ARG A 89 7.34 10.51 -1.79
C ARG A 89 7.07 11.92 -1.33
N LYS A 90 8.09 12.52 -0.74
CA LYS A 90 7.98 13.85 -0.16
C LYS A 90 9.24 14.67 -0.42
N ASP A 91 10.38 14.02 -0.37
CA ASP A 91 11.64 14.66 -0.73
C ASP A 91 12.37 13.85 -1.79
N ASP A 92 11.83 13.90 -3.01
CA ASP A 92 12.40 13.23 -4.17
C ASP A 92 12.32 11.71 -4.05
N ASP A 93 11.59 11.09 -4.96
CA ASP A 93 11.40 9.65 -4.94
C ASP A 93 11.42 9.06 -6.34
N ASP A 94 12.02 7.90 -6.47
CA ASP A 94 12.14 7.19 -7.74
C ASP A 94 12.47 5.73 -7.49
N ASP A 95 11.67 4.82 -8.02
CA ASP A 95 11.91 3.40 -7.83
C ASP A 95 11.48 2.63 -9.07
N ASP A 96 11.93 1.38 -9.18
CA ASP A 96 11.58 0.53 -10.31
C ASP A 96 10.25 -0.19 -10.04
N GLY A 97 9.96 -0.39 -8.77
CA GLY A 97 8.72 -1.01 -8.38
C GLY A 97 7.80 0.00 -7.72
N TYR A 98 7.52 1.07 -8.44
CA TYR A 98 6.81 2.21 -7.90
C TYR A 98 6.64 3.26 -8.99
N GLY A 1 -0.05 -10.90 2.80
CA GLY A 1 -0.49 -11.07 1.39
C GLY A 1 -1.41 -9.97 0.95
N SER A 2 -1.55 -9.79 -0.37
CA SER A 2 -2.45 -8.78 -0.90
C SER A 2 -3.87 -9.32 -0.90
N LEU A 3 -4.02 -10.54 -1.42
CA LEU A 3 -5.27 -11.29 -1.38
C LEU A 3 -6.37 -10.62 -2.19
N ILE A 4 -6.01 -9.64 -3.00
CA ILE A 4 -6.96 -8.98 -3.87
C ILE A 4 -6.63 -9.27 -5.34
N LEU A 5 -7.16 -10.36 -5.83
CA LEU A 5 -6.80 -10.85 -7.15
C LEU A 5 -8.03 -11.11 -8.00
N ASP A 6 -9.01 -11.81 -7.43
CA ASP A 6 -10.18 -12.30 -8.18
C ASP A 6 -9.75 -13.35 -9.19
N GLY A 7 -8.95 -12.92 -10.16
CA GLY A 7 -8.41 -13.80 -11.17
C GLY A 7 -7.56 -13.01 -12.13
N ASP A 8 -6.39 -12.58 -11.65
CA ASP A 8 -5.52 -11.66 -12.40
C ASP A 8 -6.24 -10.34 -12.66
N LEU A 9 -6.12 -9.43 -11.70
CA LEU A 9 -6.69 -8.09 -11.78
C LEU A 9 -8.20 -8.07 -11.56
N LEU A 10 -8.69 -6.86 -11.30
CA LEU A 10 -10.10 -6.61 -11.05
C LEU A 10 -10.42 -5.16 -11.43
N LYS A 11 -9.66 -4.24 -10.81
CA LYS A 11 -9.62 -2.83 -11.22
C LYS A 11 -10.86 -2.02 -10.81
N ASP A 12 -12.04 -2.49 -11.17
CA ASP A 12 -13.25 -1.68 -11.02
C ASP A 12 -13.95 -1.89 -9.68
N LYS A 13 -13.30 -2.62 -8.77
CA LYS A 13 -13.88 -2.88 -7.46
C LYS A 13 -14.09 -1.57 -6.70
N LEU A 14 -13.00 -0.98 -6.25
CA LEU A 14 -13.05 0.27 -5.53
C LEU A 14 -12.50 1.40 -6.39
N LYS A 15 -13.30 2.42 -6.58
CA LYS A 15 -12.97 3.48 -7.52
C LYS A 15 -13.32 4.85 -6.93
N LEU A 16 -13.23 4.92 -5.61
CA LEU A 16 -13.59 6.12 -4.89
C LEU A 16 -12.33 6.88 -4.47
N PRO A 17 -12.36 8.22 -4.50
CA PRO A 17 -11.26 9.07 -4.04
C PRO A 17 -11.01 8.92 -2.54
N VAL A 18 -9.75 8.68 -2.19
CA VAL A 18 -9.30 8.45 -0.81
C VAL A 18 -10.23 7.58 0.02
N ILE A 19 -9.85 6.33 0.10
CA ILE A 19 -10.54 5.32 0.86
C ILE A 19 -10.11 5.46 2.33
N ASP A 20 -10.90 4.92 3.26
CA ASP A 20 -10.65 5.13 4.68
C ASP A 20 -9.34 4.48 5.12
N ASN A 21 -8.77 4.97 6.22
CA ASN A 21 -7.51 4.45 6.73
C ASN A 21 -7.64 3.01 7.19
N LEU A 22 -8.88 2.58 7.46
CA LEU A 22 -9.13 1.21 7.86
C LEU A 22 -8.80 0.24 6.73
N PHE A 23 -9.22 0.58 5.51
CA PHE A 23 -8.96 -0.26 4.36
C PHE A 23 -7.46 -0.35 4.10
N GLY A 24 -6.77 0.77 4.29
CA GLY A 24 -5.32 0.77 4.13
C GLY A 24 -4.65 0.04 5.28
N LYS A 25 -5.28 0.13 6.46
CA LYS A 25 -4.79 -0.53 7.65
C LYS A 25 -4.80 -2.03 7.44
N GLU A 26 -5.87 -2.49 6.80
CA GLU A 26 -6.02 -3.87 6.41
C GLU A 26 -4.89 -4.30 5.49
N LEU A 27 -4.67 -3.53 4.44
CA LEU A 27 -3.56 -3.76 3.51
C LEU A 27 -2.25 -3.90 4.27
N LEU A 28 -1.85 -2.82 4.92
CA LEU A 28 -0.64 -2.77 5.70
C LEU A 28 -0.59 -3.85 6.78
N ASP A 29 -1.74 -4.24 7.32
CA ASP A 29 -1.79 -5.33 8.29
C ASP A 29 -1.38 -6.65 7.64
N LYS A 30 -1.93 -6.90 6.46
CA LYS A 30 -1.65 -8.13 5.72
C LYS A 30 -0.19 -8.16 5.25
N PHE A 31 0.37 -6.98 4.98
CA PHE A 31 1.74 -6.89 4.50
C PHE A 31 2.70 -6.54 5.62
N GLN A 32 2.19 -6.38 6.83
CA GLN A 32 2.98 -5.99 7.96
C GLN A 32 4.19 -6.88 8.12
N ASP A 33 3.98 -8.17 7.91
CA ASP A 33 5.05 -9.16 8.04
C ASP A 33 6.13 -8.93 6.97
N ASP A 34 5.70 -8.53 5.79
CA ASP A 34 6.61 -8.31 4.67
C ASP A 34 7.29 -6.96 4.79
N ILE A 35 6.52 -5.97 5.21
CA ILE A 35 7.03 -4.62 5.44
C ILE A 35 7.98 -4.62 6.64
N LYS A 36 7.74 -5.51 7.58
CA LYS A 36 8.58 -5.63 8.76
C LYS A 36 9.80 -6.49 8.44
N ASP A 37 9.66 -7.32 7.44
CA ASP A 37 10.79 -8.05 6.90
C ASP A 37 11.72 -7.12 6.16
N LYS A 38 11.14 -6.25 5.34
CA LYS A 38 11.91 -5.38 4.46
C LYS A 38 12.40 -4.13 5.17
N TYR A 39 11.71 -3.69 6.21
CA TYR A 39 12.08 -2.46 6.91
C TYR A 39 12.05 -2.65 8.42
N GLY A 40 11.13 -3.48 8.88
CA GLY A 40 10.99 -3.70 10.33
C GLY A 40 9.90 -2.85 10.93
N VAL A 41 9.00 -2.38 10.08
CA VAL A 41 7.95 -1.45 10.49
C VAL A 41 6.77 -2.17 11.13
N ASP A 42 6.06 -1.45 11.99
CA ASP A 42 4.77 -1.89 12.51
C ASP A 42 3.66 -1.06 11.88
N THR A 43 2.92 -1.66 10.97
CA THR A 43 1.93 -0.94 10.19
C THR A 43 0.75 -0.47 11.04
N LYS A 44 0.62 -1.05 12.22
CA LYS A 44 -0.44 -0.71 13.14
C LYS A 44 -0.32 0.74 13.60
N ASP A 45 0.89 1.30 13.49
CA ASP A 45 1.15 2.66 13.96
C ASP A 45 1.25 3.63 12.80
N LEU A 46 1.25 3.10 11.59
CA LEU A 46 1.36 3.93 10.40
C LEU A 46 0.13 4.81 10.24
N LYS A 47 0.34 6.12 10.30
CA LYS A 47 -0.71 7.09 10.17
C LYS A 47 -1.16 7.19 8.72
N ILE A 48 -2.22 6.49 8.37
CA ILE A 48 -2.66 6.44 6.99
C ILE A 48 -3.39 7.72 6.61
N LEU A 49 -2.87 8.37 5.59
CA LEU A 49 -3.38 9.65 5.13
C LEU A 49 -4.38 9.45 4.02
N LYS A 50 -3.98 8.67 3.02
CA LYS A 50 -4.77 8.50 1.82
C LYS A 50 -4.63 7.07 1.30
N THR A 51 -5.74 6.38 1.18
CA THR A 51 -5.75 5.04 0.62
C THR A 51 -6.53 5.04 -0.68
N SER A 52 -6.02 4.40 -1.72
CA SER A 52 -6.76 4.26 -2.96
C SER A 52 -6.17 3.10 -3.77
N GLU A 53 -6.81 2.77 -4.88
CA GLU A 53 -6.25 1.81 -5.81
C GLU A 53 -6.29 2.35 -7.23
N ASP A 54 -5.34 1.90 -8.01
CA ASP A 54 -5.21 2.29 -9.40
C ASP A 54 -5.57 1.07 -10.24
N LYS A 55 -5.00 0.96 -11.44
CA LYS A 55 -5.25 -0.20 -12.27
C LYS A 55 -4.68 -1.46 -11.61
N ARG A 56 -3.40 -1.72 -11.81
CA ARG A 56 -2.77 -2.88 -11.20
C ARG A 56 -2.25 -2.55 -9.82
N PHE A 57 -2.62 -1.40 -9.28
CA PHE A 57 -1.88 -0.89 -8.12
C PHE A 57 -2.77 -0.41 -6.98
N TYR A 58 -2.16 -0.31 -5.81
CA TYR A 58 -2.76 0.31 -4.64
C TYR A 58 -1.84 1.41 -4.15
N TYR A 59 -2.40 2.44 -3.55
CA TYR A 59 -1.61 3.57 -3.08
C TYR A 59 -2.03 3.98 -1.68
N VAL A 60 -1.24 3.59 -0.69
CA VAL A 60 -1.52 3.95 0.70
C VAL A 60 -0.46 4.90 1.23
N SER A 61 -0.80 6.18 1.32
CA SER A 61 0.12 7.17 1.82
C SER A 61 0.02 7.25 3.34
N VAL A 62 1.13 7.09 4.04
CA VAL A 62 1.11 7.14 5.49
C VAL A 62 2.21 8.06 6.03
N ASP A 63 1.95 8.62 7.20
CA ASP A 63 2.95 9.37 7.93
C ASP A 63 3.68 8.40 8.85
N ALA A 64 4.99 8.31 8.68
CA ALA A 64 5.80 7.33 9.41
C ALA A 64 6.11 7.78 10.83
N GLY A 65 5.41 8.80 11.31
CA GLY A 65 5.57 9.26 12.68
C GLY A 65 6.72 10.23 12.82
N ASP A 66 7.89 9.82 12.34
CA ASP A 66 9.08 10.66 12.39
C ASP A 66 8.91 11.89 11.51
N GLY A 67 8.03 11.78 10.53
CA GLY A 67 7.81 12.87 9.61
C GLY A 67 7.97 12.44 8.18
N GLU A 68 8.42 11.20 8.00
CA GLU A 68 8.55 10.63 6.68
C GLU A 68 7.19 10.23 6.15
N LYS A 69 7.03 10.26 4.85
CA LYS A 69 5.76 9.98 4.24
C LYS A 69 5.91 8.88 3.19
N CYS A 70 5.43 7.70 3.50
CA CYS A 70 5.59 6.56 2.62
C CYS A 70 4.29 6.22 1.91
N LYS A 71 4.38 6.03 0.61
CA LYS A 71 3.26 5.60 -0.19
C LYS A 71 3.41 4.12 -0.47
N PHE A 72 2.67 3.31 0.26
CA PHE A 72 2.74 1.87 0.10
C PHE A 72 1.99 1.46 -1.16
N LYS A 73 2.73 1.09 -2.18
CA LYS A 73 2.14 0.71 -3.44
C LYS A 73 2.04 -0.80 -3.55
N ILE A 74 0.83 -1.28 -3.46
CA ILE A 74 0.57 -2.71 -3.51
C ILE A 74 -0.02 -3.06 -4.86
N ARG A 75 0.70 -3.83 -5.65
CA ARG A 75 0.29 -4.10 -7.03
C ARG A 75 -0.79 -5.18 -7.06
N LYS A 76 -1.56 -5.22 -5.98
CA LYS A 76 -2.64 -6.19 -5.80
C LYS A 76 -2.11 -7.62 -5.89
N ASP A 77 -3.00 -8.58 -5.77
CA ASP A 77 -2.59 -9.98 -5.72
C ASP A 77 -2.47 -10.54 -7.13
N VAL A 78 -1.90 -9.75 -8.03
CA VAL A 78 -1.75 -10.18 -9.41
C VAL A 78 -0.57 -11.16 -9.52
N ASP A 79 -0.91 -12.43 -9.69
CA ASP A 79 0.07 -13.52 -9.72
C ASP A 79 0.68 -13.77 -8.34
N VAL A 80 1.39 -12.78 -7.83
CA VAL A 80 1.99 -12.86 -6.50
C VAL A 80 0.97 -12.44 -5.45
N PRO A 81 1.09 -12.98 -4.25
CA PRO A 81 0.26 -12.59 -3.12
C PRO A 81 0.85 -11.40 -2.39
N LYS A 82 1.56 -10.57 -3.11
CA LYS A 82 2.35 -9.53 -2.49
C LYS A 82 2.14 -8.18 -3.16
N MET A 83 3.10 -7.31 -2.97
CA MET A 83 3.03 -5.95 -3.48
C MET A 83 4.15 -5.70 -4.46
N VAL A 84 4.05 -4.60 -5.19
CA VAL A 84 5.09 -4.21 -6.13
C VAL A 84 6.23 -3.49 -5.41
N GLY A 85 5.88 -2.47 -4.65
CA GLY A 85 6.89 -1.70 -3.97
C GLY A 85 6.30 -0.61 -3.11
N ARG A 86 6.71 -0.56 -1.86
CA ARG A 86 6.31 0.52 -1.00
C ARG A 86 7.41 1.56 -0.96
N LYS A 87 7.09 2.75 -1.40
CA LYS A 87 8.07 3.77 -1.64
C LYS A 87 7.76 5.01 -0.82
N CYS A 88 8.61 5.34 0.13
CA CYS A 88 8.43 6.60 0.84
C CYS A 88 8.78 7.74 -0.07
N ARG A 89 7.82 8.61 -0.24
CA ARG A 89 7.97 9.78 -1.07
C ARG A 89 7.61 10.99 -0.23
N LYS A 90 8.55 11.39 0.61
CA LYS A 90 8.31 12.43 1.58
C LYS A 90 8.29 13.79 0.87
N ASP A 91 8.74 13.79 -0.37
CA ASP A 91 8.72 14.99 -1.21
C ASP A 91 7.34 15.12 -1.88
N ASP A 92 7.13 16.21 -2.59
CA ASP A 92 5.82 16.51 -3.16
C ASP A 92 5.66 15.86 -4.53
N ASP A 93 6.77 15.51 -5.17
CA ASP A 93 6.75 14.90 -6.50
C ASP A 93 5.96 13.60 -6.51
N ASP A 94 5.13 13.43 -7.53
CA ASP A 94 4.31 12.23 -7.66
C ASP A 94 5.05 11.16 -8.43
N ASP A 95 5.46 10.12 -7.73
CA ASP A 95 6.17 9.00 -8.34
C ASP A 95 5.18 8.09 -9.04
N ASP A 96 5.62 7.36 -10.06
CA ASP A 96 4.74 6.44 -10.77
C ASP A 96 5.31 5.02 -10.77
N GLY A 97 6.56 4.90 -10.34
CA GLY A 97 7.22 3.61 -10.34
C GLY A 97 7.80 3.29 -8.99
N TYR A 98 7.05 2.55 -8.19
CA TYR A 98 7.43 2.28 -6.82
C TYR A 98 8.03 0.89 -6.73
N GLY A 1 2.95 -11.80 2.72
CA GLY A 1 1.91 -12.09 1.69
C GLY A 1 0.96 -10.93 1.49
N SER A 2 1.25 -10.11 0.50
CA SER A 2 0.36 -9.01 0.14
C SER A 2 -0.85 -9.56 -0.63
N LEU A 3 -1.68 -10.32 0.08
CA LEU A 3 -2.74 -11.09 -0.54
C LEU A 3 -4.05 -10.30 -0.66
N ILE A 4 -4.71 -10.49 -1.78
CA ILE A 4 -6.01 -9.90 -2.06
C ILE A 4 -6.59 -10.61 -3.28
N LEU A 5 -6.47 -11.93 -3.24
CA LEU A 5 -6.78 -12.78 -4.38
C LEU A 5 -8.26 -13.10 -4.51
N ASP A 6 -8.51 -13.97 -5.48
CA ASP A 6 -9.83 -14.38 -5.92
C ASP A 6 -9.62 -15.11 -7.23
N GLY A 7 -8.60 -14.65 -7.94
CA GLY A 7 -8.19 -15.25 -9.18
C GLY A 7 -7.71 -14.21 -10.16
N ASP A 8 -6.45 -13.76 -10.02
CA ASP A 8 -5.86 -12.76 -10.92
C ASP A 8 -6.46 -11.38 -10.62
N LEU A 9 -7.19 -11.31 -9.50
CA LEU A 9 -7.73 -10.08 -8.97
C LEU A 9 -9.04 -9.73 -9.66
N LEU A 10 -9.69 -8.71 -9.15
CA LEU A 10 -11.00 -8.35 -9.64
C LEU A 10 -11.18 -6.84 -9.52
N LYS A 11 -11.41 -6.20 -10.64
CA LYS A 11 -11.52 -4.75 -10.69
C LYS A 11 -12.91 -4.32 -10.24
N ASP A 12 -13.03 -3.98 -8.97
CA ASP A 12 -14.31 -3.58 -8.42
C ASP A 12 -14.54 -2.08 -8.63
N LYS A 13 -14.05 -1.26 -7.71
CA LYS A 13 -14.21 0.19 -7.82
C LYS A 13 -13.39 0.91 -6.77
N LEU A 14 -12.76 2.00 -7.17
CA LEU A 14 -12.07 2.89 -6.26
C LEU A 14 -13.07 3.61 -5.37
N LYS A 15 -13.01 3.35 -4.08
CA LYS A 15 -13.92 3.98 -3.13
C LYS A 15 -13.42 5.38 -2.77
N LEU A 16 -14.11 6.40 -3.29
CA LEU A 16 -13.78 7.78 -3.05
C LEU A 16 -12.34 8.13 -3.49
N PRO A 17 -11.96 9.41 -3.43
CA PRO A 17 -10.56 9.82 -3.66
C PRO A 17 -9.66 9.37 -2.52
N VAL A 18 -10.31 9.11 -1.41
CA VAL A 18 -9.67 8.58 -0.22
C VAL A 18 -10.56 7.52 0.39
N ILE A 19 -10.07 6.29 0.36
CA ILE A 19 -10.81 5.15 0.87
C ILE A 19 -10.93 5.24 2.40
N ASP A 20 -11.67 4.31 3.00
CA ASP A 20 -11.98 4.32 4.44
C ASP A 20 -10.75 4.48 5.32
N ASN A 21 -9.58 4.15 4.78
CA ASN A 21 -8.31 4.15 5.52
C ASN A 21 -8.23 2.95 6.47
N LEU A 22 -9.35 2.63 7.12
CA LEU A 22 -9.46 1.40 7.87
C LEU A 22 -9.40 0.21 6.92
N PHE A 23 -9.96 0.40 5.73
CA PHE A 23 -9.84 -0.58 4.67
C PHE A 23 -8.36 -0.77 4.35
N GLY A 24 -7.64 0.34 4.30
CA GLY A 24 -6.20 0.28 4.09
C GLY A 24 -5.52 -0.37 5.27
N LYS A 25 -5.95 -0.02 6.48
CA LYS A 25 -5.42 -0.62 7.70
C LYS A 25 -5.49 -2.14 7.62
N GLU A 26 -6.59 -2.66 7.10
CA GLU A 26 -6.76 -4.07 6.83
C GLU A 26 -5.66 -4.58 5.90
N LEU A 27 -5.53 -3.93 4.75
CA LEU A 27 -4.47 -4.22 3.80
C LEU A 27 -3.11 -4.28 4.50
N LEU A 28 -2.71 -3.14 5.05
CA LEU A 28 -1.39 -2.99 5.65
C LEU A 28 -1.18 -3.98 6.79
N ASP A 29 -2.25 -4.31 7.49
CA ASP A 29 -2.19 -5.30 8.57
C ASP A 29 -1.85 -6.68 8.03
N LYS A 30 -2.46 -7.05 6.91
CA LYS A 30 -2.22 -8.35 6.29
C LYS A 30 -0.84 -8.39 5.65
N PHE A 31 -0.48 -7.30 4.99
CA PHE A 31 0.75 -7.25 4.21
C PHE A 31 1.91 -6.81 5.09
N GLN A 32 1.61 -6.56 6.35
CA GLN A 32 2.59 -6.11 7.31
C GLN A 32 3.75 -7.08 7.39
N ASP A 33 3.45 -8.37 7.29
CA ASP A 33 4.49 -9.40 7.40
C ASP A 33 5.60 -9.16 6.38
N ASP A 34 5.24 -8.67 5.20
CA ASP A 34 6.24 -8.36 4.17
C ASP A 34 6.98 -7.09 4.53
N ILE A 35 6.22 -6.06 4.85
CA ILE A 35 6.78 -4.75 5.18
C ILE A 35 7.65 -4.83 6.43
N LYS A 36 7.30 -5.73 7.33
CA LYS A 36 7.94 -5.86 8.62
C LYS A 36 9.13 -6.80 8.54
N ASP A 37 9.04 -7.76 7.63
CA ASP A 37 10.18 -8.62 7.31
C ASP A 37 11.25 -7.83 6.60
N LYS A 38 10.84 -7.14 5.53
CA LYS A 38 11.74 -6.46 4.64
C LYS A 38 12.32 -5.17 5.24
N TYR A 39 11.47 -4.39 5.88
CA TYR A 39 11.88 -3.07 6.37
C TYR A 39 11.72 -2.97 7.89
N GLY A 40 10.94 -3.87 8.46
CA GLY A 40 10.75 -3.88 9.90
C GLY A 40 9.73 -2.85 10.36
N VAL A 41 8.76 -2.58 9.50
CA VAL A 41 7.77 -1.55 9.78
C VAL A 41 6.54 -2.13 10.46
N ASP A 42 5.92 -1.33 11.32
CA ASP A 42 4.68 -1.71 11.96
C ASP A 42 3.54 -0.87 11.38
N THR A 43 2.56 -1.53 10.80
CA THR A 43 1.52 -0.83 10.04
C THR A 43 0.45 -0.20 10.95
N LYS A 44 0.45 -0.61 12.21
CA LYS A 44 -0.44 -0.02 13.19
C LYS A 44 0.07 1.36 13.59
N ASP A 45 1.36 1.57 13.34
CA ASP A 45 2.01 2.83 13.65
C ASP A 45 1.84 3.78 12.48
N LEU A 46 1.98 3.21 11.30
CA LEU A 46 1.81 3.93 10.05
C LEU A 46 0.45 4.61 10.01
N LYS A 47 0.46 5.94 10.10
CA LYS A 47 -0.74 6.71 9.99
C LYS A 47 -1.15 6.81 8.53
N ILE A 48 -2.22 6.13 8.16
CA ILE A 48 -2.68 6.16 6.79
C ILE A 48 -3.32 7.50 6.47
N LEU A 49 -2.69 8.22 5.57
CA LEU A 49 -3.11 9.56 5.22
C LEU A 49 -4.15 9.53 4.13
N LYS A 50 -3.96 8.61 3.19
CA LYS A 50 -4.83 8.51 2.04
C LYS A 50 -4.76 7.11 1.46
N THR A 51 -5.79 6.33 1.70
CA THR A 51 -5.91 5.02 1.07
C THR A 51 -6.52 5.22 -0.30
N SER A 52 -5.88 4.66 -1.32
CA SER A 52 -6.44 4.71 -2.66
C SER A 52 -5.89 3.55 -3.48
N GLU A 53 -6.33 3.47 -4.73
CA GLU A 53 -5.84 2.46 -5.64
C GLU A 53 -6.00 2.92 -7.07
N ASP A 54 -5.64 2.06 -8.01
CA ASP A 54 -5.81 2.36 -9.41
C ASP A 54 -6.46 1.17 -10.11
N LYS A 55 -5.64 0.24 -10.57
CA LYS A 55 -6.15 -1.00 -11.15
C LYS A 55 -5.45 -2.18 -10.47
N ARG A 56 -4.24 -2.50 -10.92
CA ARG A 56 -3.44 -3.56 -10.31
C ARG A 56 -2.61 -2.99 -9.18
N PHE A 57 -3.05 -1.87 -8.62
CA PHE A 57 -2.21 -1.11 -7.70
C PHE A 57 -3.03 -0.50 -6.57
N TYR A 58 -2.54 -0.68 -5.35
CA TYR A 58 -3.00 0.06 -4.19
C TYR A 58 -2.00 1.15 -3.87
N TYR A 59 -2.47 2.25 -3.32
CA TYR A 59 -1.59 3.34 -2.93
C TYR A 59 -1.95 3.83 -1.54
N VAL A 60 -1.22 3.36 -0.55
CA VAL A 60 -1.47 3.74 0.83
C VAL A 60 -0.41 4.72 1.32
N SER A 61 -0.72 6.00 1.26
CA SER A 61 0.17 7.03 1.76
C SER A 61 0.10 7.05 3.27
N VAL A 62 1.26 6.95 3.92
CA VAL A 62 1.30 6.85 5.37
C VAL A 62 2.37 7.75 5.98
N ASP A 63 2.11 8.17 7.21
CA ASP A 63 3.06 8.91 8.00
C ASP A 63 3.75 7.96 8.98
N ALA A 64 5.06 7.92 8.93
CA ALA A 64 5.81 6.93 9.68
C ALA A 64 6.80 7.57 10.64
N GLY A 65 6.77 8.89 10.72
CA GLY A 65 7.67 9.61 11.57
C GLY A 65 7.56 11.09 11.36
N ASP A 66 8.43 11.84 11.99
CA ASP A 66 8.39 13.31 11.93
C ASP A 66 8.56 13.78 10.49
N GLY A 67 9.41 13.09 9.75
CA GLY A 67 9.63 13.41 8.36
C GLY A 67 9.38 12.22 7.46
N GLU A 68 9.15 11.06 8.07
CA GLU A 68 8.93 9.84 7.33
C GLU A 68 7.54 9.81 6.72
N LYS A 69 7.51 9.72 5.40
CA LYS A 69 6.27 9.72 4.65
C LYS A 69 6.42 8.80 3.45
N CYS A 70 5.63 7.75 3.41
CA CYS A 70 5.75 6.74 2.36
C CYS A 70 4.40 6.50 1.71
N LYS A 71 4.42 5.95 0.51
CA LYS A 71 3.20 5.52 -0.15
C LYS A 71 3.33 4.05 -0.50
N PHE A 72 2.63 3.20 0.24
CA PHE A 72 2.69 1.78 0.00
C PHE A 72 1.92 1.43 -1.27
N LYS A 73 2.68 1.32 -2.34
CA LYS A 73 2.16 0.97 -3.63
C LYS A 73 2.01 -0.54 -3.72
N ILE A 74 0.96 -1.03 -3.15
CA ILE A 74 0.71 -2.45 -3.11
C ILE A 74 0.23 -2.91 -4.47
N ARG A 75 1.09 -3.58 -5.21
CA ARG A 75 0.79 -3.99 -6.58
C ARG A 75 -0.18 -5.16 -6.57
N LYS A 76 -0.70 -5.43 -5.39
CA LYS A 76 -1.70 -6.47 -5.16
C LYS A 76 -1.15 -7.85 -5.49
N ASP A 77 -1.98 -8.86 -5.26
CA ASP A 77 -1.62 -10.24 -5.56
C ASP A 77 -1.82 -10.51 -7.04
N VAL A 78 -1.05 -9.82 -7.87
CA VAL A 78 -1.06 -10.04 -9.30
C VAL A 78 -0.10 -11.17 -9.63
N ASP A 79 -0.61 -12.41 -9.57
CA ASP A 79 0.23 -13.61 -9.75
C ASP A 79 1.07 -13.84 -8.49
N VAL A 80 1.79 -12.80 -8.08
CA VAL A 80 2.49 -12.79 -6.81
C VAL A 80 1.87 -11.72 -5.92
N PRO A 81 1.66 -12.05 -4.65
CA PRO A 81 1.06 -11.14 -3.68
C PRO A 81 1.93 -9.94 -3.38
N LYS A 82 3.20 -10.22 -3.06
CA LYS A 82 4.13 -9.22 -2.53
C LYS A 82 4.10 -7.91 -3.31
N MET A 83 3.95 -6.83 -2.55
CA MET A 83 3.81 -5.48 -3.10
C MET A 83 5.01 -5.08 -3.96
N VAL A 84 4.80 -4.10 -4.81
CA VAL A 84 5.88 -3.58 -5.64
C VAL A 84 6.38 -2.24 -5.11
N GLY A 85 5.50 -1.52 -4.44
CA GLY A 85 5.78 -0.17 -4.05
C GLY A 85 5.76 0.03 -2.56
N ARG A 86 6.75 0.74 -2.10
CA ARG A 86 6.96 0.98 -0.69
C ARG A 86 7.75 2.26 -0.52
N LYS A 87 7.73 3.05 -1.57
CA LYS A 87 8.61 4.19 -1.70
C LYS A 87 8.21 5.30 -0.74
N CYS A 88 9.10 5.62 0.18
CA CYS A 88 8.89 6.77 1.03
C CYS A 88 9.37 8.01 0.32
N ARG A 89 8.42 8.85 -0.04
CA ARG A 89 8.75 10.08 -0.72
C ARG A 89 9.06 11.16 0.30
N LYS A 90 10.16 10.94 1.00
CA LYS A 90 10.62 11.86 2.02
C LYS A 90 11.60 12.84 1.40
N ASP A 91 12.30 12.39 0.38
CA ASP A 91 13.16 13.24 -0.42
C ASP A 91 12.32 13.99 -1.43
N ASP A 92 11.67 13.22 -2.30
CA ASP A 92 10.72 13.73 -3.29
C ASP A 92 9.99 12.54 -3.88
N ASP A 93 9.16 12.77 -4.89
CA ASP A 93 8.40 11.68 -5.50
C ASP A 93 8.70 11.62 -6.99
N ASP A 94 8.25 10.56 -7.64
CA ASP A 94 8.48 10.38 -9.07
C ASP A 94 7.18 10.58 -9.84
N ASP A 95 6.37 9.54 -9.86
CA ASP A 95 5.12 9.53 -10.63
C ASP A 95 4.44 8.19 -10.43
N ASP A 96 5.17 7.14 -10.77
CA ASP A 96 4.70 5.78 -10.59
C ASP A 96 5.91 4.87 -10.49
N GLY A 97 5.71 3.66 -10.00
CA GLY A 97 6.83 2.79 -9.74
C GLY A 97 7.51 3.16 -8.44
N TYR A 98 6.87 2.82 -7.34
CA TYR A 98 7.34 3.20 -6.02
C TYR A 98 8.24 2.11 -5.43
N GLY A 1 -5.75 -6.61 0.37
CA GLY A 1 -4.28 -6.48 0.14
C GLY A 1 -3.90 -6.96 -1.25
N SER A 2 -2.88 -7.80 -1.33
CA SER A 2 -2.50 -8.41 -2.60
C SER A 2 -3.01 -9.85 -2.64
N LEU A 3 -3.71 -10.24 -1.59
CA LEU A 3 -4.33 -11.55 -1.52
C LEU A 3 -5.71 -11.49 -2.19
N ILE A 4 -5.92 -10.38 -2.88
CA ILE A 4 -7.06 -10.20 -3.76
C ILE A 4 -6.80 -10.95 -5.06
N LEU A 5 -6.71 -12.27 -4.93
CA LEU A 5 -6.14 -13.10 -5.98
C LEU A 5 -7.20 -13.84 -6.78
N ASP A 6 -6.81 -14.14 -8.01
CA ASP A 6 -7.55 -15.05 -8.87
C ASP A 6 -6.75 -15.30 -10.14
N GLY A 7 -5.53 -14.78 -10.16
CA GLY A 7 -4.67 -14.92 -11.31
C GLY A 7 -4.61 -13.67 -12.15
N ASP A 8 -4.10 -12.58 -11.55
CA ASP A 8 -3.98 -11.29 -12.24
C ASP A 8 -5.37 -10.70 -12.45
N LEU A 9 -6.29 -11.12 -11.58
CA LEU A 9 -7.67 -10.71 -11.68
C LEU A 9 -8.01 -9.78 -10.53
N LEU A 10 -8.20 -8.50 -10.86
CA LEU A 10 -8.50 -7.49 -9.85
C LEU A 10 -9.83 -7.78 -9.20
N LYS A 11 -10.88 -7.88 -10.02
CA LYS A 11 -12.24 -8.15 -9.56
C LYS A 11 -12.79 -6.98 -8.74
N ASP A 12 -12.15 -6.70 -7.61
CA ASP A 12 -12.52 -5.56 -6.78
C ASP A 12 -11.59 -4.39 -7.03
N LYS A 13 -11.89 -3.61 -8.04
CA LYS A 13 -11.23 -2.33 -8.23
C LYS A 13 -12.23 -1.21 -8.00
N LEU A 14 -11.84 -0.23 -7.21
CA LEU A 14 -12.79 0.78 -6.76
C LEU A 14 -12.99 1.87 -7.80
N LYS A 15 -13.66 2.94 -7.39
CA LYS A 15 -14.10 3.97 -8.30
C LYS A 15 -14.06 5.33 -7.62
N LEU A 16 -13.28 5.42 -6.58
CA LEU A 16 -13.33 6.56 -5.69
C LEU A 16 -11.94 7.03 -5.27
N PRO A 17 -11.85 8.28 -4.76
CA PRO A 17 -10.63 8.82 -4.16
C PRO A 17 -10.21 8.07 -2.90
N VAL A 18 -9.61 8.81 -1.97
CA VAL A 18 -9.23 8.27 -0.67
C VAL A 18 -10.36 7.44 -0.06
N ILE A 19 -10.03 6.24 0.38
CA ILE A 19 -11.01 5.31 0.91
C ILE A 19 -11.03 5.37 2.42
N ASP A 20 -9.98 4.80 3.00
CA ASP A 20 -9.76 4.80 4.46
C ASP A 20 -10.83 3.99 5.19
N ASN A 21 -11.61 3.24 4.42
CA ASN A 21 -12.66 2.39 4.98
C ASN A 21 -12.06 1.08 5.49
N LEU A 22 -11.16 1.20 6.47
CA LEU A 22 -10.41 0.06 7.00
C LEU A 22 -9.54 -0.57 5.91
N PHE A 23 -9.56 0.02 4.73
CA PHE A 23 -8.87 -0.50 3.56
C PHE A 23 -7.36 -0.53 3.77
N GLY A 24 -6.77 0.63 3.98
CA GLY A 24 -5.33 0.71 4.13
C GLY A 24 -4.85 -0.05 5.33
N LYS A 25 -5.65 -0.03 6.39
CA LYS A 25 -5.34 -0.72 7.60
C LYS A 25 -5.39 -2.24 7.38
N GLU A 26 -6.33 -2.70 6.56
CA GLU A 26 -6.44 -4.09 6.19
C GLU A 26 -5.20 -4.56 5.43
N LEU A 27 -4.87 -3.82 4.38
CA LEU A 27 -3.70 -4.10 3.55
C LEU A 27 -2.45 -4.21 4.43
N LEU A 28 -2.13 -3.10 5.09
CA LEU A 28 -0.99 -3.00 5.97
C LEU A 28 -1.04 -4.00 7.12
N ASP A 29 -2.23 -4.43 7.53
CA ASP A 29 -2.36 -5.42 8.59
C ASP A 29 -1.82 -6.77 8.13
N LYS A 30 -2.16 -7.14 6.91
CA LYS A 30 -1.73 -8.42 6.34
C LYS A 30 -0.25 -8.37 5.99
N PHE A 31 0.19 -7.25 5.45
CA PHE A 31 1.57 -7.12 5.00
C PHE A 31 2.47 -6.58 6.09
N GLN A 32 1.89 -6.32 7.26
CA GLN A 32 2.65 -5.86 8.41
C GLN A 32 3.85 -6.75 8.65
N ASP A 33 3.63 -8.05 8.59
CA ASP A 33 4.67 -9.04 8.82
C ASP A 33 5.76 -8.94 7.75
N ASP A 34 5.39 -8.56 6.53
CA ASP A 34 6.35 -8.48 5.43
C ASP A 34 7.05 -7.12 5.45
N ILE A 35 6.27 -6.09 5.72
CA ILE A 35 6.77 -4.73 5.83
C ILE A 35 7.74 -4.63 7.01
N LYS A 36 7.46 -5.39 8.06
CA LYS A 36 8.31 -5.43 9.23
C LYS A 36 9.48 -6.37 8.98
N ASP A 37 9.19 -7.42 8.22
CA ASP A 37 10.21 -8.38 7.79
C ASP A 37 11.34 -7.69 7.04
N LYS A 38 10.97 -6.84 6.11
CA LYS A 38 11.93 -6.23 5.21
C LYS A 38 12.41 -4.86 5.69
N TYR A 39 11.48 -4.04 6.17
CA TYR A 39 11.82 -2.65 6.46
C TYR A 39 11.81 -2.37 7.96
N GLY A 40 11.27 -3.30 8.74
CA GLY A 40 11.22 -3.13 10.18
C GLY A 40 10.25 -2.04 10.59
N VAL A 41 9.03 -2.11 10.06
CA VAL A 41 8.02 -1.10 10.31
C VAL A 41 6.82 -1.69 11.04
N ASP A 42 6.14 -0.85 11.80
CA ASP A 42 4.89 -1.22 12.45
C ASP A 42 3.73 -0.45 11.80
N THR A 43 2.81 -1.19 11.21
CA THR A 43 1.72 -0.58 10.44
C THR A 43 0.68 0.05 11.35
N LYS A 44 0.74 -0.30 12.63
CA LYS A 44 -0.16 0.25 13.62
C LYS A 44 0.30 1.67 13.98
N ASP A 45 1.54 1.99 13.66
CA ASP A 45 2.10 3.30 13.97
C ASP A 45 2.06 4.18 12.73
N LEU A 46 1.86 3.55 11.58
CA LEU A 46 1.76 4.26 10.33
C LEU A 46 0.50 5.10 10.27
N LYS A 47 0.67 6.40 10.09
CA LYS A 47 -0.45 7.30 9.94
C LYS A 47 -0.90 7.33 8.50
N ILE A 48 -2.01 6.65 8.21
CA ILE A 48 -2.52 6.61 6.86
C ILE A 48 -3.12 7.96 6.50
N LEU A 49 -2.50 8.61 5.53
CA LEU A 49 -2.91 9.93 5.08
C LEU A 49 -3.97 9.81 4.01
N LYS A 50 -3.82 8.78 3.19
CA LYS A 50 -4.72 8.56 2.08
C LYS A 50 -4.67 7.11 1.63
N THR A 51 -5.72 6.38 1.90
CA THR A 51 -5.86 5.05 1.34
C THR A 51 -6.50 5.17 -0.03
N SER A 52 -5.97 4.47 -1.00
CA SER A 52 -6.55 4.47 -2.33
C SER A 52 -6.03 3.30 -3.14
N GLU A 53 -6.49 3.21 -4.36
CA GLU A 53 -6.03 2.19 -5.29
C GLU A 53 -6.24 2.67 -6.70
N ASP A 54 -5.59 2.00 -7.63
CA ASP A 54 -5.72 2.35 -9.03
C ASP A 54 -5.34 1.14 -9.87
N LYS A 55 -6.35 0.53 -10.50
CA LYS A 55 -6.15 -0.66 -11.32
C LYS A 55 -5.48 -1.78 -10.53
N ARG A 56 -4.28 -2.14 -10.94
CA ARG A 56 -3.58 -3.29 -10.38
C ARG A 56 -2.75 -2.92 -9.16
N PHE A 57 -3.02 -1.76 -8.58
CA PHE A 57 -2.16 -1.24 -7.52
C PHE A 57 -2.97 -0.62 -6.39
N TYR A 58 -2.57 -0.90 -5.16
CA TYR A 58 -3.07 -0.19 -4.00
C TYR A 58 -2.10 0.89 -3.60
N TYR A 59 -2.63 2.04 -3.20
CA TYR A 59 -1.80 3.18 -2.83
C TYR A 59 -2.16 3.65 -1.42
N VAL A 60 -1.41 3.21 -0.44
CA VAL A 60 -1.66 3.61 0.95
C VAL A 60 -0.65 4.65 1.39
N SER A 61 -0.98 5.92 1.18
CA SER A 61 -0.10 7.01 1.55
C SER A 61 -0.10 7.16 3.06
N VAL A 62 1.06 7.02 3.68
CA VAL A 62 1.16 7.08 5.14
C VAL A 62 2.31 7.98 5.56
N ASP A 63 2.19 8.49 6.77
CA ASP A 63 3.26 9.26 7.38
C ASP A 63 4.02 8.37 8.35
N ALA A 64 5.33 8.32 8.22
CA ALA A 64 6.15 7.54 9.12
C ALA A 64 6.47 8.37 10.35
N GLY A 65 6.08 9.64 10.29
CA GLY A 65 6.16 10.52 11.44
C GLY A 65 7.56 11.00 11.72
N ASP A 66 8.33 10.16 12.39
CA ASP A 66 9.67 10.51 12.82
C ASP A 66 10.63 10.58 11.63
N GLY A 67 10.28 9.90 10.55
CA GLY A 67 11.17 9.82 9.42
C GLY A 67 10.55 10.24 8.12
N GLU A 68 9.97 9.29 7.42
CA GLU A 68 9.57 9.46 6.03
C GLU A 68 8.09 9.76 5.85
N LYS A 69 7.73 9.98 4.59
CA LYS A 69 6.36 10.01 4.16
C LYS A 69 6.24 9.06 2.97
N CYS A 70 5.32 8.13 3.05
CA CYS A 70 5.32 7.02 2.11
C CYS A 70 3.93 6.77 1.55
N LYS A 71 3.84 5.75 0.72
CA LYS A 71 2.60 5.33 0.09
C LYS A 71 2.75 3.90 -0.35
N PHE A 72 2.39 2.97 0.54
CA PHE A 72 2.56 1.56 0.28
C PHE A 72 1.84 1.15 -1.00
N LYS A 73 2.62 0.80 -2.00
CA LYS A 73 2.09 0.47 -3.29
C LYS A 73 1.91 -1.03 -3.39
N ILE A 74 0.84 -1.48 -2.76
CA ILE A 74 0.55 -2.89 -2.69
C ILE A 74 -0.10 -3.33 -3.97
N ARG A 75 0.73 -3.78 -4.89
CA ARG A 75 0.28 -4.31 -6.15
C ARG A 75 -0.67 -5.44 -5.88
N LYS A 76 -1.85 -5.38 -6.47
CA LYS A 76 -2.84 -6.44 -6.28
C LYS A 76 -2.32 -7.76 -6.83
N ASP A 77 -3.11 -8.83 -6.71
CA ASP A 77 -2.68 -10.13 -7.21
C ASP A 77 -2.47 -10.07 -8.70
N VAL A 78 -1.23 -9.84 -9.07
CA VAL A 78 -0.82 -9.86 -10.44
C VAL A 78 0.53 -10.56 -10.55
N ASP A 79 0.48 -11.89 -10.61
CA ASP A 79 1.67 -12.75 -10.59
C ASP A 79 2.24 -12.86 -9.18
N VAL A 80 2.43 -11.73 -8.52
CA VAL A 80 2.89 -11.72 -7.14
C VAL A 80 1.73 -11.61 -6.17
N PRO A 81 1.91 -12.18 -4.98
CA PRO A 81 1.02 -12.00 -3.85
C PRO A 81 1.53 -10.89 -2.93
N LYS A 82 2.23 -9.93 -3.52
CA LYS A 82 2.94 -8.91 -2.76
C LYS A 82 2.76 -7.55 -3.39
N MET A 83 3.43 -6.58 -2.80
CA MET A 83 3.40 -5.21 -3.27
C MET A 83 4.56 -4.96 -4.23
N VAL A 84 4.32 -4.12 -5.22
CA VAL A 84 5.36 -3.79 -6.19
C VAL A 84 6.26 -2.71 -5.65
N GLY A 85 5.73 -1.90 -4.76
CA GLY A 85 6.47 -0.78 -4.26
C GLY A 85 5.97 -0.29 -2.92
N ARG A 86 6.52 0.84 -2.52
CA ARG A 86 6.26 1.45 -1.25
C ARG A 86 6.66 2.91 -1.36
N LYS A 87 5.88 3.66 -2.11
CA LYS A 87 6.22 5.00 -2.56
C LYS A 87 6.46 5.96 -1.40
N CYS A 88 7.66 5.91 -0.83
CA CYS A 88 8.03 6.79 0.26
C CYS A 88 8.72 8.03 -0.30
N ARG A 89 10.00 8.21 0.06
CA ARG A 89 10.82 9.32 -0.43
C ARG A 89 10.44 10.63 0.25
N LYS A 90 9.26 10.62 0.86
CA LYS A 90 8.81 11.69 1.78
C LYS A 90 8.41 12.96 1.04
N ASP A 91 9.23 13.39 0.11
CA ASP A 91 8.96 14.60 -0.67
C ASP A 91 9.57 14.47 -2.05
N ASP A 92 9.46 13.29 -2.63
CA ASP A 92 10.07 13.01 -3.93
C ASP A 92 9.32 11.89 -4.65
N ASP A 93 9.30 11.96 -5.97
CA ASP A 93 8.59 10.99 -6.79
C ASP A 93 9.57 10.04 -7.47
N ASP A 94 9.11 8.86 -7.83
CA ASP A 94 9.95 7.83 -8.43
C ASP A 94 9.82 7.89 -9.97
N ASP A 95 10.15 6.80 -10.65
CA ASP A 95 10.13 6.78 -12.11
C ASP A 95 9.02 5.89 -12.65
N ASP A 96 7.94 6.54 -13.09
CA ASP A 96 6.78 5.88 -13.72
C ASP A 96 6.05 4.97 -12.74
N GLY A 97 6.60 3.78 -12.50
CA GLY A 97 6.04 2.90 -11.50
C GLY A 97 6.45 3.36 -10.11
N TYR A 98 6.11 2.57 -9.09
CA TYR A 98 6.38 2.97 -7.71
C TYR A 98 5.70 4.31 -7.41
N GLY A 1 0.09 -10.55 2.20
CA GLY A 1 0.06 -10.98 0.78
C GLY A 1 -1.11 -10.36 0.05
N SER A 2 -0.86 -9.96 -1.20
CA SER A 2 -1.91 -9.40 -2.03
C SER A 2 -2.88 -10.49 -2.45
N LEU A 3 -3.99 -10.59 -1.74
CA LEU A 3 -4.94 -11.67 -1.93
C LEU A 3 -6.15 -11.20 -2.74
N ILE A 4 -6.16 -9.92 -3.10
CA ILE A 4 -7.25 -9.39 -3.90
C ILE A 4 -7.08 -9.80 -5.36
N LEU A 5 -7.65 -10.95 -5.70
CA LEU A 5 -7.52 -11.55 -7.03
C LEU A 5 -8.29 -10.78 -8.08
N ASP A 6 -8.94 -9.70 -7.68
CA ASP A 6 -9.64 -8.84 -8.62
C ASP A 6 -8.63 -7.95 -9.35
N GLY A 7 -7.50 -8.57 -9.66
CA GLY A 7 -6.50 -7.95 -10.48
C GLY A 7 -6.11 -8.87 -11.62
N ASP A 8 -5.75 -10.10 -11.26
CA ASP A 8 -5.64 -11.18 -12.22
C ASP A 8 -6.94 -11.31 -13.00
N LEU A 9 -8.05 -11.07 -12.31
CA LEU A 9 -9.35 -10.99 -12.96
C LEU A 9 -9.67 -9.55 -13.33
N LEU A 10 -9.66 -8.68 -12.32
CA LEU A 10 -9.91 -7.24 -12.49
C LEU A 10 -11.27 -7.00 -13.14
N LYS A 11 -12.32 -7.24 -12.37
CA LYS A 11 -13.67 -7.11 -12.90
C LYS A 11 -14.38 -5.90 -12.28
N ASP A 12 -13.97 -5.53 -11.07
CA ASP A 12 -14.60 -4.43 -10.38
C ASP A 12 -13.64 -3.77 -9.38
N LYS A 13 -12.65 -3.07 -9.91
CA LYS A 13 -11.79 -2.25 -9.06
C LYS A 13 -12.53 -0.98 -8.69
N LEU A 14 -12.17 -0.37 -7.58
CA LEU A 14 -12.94 0.78 -7.10
C LEU A 14 -12.41 2.07 -7.67
N LYS A 15 -13.12 3.15 -7.39
CA LYS A 15 -12.88 4.44 -8.01
C LYS A 15 -13.21 5.57 -7.03
N LEU A 16 -13.03 5.29 -5.75
CA LEU A 16 -13.39 6.25 -4.72
C LEU A 16 -12.23 7.17 -4.38
N PRO A 17 -12.52 8.41 -4.01
CA PRO A 17 -11.51 9.36 -3.54
C PRO A 17 -11.10 9.05 -2.11
N VAL A 18 -9.82 8.72 -1.94
CA VAL A 18 -9.26 8.22 -0.67
C VAL A 18 -10.16 7.21 0.04
N ILE A 19 -9.82 5.96 -0.17
CA ILE A 19 -10.52 4.85 0.44
C ILE A 19 -10.30 4.88 1.96
N ASP A 20 -11.22 4.31 2.71
CA ASP A 20 -11.20 4.42 4.17
C ASP A 20 -9.93 3.82 4.76
N ASN A 21 -9.41 4.45 5.81
CA ASN A 21 -8.17 4.04 6.44
C ASN A 21 -8.26 2.62 6.98
N LEU A 22 -9.47 2.17 7.28
CA LEU A 22 -9.69 0.82 7.77
C LEU A 22 -9.34 -0.20 6.68
N PHE A 23 -9.74 0.11 5.44
CA PHE A 23 -9.46 -0.76 4.32
C PHE A 23 -7.94 -0.84 4.10
N GLY A 24 -7.29 0.31 4.26
CA GLY A 24 -5.85 0.34 4.15
C GLY A 24 -5.18 -0.40 5.29
N LYS A 25 -5.69 -0.17 6.49
CA LYS A 25 -5.20 -0.84 7.68
C LYS A 25 -5.22 -2.35 7.48
N GLU A 26 -6.31 -2.85 6.91
CA GLU A 26 -6.46 -4.24 6.57
C GLU A 26 -5.34 -4.73 5.67
N LEU A 27 -5.15 -4.05 4.54
CA LEU A 27 -4.08 -4.38 3.60
C LEU A 27 -2.73 -4.42 4.30
N LEU A 28 -2.38 -3.28 4.87
CA LEU A 28 -1.07 -3.07 5.46
C LEU A 28 -0.80 -4.06 6.58
N ASP A 29 -1.82 -4.32 7.39
CA ASP A 29 -1.67 -5.21 8.53
C ASP A 29 -1.35 -6.63 8.07
N LYS A 30 -1.86 -7.02 6.91
CA LYS A 30 -1.55 -8.32 6.35
C LYS A 30 -0.08 -8.38 5.95
N PHE A 31 0.44 -7.24 5.50
CA PHE A 31 1.84 -7.16 5.08
C PHE A 31 2.75 -6.68 6.20
N GLN A 32 2.17 -6.43 7.38
CA GLN A 32 2.91 -5.80 8.45
C GLN A 32 4.14 -6.61 8.84
N ASP A 33 4.03 -7.93 8.79
CA ASP A 33 5.13 -8.81 9.14
C ASP A 33 6.26 -8.66 8.13
N ASP A 34 5.86 -8.43 6.89
CA ASP A 34 6.82 -8.25 5.80
C ASP A 34 7.43 -6.87 5.89
N ILE A 35 6.59 -5.89 6.19
CA ILE A 35 7.03 -4.51 6.37
C ILE A 35 7.99 -4.41 7.56
N LYS A 36 7.72 -5.18 8.59
CA LYS A 36 8.51 -5.16 9.80
C LYS A 36 9.77 -6.01 9.61
N ASP A 37 9.69 -6.92 8.67
CA ASP A 37 10.84 -7.69 8.25
C ASP A 37 11.76 -6.85 7.36
N LYS A 38 11.14 -6.18 6.40
CA LYS A 38 11.87 -5.40 5.40
C LYS A 38 12.41 -4.09 5.96
N TYR A 39 11.59 -3.40 6.76
CA TYR A 39 11.96 -2.08 7.25
C TYR A 39 11.97 -2.04 8.78
N GLY A 40 11.14 -2.88 9.39
CA GLY A 40 11.05 -2.89 10.84
C GLY A 40 9.97 -1.96 11.35
N VAL A 41 8.83 -1.97 10.67
CA VAL A 41 7.73 -1.08 11.00
C VAL A 41 6.49 -1.87 11.38
N ASP A 42 5.65 -1.28 12.21
CA ASP A 42 4.36 -1.88 12.54
C ASP A 42 3.23 -1.04 11.92
N THR A 43 2.25 -1.72 11.33
CA THR A 43 1.21 -1.03 10.58
C THR A 43 0.14 -0.43 11.48
N LYS A 44 0.14 -0.83 12.75
CA LYS A 44 -0.78 -0.27 13.71
C LYS A 44 -0.22 1.04 14.25
N ASP A 45 0.98 1.37 13.80
CA ASP A 45 1.65 2.62 14.17
C ASP A 45 1.74 3.55 12.95
N LEU A 46 1.79 2.94 11.76
CA LEU A 46 1.79 3.71 10.51
C LEU A 46 0.50 4.51 10.38
N LYS A 47 0.66 5.80 10.17
CA LYS A 47 -0.45 6.71 10.06
C LYS A 47 -0.96 6.74 8.62
N ILE A 48 -2.08 6.07 8.37
CA ILE A 48 -2.61 6.03 7.03
C ILE A 48 -3.29 7.35 6.68
N LEU A 49 -2.84 7.93 5.59
CA LEU A 49 -3.33 9.20 5.13
C LEU A 49 -4.34 8.98 4.01
N LYS A 50 -3.90 8.25 3.00
CA LYS A 50 -4.68 8.04 1.80
C LYS A 50 -4.51 6.63 1.28
N THR A 51 -5.52 5.81 1.50
CA THR A 51 -5.57 4.51 0.86
C THR A 51 -6.34 4.64 -0.44
N SER A 52 -5.75 4.23 -1.54
CA SER A 52 -6.44 4.27 -2.82
C SER A 52 -5.91 3.17 -3.73
N GLU A 53 -6.44 3.10 -4.93
CA GLU A 53 -5.98 2.14 -5.89
C GLU A 53 -5.97 2.76 -7.29
N ASP A 54 -4.98 2.39 -8.07
CA ASP A 54 -4.86 2.87 -9.43
C ASP A 54 -4.18 1.82 -10.28
N LYS A 55 -4.81 1.45 -11.39
CA LYS A 55 -4.32 0.39 -12.25
C LYS A 55 -4.22 -0.92 -11.46
N ARG A 56 -3.17 -1.69 -11.70
CA ARG A 56 -2.97 -2.96 -11.02
C ARG A 56 -2.41 -2.75 -9.61
N PHE A 57 -2.47 -1.53 -9.10
CA PHE A 57 -1.76 -1.20 -7.86
C PHE A 57 -2.66 -0.52 -6.83
N TYR A 58 -2.44 -0.85 -5.57
CA TYR A 58 -3.00 -0.08 -4.47
C TYR A 58 -1.95 0.90 -3.95
N TYR A 59 -2.39 2.07 -3.55
CA TYR A 59 -1.50 3.09 -3.03
C TYR A 59 -1.95 3.52 -1.65
N VAL A 60 -1.24 3.08 -0.63
CA VAL A 60 -1.56 3.46 0.74
C VAL A 60 -0.55 4.46 1.28
N SER A 61 -0.88 5.73 1.18
CA SER A 61 -0.02 6.78 1.69
C SER A 61 -0.11 6.82 3.20
N VAL A 62 1.04 6.78 3.86
CA VAL A 62 1.11 6.81 5.31
C VAL A 62 2.23 7.72 5.76
N ASP A 63 2.12 8.25 6.96
CA ASP A 63 3.20 9.01 7.56
C ASP A 63 4.11 8.03 8.28
N ALA A 64 5.39 8.08 7.97
CA ALA A 64 6.32 7.09 8.48
C ALA A 64 6.85 7.47 9.86
N GLY A 65 6.45 8.65 10.35
CA GLY A 65 6.78 9.05 11.71
C GLY A 65 8.16 9.64 11.84
N ASP A 66 9.12 9.12 11.07
CA ASP A 66 10.49 9.63 11.11
C ASP A 66 10.56 11.00 10.47
N GLY A 67 9.51 11.36 9.77
CA GLY A 67 9.45 12.63 9.09
C GLY A 67 9.08 12.45 7.64
N GLU A 68 9.37 11.27 7.10
CA GLU A 68 9.07 10.96 5.73
C GLU A 68 7.60 10.65 5.55
N LYS A 69 7.19 10.46 4.30
CA LYS A 69 5.80 10.15 4.01
C LYS A 69 5.78 9.09 2.93
N CYS A 70 5.27 7.93 3.27
CA CYS A 70 5.41 6.77 2.43
C CYS A 70 4.11 6.41 1.75
N LYS A 71 4.20 5.61 0.71
CA LYS A 71 3.04 5.22 -0.04
C LYS A 71 3.15 3.74 -0.39
N PHE A 72 2.57 2.91 0.45
CA PHE A 72 2.65 1.47 0.26
C PHE A 72 1.90 1.04 -0.97
N LYS A 73 2.66 0.66 -1.99
CA LYS A 73 2.10 0.31 -3.26
C LYS A 73 1.83 -1.18 -3.31
N ILE A 74 0.69 -1.56 -2.78
CA ILE A 74 0.30 -2.94 -2.73
C ILE A 74 -0.29 -3.36 -4.05
N ARG A 75 0.58 -3.86 -4.93
CA ARG A 75 0.14 -4.40 -6.21
C ARG A 75 -0.83 -5.53 -5.95
N LYS A 76 -2.09 -5.30 -6.29
CA LYS A 76 -3.13 -6.30 -6.06
C LYS A 76 -2.76 -7.61 -6.76
N ASP A 77 -3.47 -8.67 -6.43
CA ASP A 77 -3.18 -9.99 -7.01
C ASP A 77 -3.53 -10.00 -8.48
N VAL A 78 -2.67 -9.37 -9.27
CA VAL A 78 -2.81 -9.31 -10.72
C VAL A 78 -1.87 -10.31 -11.34
N ASP A 79 -1.02 -10.86 -10.50
CA ASP A 79 0.11 -11.68 -10.92
C ASP A 79 0.94 -12.09 -9.72
N VAL A 80 1.31 -11.10 -8.91
CA VAL A 80 2.08 -11.36 -7.70
C VAL A 80 1.28 -10.96 -6.47
N PRO A 81 1.31 -11.80 -5.45
CA PRO A 81 0.62 -11.58 -4.18
C PRO A 81 1.44 -10.75 -3.18
N LYS A 82 2.03 -9.65 -3.63
CA LYS A 82 2.86 -8.84 -2.76
C LYS A 82 2.85 -7.37 -3.16
N MET A 83 3.27 -6.52 -2.23
CA MET A 83 3.47 -5.10 -2.50
C MET A 83 4.58 -4.94 -3.51
N VAL A 84 4.23 -4.71 -4.76
CA VAL A 84 5.23 -4.41 -5.79
C VAL A 84 6.08 -3.22 -5.36
N GLY A 85 5.49 -2.33 -4.57
CA GLY A 85 6.18 -1.17 -4.13
C GLY A 85 5.74 -0.72 -2.77
N ARG A 86 6.37 0.32 -2.29
CA ARG A 86 6.11 0.90 -0.98
C ARG A 86 7.00 2.11 -0.84
N LYS A 87 7.05 2.85 -1.92
CA LYS A 87 7.96 3.97 -2.07
C LYS A 87 7.38 5.20 -1.42
N CYS A 88 8.09 5.75 -0.46
CA CYS A 88 7.61 6.90 0.28
C CYS A 88 7.51 8.11 -0.63
N ARG A 89 8.65 8.73 -0.88
CA ARG A 89 8.73 9.86 -1.81
C ARG A 89 7.95 11.03 -1.24
N LYS A 90 8.44 11.53 -0.12
CA LYS A 90 7.77 12.58 0.61
C LYS A 90 7.82 13.89 -0.16
N ASP A 91 9.01 14.43 -0.32
CA ASP A 91 9.19 15.70 -1.01
C ASP A 91 10.11 15.53 -2.21
N ASP A 92 9.52 15.47 -3.40
CA ASP A 92 10.25 15.43 -4.66
C ASP A 92 9.29 15.21 -5.82
N ASP A 93 8.93 13.95 -6.04
CA ASP A 93 8.01 13.55 -7.10
C ASP A 93 7.84 12.04 -7.07
N ASP A 94 6.83 11.53 -7.75
CA ASP A 94 6.58 10.10 -7.76
C ASP A 94 6.47 9.55 -9.18
N ASP A 95 7.34 8.60 -9.49
CA ASP A 95 7.29 7.88 -10.76
C ASP A 95 6.11 6.91 -10.75
N ASP A 96 5.62 6.53 -11.93
CA ASP A 96 4.54 5.55 -12.03
C ASP A 96 4.89 4.30 -11.24
N GLY A 97 6.12 3.83 -11.42
CA GLY A 97 6.55 2.62 -10.75
C GLY A 97 7.12 2.91 -9.38
N TYR A 98 6.84 2.04 -8.43
CA TYR A 98 7.37 2.17 -7.09
C TYR A 98 8.29 1.01 -6.79
#